data_9KON
#
_entry.id   9KON
#
_entity_poly.entity_id   1
_entity_poly.type   'polypeptide(L)'
_entity_poly.pdbx_seq_one_letter_code
;MGLISPLATMPQLYKLYVSHSEHALGLSLTTWLLYSFIALLWTIYGIYHKNPTIWVGNCLGFLMYVAMVVGIIAHTGGTY
;
_entity_poly.pdbx_strand_id   A,B
#
# COMPACT_ATOMS: atom_id res chain seq x y z
N MET A 1 -4.97 -7.50 13.68
CA MET A 1 -5.55 -6.54 12.72
C MET A 1 -5.09 -6.92 11.31
N GLY A 2 -3.82 -7.27 11.18
CA GLY A 2 -3.27 -7.65 9.89
C GLY A 2 -3.99 -8.88 9.35
N LEU A 3 -4.48 -9.73 10.24
CA LEU A 3 -5.20 -10.93 9.84
C LEU A 3 -6.63 -10.60 9.38
N ILE A 4 -7.20 -9.56 10.01
CA ILE A 4 -8.57 -9.11 9.72
C ILE A 4 -8.63 -8.12 8.54
N SER A 5 -7.52 -7.44 8.26
CA SER A 5 -7.52 -6.41 7.20
C SER A 5 -7.60 -7.03 5.78
N PRO A 6 -7.12 -8.22 5.58
CA PRO A 6 -7.22 -8.95 4.29
C PRO A 6 -8.68 -9.22 3.93
N LEU A 7 -9.54 -9.21 4.95
CA LEU A 7 -10.96 -9.45 4.72
C LEU A 7 -11.55 -8.36 3.86
N ALA A 8 -11.13 -7.13 4.10
CA ALA A 8 -11.62 -5.99 3.33
C ALA A 8 -10.99 -5.98 1.93
N THR A 9 -10.14 -6.97 1.67
CA THR A 9 -9.45 -7.08 0.38
C THR A 9 -10.22 -8.01 -0.57
N MET A 10 -11.22 -8.71 -0.03
CA MET A 10 -12.04 -9.59 -0.83
C MET A 10 -12.56 -8.83 -2.03
N PRO A 11 -13.10 -7.64 -1.88
CA PRO A 11 -13.60 -6.96 -3.09
C PRO A 11 -12.52 -6.12 -3.75
N GLN A 12 -11.49 -5.77 -3.00
CA GLN A 12 -10.42 -4.97 -3.56
C GLN A 12 -9.77 -5.70 -4.71
N LEU A 13 -9.60 -7.01 -4.57
CA LEU A 13 -8.97 -7.80 -5.63
C LEU A 13 -9.82 -7.75 -6.89
N TYR A 14 -11.10 -8.09 -6.75
CA TYR A 14 -12.02 -8.09 -7.88
C TYR A 14 -12.27 -6.67 -8.34
N LYS A 15 -12.48 -5.77 -7.39
CA LYS A 15 -12.75 -4.37 -7.72
C LYS A 15 -11.58 -3.78 -8.48
N LEU A 16 -10.37 -4.01 -8.01
CA LEU A 16 -9.21 -3.44 -8.68
C LEU A 16 -9.11 -3.96 -10.11
N TYR A 17 -9.18 -5.27 -10.27
CA TYR A 17 -9.08 -5.86 -11.61
C TYR A 17 -10.27 -5.47 -12.47
N VAL A 18 -11.47 -5.52 -11.88
CA VAL A 18 -12.68 -5.16 -12.60
C VAL A 18 -12.70 -3.67 -12.92
N SER A 19 -12.32 -2.84 -11.96
CA SER A 19 -12.32 -1.41 -12.16
C SER A 19 -11.42 -1.02 -13.33
N HIS A 20 -10.26 -1.65 -13.40
CA HIS A 20 -9.35 -1.36 -14.48
C HIS A 20 -8.20 -2.37 -14.49
N SER A 21 -7.14 -2.05 -15.23
CA SER A 21 -5.97 -2.92 -15.30
C SER A 21 -4.71 -2.12 -15.58
N GLU A 22 -4.76 -1.25 -16.59
CA GLU A 22 -3.59 -0.45 -16.93
C GLU A 22 -3.33 0.63 -15.87
N HIS A 23 -4.40 1.10 -15.26
CA HIS A 23 -4.30 2.13 -14.20
C HIS A 23 -4.85 1.60 -12.89
N ALA A 24 -4.94 0.28 -12.76
CA ALA A 24 -5.51 -0.30 -11.55
C ALA A 24 -4.75 0.16 -10.31
N LEU A 25 -3.42 0.07 -10.35
CA LEU A 25 -2.60 0.51 -9.20
C LEU A 25 -1.87 1.82 -9.52
N GLY A 26 -1.58 2.03 -10.80
CA GLY A 26 -0.87 3.22 -11.21
C GLY A 26 0.52 3.26 -10.56
N LEU A 27 1.12 2.08 -10.35
CA LEU A 27 2.44 1.98 -9.72
C LEU A 27 3.53 1.78 -10.78
N SER A 28 4.75 2.16 -10.44
CA SER A 28 5.90 2.01 -11.34
C SER A 28 6.62 0.71 -11.07
N LEU A 29 7.31 0.19 -12.08
CA LEU A 29 8.04 -1.06 -11.94
C LEU A 29 9.11 -0.93 -10.86
N THR A 30 9.82 0.19 -10.86
CA THR A 30 10.87 0.42 -9.87
C THR A 30 10.27 0.48 -8.47
N THR A 31 9.12 1.14 -8.35
CA THR A 31 8.45 1.24 -7.06
C THR A 31 7.97 -0.12 -6.59
N TRP A 32 7.53 -0.95 -7.53
CA TRP A 32 7.05 -2.28 -7.19
C TRP A 32 8.16 -3.06 -6.47
N LEU A 33 9.37 -2.99 -7.01
CA LEU A 33 10.48 -3.71 -6.41
C LEU A 33 10.74 -3.20 -5.00
N LEU A 34 10.73 -1.88 -4.84
CA LEU A 34 10.97 -1.27 -3.54
C LEU A 34 9.87 -1.67 -2.56
N TYR A 35 8.63 -1.65 -3.03
CA TYR A 35 7.50 -2.01 -2.18
C TYR A 35 7.62 -3.46 -1.69
N SER A 36 8.03 -4.34 -2.59
CA SER A 36 8.19 -5.75 -2.24
C SER A 36 9.19 -5.93 -1.11
N PHE A 37 10.29 -5.20 -1.18
CA PHE A 37 11.31 -5.27 -0.14
C PHE A 37 10.75 -4.82 1.20
N ILE A 38 9.93 -3.78 1.18
CA ILE A 38 9.35 -3.27 2.41
C ILE A 38 8.55 -4.34 3.12
N ALA A 39 7.72 -5.07 2.37
CA ALA A 39 6.90 -6.12 2.95
C ALA A 39 7.78 -7.19 3.60
N LEU A 40 8.80 -7.62 2.88
CA LEU A 40 9.72 -8.63 3.39
C LEU A 40 10.62 -8.04 4.48
N LEU A 41 10.91 -6.75 4.34
CA LEU A 41 11.79 -6.08 5.30
C LEU A 41 11.22 -6.19 6.71
N TRP A 42 9.93 -5.95 6.85
CA TRP A 42 9.30 -6.03 8.16
C TRP A 42 9.43 -7.44 8.73
N THR A 43 9.34 -8.42 7.86
CA THR A 43 9.45 -9.82 8.26
C THR A 43 10.82 -10.08 8.87
N ILE A 44 11.86 -9.58 8.21
CA ILE A 44 13.23 -9.78 8.69
C ILE A 44 13.41 -9.16 10.08
N TYR A 45 12.86 -7.96 10.26
CA TYR A 45 12.97 -7.28 11.54
C TYR A 45 12.37 -8.14 12.64
N GLY A 46 11.19 -8.70 12.37
CA GLY A 46 10.53 -9.56 13.34
C GLY A 46 11.32 -10.86 13.58
N ILE A 47 11.96 -11.36 12.53
CA ILE A 47 12.73 -12.60 12.63
C ILE A 47 13.86 -12.44 13.65
N TYR A 48 14.37 -11.22 13.77
CA TYR A 48 15.46 -10.98 14.72
C TYR A 48 15.12 -11.54 16.11
N HIS A 49 13.86 -11.41 16.51
CA HIS A 49 13.42 -11.90 17.82
C HIS A 49 13.01 -13.36 17.75
N LYS A 50 13.31 -14.00 16.63
CA LYS A 50 12.96 -15.40 16.40
C LYS A 50 11.46 -15.63 16.60
N ASN A 51 10.67 -14.60 16.33
CA ASN A 51 9.22 -14.72 16.42
C ASN A 51 8.58 -13.51 15.74
N PRO A 52 8.52 -13.49 14.44
CA PRO A 52 7.92 -12.33 13.71
C PRO A 52 6.39 -12.34 13.73
N THR A 53 5.79 -11.25 14.22
CA THR A 53 4.34 -11.11 14.22
C THR A 53 3.83 -10.74 12.83
N ILE A 54 4.56 -9.82 12.19
CA ILE A 54 4.22 -9.32 10.86
C ILE A 54 4.23 -10.45 9.83
N TRP A 55 4.99 -11.49 10.11
CA TRP A 55 5.10 -12.59 9.18
C TRP A 55 3.70 -13.12 8.85
N VAL A 56 2.82 -13.15 9.85
CA VAL A 56 1.47 -13.65 9.60
C VAL A 56 0.74 -12.77 8.58
N GLY A 57 0.78 -11.47 8.80
CA GLY A 57 0.15 -10.52 7.88
C GLY A 57 0.97 -10.36 6.60
N ASN A 58 2.27 -10.60 6.70
CA ASN A 58 3.17 -10.45 5.55
C ASN A 58 2.78 -11.40 4.44
N CYS A 59 2.43 -12.63 4.79
CA CYS A 59 2.06 -13.61 3.79
C CYS A 59 0.85 -13.11 3.00
N LEU A 60 -0.20 -12.72 3.71
CA LEU A 60 -1.41 -12.22 3.07
C LEU A 60 -1.15 -10.89 2.37
N GLY A 61 -0.42 -10.00 3.05
CA GLY A 61 -0.12 -8.70 2.49
C GLY A 61 0.73 -8.82 1.22
N PHE A 62 1.83 -9.55 1.32
CA PHE A 62 2.71 -9.73 0.18
C PHE A 62 1.96 -10.32 -1.00
N LEU A 63 1.21 -11.39 -0.75
CA LEU A 63 0.46 -12.02 -1.83
C LEU A 63 -0.60 -11.08 -2.39
N MET A 64 -1.35 -10.44 -1.51
CA MET A 64 -2.42 -9.54 -1.96
C MET A 64 -1.86 -8.34 -2.70
N TYR A 65 -0.86 -7.68 -2.11
CA TYR A 65 -0.26 -6.51 -2.74
C TYR A 65 0.41 -6.89 -4.06
N VAL A 66 1.16 -7.98 -4.04
CA VAL A 66 1.86 -8.43 -5.22
C VAL A 66 0.88 -8.77 -6.34
N ALA A 67 -0.21 -9.46 -6.00
CA ALA A 67 -1.20 -9.85 -6.99
C ALA A 67 -1.78 -8.62 -7.70
N MET A 68 -2.01 -7.56 -6.95
CA MET A 68 -2.57 -6.35 -7.54
C MET A 68 -1.50 -5.61 -8.37
N VAL A 69 -0.29 -5.52 -7.81
CA VAL A 69 0.81 -4.83 -8.49
C VAL A 69 1.18 -5.52 -9.79
N VAL A 70 1.35 -6.84 -9.73
CA VAL A 70 1.70 -7.61 -10.91
C VAL A 70 0.55 -7.58 -11.91
N GLY A 71 -0.67 -7.49 -11.40
CA GLY A 71 -1.84 -7.46 -12.27
C GLY A 71 -1.77 -6.29 -13.24
N ILE A 72 -1.52 -5.09 -12.71
CA ILE A 72 -1.41 -3.92 -13.57
C ILE A 72 -0.17 -3.97 -14.44
N ILE A 73 0.96 -4.39 -13.85
CA ILE A 73 2.21 -4.47 -14.60
C ILE A 73 2.09 -5.47 -15.73
N ALA A 74 1.51 -6.63 -15.43
CA ALA A 74 1.36 -7.66 -16.45
C ALA A 74 0.36 -7.25 -17.52
N HIS A 75 -0.60 -6.41 -17.14
CA HIS A 75 -1.61 -5.96 -18.08
C HIS A 75 -0.99 -5.11 -19.19
N THR A 76 -0.13 -4.17 -18.80
CA THR A 76 0.53 -3.29 -19.77
C THR A 76 1.96 -3.75 -20.04
N GLY A 77 2.49 -4.56 -19.13
CA GLY A 77 3.85 -5.08 -19.25
C GLY A 77 4.87 -3.96 -19.03
N GLY A 78 4.37 -2.75 -18.80
CA GLY A 78 5.23 -1.61 -18.57
C GLY A 78 4.53 -0.55 -17.71
N THR A 79 5.31 0.32 -17.08
CA THR A 79 4.76 1.38 -16.24
C THR A 79 5.67 2.60 -16.25
N TYR A 80 5.31 3.60 -17.06
CA TYR A 80 6.11 4.81 -17.14
C TYR A 80 5.38 5.89 -17.96
N MET B 1 15.21 2.71 5.53
CA MET B 1 14.58 2.32 4.24
C MET B 1 13.28 3.09 4.05
N GLY B 2 12.52 3.21 5.14
CA GLY B 2 11.25 3.92 5.09
C GLY B 2 11.48 5.39 4.72
N LEU B 3 12.65 5.92 5.08
CA LEU B 3 12.98 7.31 4.76
C LEU B 3 13.37 7.45 3.29
N ILE B 4 14.00 6.39 2.75
CA ILE B 4 14.46 6.37 1.35
C ILE B 4 13.38 5.92 0.36
N SER B 5 12.38 5.17 0.85
CA SER B 5 11.33 4.65 -0.04
C SER B 5 10.37 5.75 -0.55
N PRO B 6 10.17 6.82 0.18
CA PRO B 6 9.35 7.98 -0.26
C PRO B 6 9.97 8.64 -1.48
N LEU B 7 11.28 8.42 -1.68
CA LEU B 7 11.95 9.01 -2.82
C LEU B 7 11.39 8.45 -4.12
N ALA B 8 11.08 7.16 -4.12
CA ALA B 8 10.54 6.53 -5.31
C ALA B 8 9.07 6.91 -5.50
N THR B 9 8.57 7.73 -4.58
CA THR B 9 7.17 8.18 -4.61
C THR B 9 7.03 9.51 -5.33
N MET B 10 8.17 10.16 -5.60
CA MET B 10 8.20 11.41 -6.31
C MET B 10 7.39 11.28 -7.59
N PRO B 11 7.60 10.25 -8.39
CA PRO B 11 6.78 10.19 -9.62
C PRO B 11 5.48 9.45 -9.39
N GLN B 12 5.40 8.66 -8.34
CA GLN B 12 4.18 7.92 -8.06
C GLN B 12 3.04 8.89 -7.83
N LEU B 13 3.32 9.98 -7.14
CA LEU B 13 2.28 10.96 -6.87
C LEU B 13 1.75 11.56 -8.17
N TYR B 14 2.67 12.08 -8.98
CA TYR B 14 2.30 12.67 -10.26
C TYR B 14 1.79 11.61 -11.22
N LYS B 15 2.50 10.48 -11.25
CA LYS B 15 2.11 9.39 -12.14
C LYS B 15 0.71 8.90 -11.82
N LEU B 16 0.44 8.70 -10.54
CA LEU B 16 -0.86 8.20 -10.16
C LEU B 16 -1.96 9.18 -10.56
N TYR B 17 -1.79 10.44 -10.21
CA TYR B 17 -2.79 11.45 -10.55
C TYR B 17 -2.86 11.65 -12.07
N VAL B 18 -1.70 11.72 -12.71
CA VAL B 18 -1.64 11.91 -14.16
C VAL B 18 -2.18 10.68 -14.89
N SER B 19 -1.80 9.50 -14.42
CA SER B 19 -2.24 8.27 -15.05
C SER B 19 -3.76 8.17 -15.05
N HIS B 20 -4.36 8.54 -13.93
CA HIS B 20 -5.81 8.50 -13.84
C HIS B 20 -6.27 9.19 -12.55
N SER B 21 -7.53 8.96 -12.19
CA SER B 21 -8.09 9.55 -10.99
C SER B 21 -9.20 8.68 -10.42
N GLU B 22 -10.14 8.26 -11.26
CA GLU B 22 -11.25 7.44 -10.79
C GLU B 22 -10.78 6.01 -10.48
N HIS B 23 -9.76 5.57 -11.20
CA HIS B 23 -9.19 4.23 -11.00
C HIS B 23 -7.72 4.33 -10.61
N ALA B 24 -7.31 5.49 -10.12
CA ALA B 24 -5.91 5.68 -9.78
C ALA B 24 -5.45 4.66 -8.75
N LEU B 25 -6.22 4.48 -7.68
CA LEU B 25 -5.87 3.49 -6.64
C LEU B 25 -6.81 2.28 -6.70
N GLY B 26 -8.03 2.51 -7.16
CA GLY B 26 -9.00 1.44 -7.24
C GLY B 26 -9.31 0.89 -5.84
N LEU B 27 -9.25 1.77 -4.83
CA LEU B 27 -9.49 1.35 -3.45
C LEU B 27 -10.92 1.70 -3.02
N SER B 28 -11.43 1.00 -2.02
CA SER B 28 -12.78 1.24 -1.50
C SER B 28 -12.72 2.18 -0.29
N LEU B 29 -13.81 2.88 -0.06
CA LEU B 29 -13.87 3.82 1.06
C LEU B 29 -13.66 3.08 2.38
N THR B 30 -14.29 1.92 2.52
CA THR B 30 -14.16 1.15 3.74
C THR B 30 -12.72 0.68 3.93
N THR B 31 -12.09 0.28 2.83
CA THR B 31 -10.71 -0.17 2.88
C THR B 31 -9.78 0.99 3.23
N TRP B 32 -10.11 2.18 2.73
CA TRP B 32 -9.30 3.35 3.02
C TRP B 32 -9.22 3.56 4.53
N LEU B 33 -10.34 3.47 5.20
CA LEU B 33 -10.37 3.68 6.64
C LEU B 33 -9.51 2.64 7.35
N LEU B 34 -9.64 1.39 6.92
CA LEU B 34 -8.86 0.31 7.51
C LEU B 34 -7.38 0.52 7.26
N TYR B 35 -7.04 0.93 6.05
CA TYR B 35 -5.64 1.16 5.70
C TYR B 35 -5.04 2.26 6.56
N SER B 36 -5.81 3.32 6.79
CA SER B 36 -5.35 4.44 7.60
C SER B 36 -4.98 3.97 9.00
N PHE B 37 -5.82 3.12 9.58
CA PHE B 37 -5.58 2.59 10.91
C PHE B 37 -4.27 1.80 10.94
N ILE B 38 -4.02 1.03 9.90
CA ILE B 38 -2.82 0.21 9.85
C ILE B 38 -1.57 1.09 9.96
N ALA B 39 -1.56 2.19 9.20
CA ALA B 39 -0.41 3.09 9.23
C ALA B 39 -0.19 3.63 10.65
N LEU B 40 -1.26 4.10 11.26
CA LEU B 40 -1.19 4.64 12.61
C LEU B 40 -0.96 3.52 13.63
N LEU B 41 -1.50 2.34 13.32
CA LEU B 41 -1.37 1.20 14.23
C LEU B 41 0.10 0.90 14.50
N TRP B 42 0.91 0.88 13.45
CA TRP B 42 2.32 0.60 13.62
C TRP B 42 2.97 1.63 14.52
N THR B 43 2.52 2.87 14.39
CA THR B 43 3.07 3.96 15.20
C THR B 43 2.80 3.70 16.68
N ILE B 44 1.59 3.28 17.00
CA ILE B 44 1.22 3.02 18.39
C ILE B 44 2.09 1.90 18.97
N TYR B 45 2.31 0.86 18.17
CA TYR B 45 3.13 -0.26 18.62
C TYR B 45 4.52 0.24 19.00
N GLY B 46 5.09 1.07 18.16
CA GLY B 46 6.42 1.62 18.40
C GLY B 46 6.41 2.55 19.62
N ILE B 47 5.30 3.28 19.82
CA ILE B 47 5.18 4.21 20.95
C ILE B 47 5.31 3.46 22.27
N TYR B 48 4.88 2.20 22.28
CA TYR B 48 4.94 1.42 23.50
C TYR B 48 6.36 1.47 24.12
N HIS B 49 7.38 1.46 23.26
CA HIS B 49 8.76 1.50 23.74
C HIS B 49 9.24 2.94 23.92
N LYS B 50 8.30 3.87 23.85
CA LYS B 50 8.60 5.29 23.98
C LYS B 50 9.67 5.72 22.98
N ASN B 51 9.71 5.05 21.84
CA ASN B 51 10.64 5.41 20.77
C ASN B 51 10.23 4.70 19.49
N PRO B 52 9.23 5.18 18.80
CA PRO B 52 8.77 4.52 17.54
C PRO B 52 9.66 4.82 16.34
N THR B 53 10.18 3.77 15.71
CA THR B 53 10.99 3.93 14.50
C THR B 53 10.10 4.23 13.29
N ILE B 54 8.99 3.48 13.21
CA ILE B 54 8.04 3.59 12.12
C ILE B 54 7.45 4.99 12.05
N TRP B 55 7.43 5.67 13.18
CA TRP B 55 6.85 7.00 13.21
C TRP B 55 7.51 7.88 12.15
N VAL B 56 8.80 7.72 11.94
CA VAL B 56 9.49 8.52 10.95
C VAL B 56 8.92 8.25 9.55
N GLY B 57 8.81 6.98 9.20
CA GLY B 57 8.26 6.58 7.89
C GLY B 57 6.75 6.76 7.87
N ASN B 58 6.12 6.68 9.04
CA ASN B 58 4.67 6.79 9.14
C ASN B 58 4.19 8.15 8.65
N CYS B 59 4.92 9.19 9.00
CA CYS B 59 4.53 10.53 8.58
C CYS B 59 4.50 10.61 7.06
N LEU B 60 5.60 10.20 6.43
CA LEU B 60 5.69 10.23 4.98
C LEU B 60 4.72 9.24 4.35
N GLY B 61 4.66 8.04 4.93
CA GLY B 61 3.78 7.00 4.40
C GLY B 61 2.32 7.41 4.50
N PHE B 62 1.91 7.82 5.70
CA PHE B 62 0.53 8.22 5.92
C PHE B 62 0.15 9.36 4.97
N LEU B 63 0.98 10.37 4.89
CA LEU B 63 0.68 11.50 4.02
C LEU B 63 0.66 11.07 2.55
N MET B 64 1.66 10.31 2.14
CA MET B 64 1.75 9.87 0.75
C MET B 64 0.60 8.95 0.38
N TYR B 65 0.35 7.94 1.21
CA TYR B 65 -0.71 6.99 0.95
C TYR B 65 -2.07 7.69 0.99
N VAL B 66 -2.27 8.52 2.00
CA VAL B 66 -3.53 9.23 2.14
C VAL B 66 -3.78 10.15 0.96
N ALA B 67 -2.74 10.86 0.51
CA ALA B 67 -2.88 11.79 -0.60
C ALA B 67 -3.35 11.05 -1.86
N MET B 68 -2.83 9.86 -2.08
CA MET B 68 -3.23 9.09 -3.25
C MET B 68 -4.64 8.52 -3.08
N VAL B 69 -4.92 7.98 -1.89
CA VAL B 69 -6.22 7.39 -1.61
C VAL B 69 -7.33 8.43 -1.68
N VAL B 70 -7.11 9.57 -1.04
CA VAL B 70 -8.10 10.63 -1.03
C VAL B 70 -8.25 11.21 -2.44
N GLY B 71 -7.15 11.18 -3.19
CA GLY B 71 -7.17 11.71 -4.55
C GLY B 71 -8.21 10.99 -5.40
N ILE B 72 -8.18 9.67 -5.39
CA ILE B 72 -9.15 8.90 -6.15
C ILE B 72 -10.55 9.02 -5.57
N ILE B 73 -10.64 8.96 -4.24
CA ILE B 73 -11.94 9.05 -3.58
C ILE B 73 -12.57 10.41 -3.84
N ALA B 74 -11.77 11.47 -3.73
CA ALA B 74 -12.28 12.81 -3.95
C ALA B 74 -12.64 13.03 -5.41
N HIS B 75 -11.95 12.32 -6.31
CA HIS B 75 -12.21 12.47 -7.74
C HIS B 75 -13.60 11.98 -8.09
N THR B 76 -13.99 10.81 -7.57
CA THR B 76 -15.31 10.26 -7.85
C THR B 76 -16.26 10.48 -6.66
N GLY B 77 -15.67 10.77 -5.51
CA GLY B 77 -16.45 11.02 -4.30
C GLY B 77 -17.08 9.72 -3.80
N GLY B 78 -16.86 8.64 -4.54
CA GLY B 78 -17.40 7.34 -4.17
C GLY B 78 -16.53 6.21 -4.71
N THR B 79 -16.65 5.02 -4.10
CA THR B 79 -15.88 3.86 -4.54
C THR B 79 -16.66 2.57 -4.26
N TYR B 80 -17.28 2.04 -5.30
CA TYR B 80 -18.06 0.81 -5.17
C TYR B 80 -18.49 0.30 -6.54
N MET A 1 -3.13 -8.28 14.35
CA MET A 1 -3.94 -7.09 13.96
C MET A 1 -4.06 -7.05 12.44
N GLY A 2 -2.95 -7.34 11.76
CA GLY A 2 -2.94 -7.33 10.30
C GLY A 2 -3.86 -8.42 9.75
N LEU A 3 -4.34 -9.29 10.65
CA LEU A 3 -5.23 -10.39 10.27
C LEU A 3 -6.44 -9.85 9.53
N ILE A 4 -6.77 -8.59 9.78
CA ILE A 4 -7.89 -7.93 9.13
C ILE A 4 -7.52 -7.43 7.72
N SER A 5 -6.21 -7.27 7.44
CA SER A 5 -5.77 -6.76 6.15
C SER A 5 -5.97 -7.77 4.98
N PRO A 6 -5.86 -9.08 5.19
CA PRO A 6 -6.16 -10.08 4.12
C PRO A 6 -7.63 -10.05 3.73
N LEU A 7 -8.50 -9.64 4.65
CA LEU A 7 -9.93 -9.56 4.37
C LEU A 7 -10.19 -8.51 3.29
N ALA A 8 -9.44 -7.42 3.34
CA ALA A 8 -9.60 -6.35 2.37
C ALA A 8 -9.16 -6.79 0.98
N THR A 9 -8.73 -8.04 0.87
CA THR A 9 -8.29 -8.59 -0.42
C THR A 9 -9.49 -8.92 -1.33
N MET A 10 -10.67 -9.10 -0.75
CA MET A 10 -11.86 -9.39 -1.50
C MET A 10 -12.26 -8.19 -2.36
N PRO A 11 -12.46 -7.00 -1.82
CA PRO A 11 -12.82 -5.90 -2.74
C PRO A 11 -11.61 -5.26 -3.37
N GLN A 12 -10.47 -5.32 -2.70
CA GLN A 12 -9.29 -4.70 -3.27
C GLN A 12 -8.91 -5.39 -4.57
N LEU A 13 -8.92 -6.72 -4.57
CA LEU A 13 -8.57 -7.45 -5.78
C LEU A 13 -9.67 -7.29 -6.81
N TYR A 14 -10.92 -7.50 -6.37
CA TYR A 14 -12.05 -7.37 -7.28
C TYR A 14 -12.16 -5.95 -7.80
N LYS A 15 -12.12 -4.98 -6.89
CA LYS A 15 -12.22 -3.58 -7.28
C LYS A 15 -11.04 -3.17 -8.13
N LEU A 16 -9.84 -3.55 -7.73
CA LEU A 16 -8.65 -3.15 -8.47
C LEU A 16 -8.70 -3.66 -9.90
N TYR A 17 -8.96 -4.94 -10.07
CA TYR A 17 -9.02 -5.53 -11.40
C TYR A 17 -10.17 -4.92 -12.22
N VAL A 18 -11.33 -4.77 -11.57
CA VAL A 18 -12.50 -4.20 -12.22
C VAL A 18 -12.28 -2.72 -12.55
N SER A 19 -11.68 -2.01 -11.62
CA SER A 19 -11.45 -0.58 -11.81
C SER A 19 -10.65 -0.33 -13.08
N HIS A 20 -9.64 -1.14 -13.31
CA HIS A 20 -8.83 -1.00 -14.51
C HIS A 20 -7.84 -2.17 -14.62
N SER A 21 -7.36 -2.41 -15.83
CA SER A 21 -6.40 -3.50 -16.06
C SER A 21 -5.00 -2.93 -16.24
N GLU A 22 -4.86 -1.92 -17.08
CA GLU A 22 -3.55 -1.31 -17.31
C GLU A 22 -3.22 -0.28 -16.23
N HIS A 23 -4.26 0.34 -15.68
CA HIS A 23 -4.11 1.35 -14.62
C HIS A 23 -4.78 0.89 -13.34
N ALA A 24 -4.92 -0.42 -13.19
CA ALA A 24 -5.60 -0.96 -12.01
C ALA A 24 -4.98 -0.37 -10.73
N LEU A 25 -3.65 -0.32 -10.68
CA LEU A 25 -2.96 0.25 -9.52
C LEU A 25 -2.40 1.63 -9.85
N GLY A 26 -2.12 1.85 -11.13
CA GLY A 26 -1.57 3.13 -11.57
C GLY A 26 -0.19 3.38 -10.95
N LEU A 27 0.61 2.30 -10.83
CA LEU A 27 1.96 2.41 -10.24
C LEU A 27 3.03 1.99 -11.25
N SER A 28 4.23 2.53 -11.05
CA SER A 28 5.36 2.23 -11.93
C SER A 28 5.98 0.88 -11.57
N LEU A 29 6.59 0.25 -12.54
CA LEU A 29 7.22 -1.05 -12.33
C LEU A 29 8.34 -0.92 -11.30
N THR A 30 9.11 0.16 -11.40
CA THR A 30 10.22 0.35 -10.49
C THR A 30 9.74 0.35 -9.04
N THR A 31 8.69 1.10 -8.78
CA THR A 31 8.14 1.17 -7.43
C THR A 31 7.68 -0.20 -6.95
N TRP A 32 7.15 -1.00 -7.86
CA TRP A 32 6.70 -2.33 -7.49
C TRP A 32 7.84 -3.10 -6.83
N LEU A 33 9.04 -2.94 -7.36
CA LEU A 33 10.20 -3.66 -6.82
C LEU A 33 10.42 -3.28 -5.36
N LEU A 34 10.29 -2.01 -5.07
CA LEU A 34 10.48 -1.54 -3.70
C LEU A 34 9.44 -2.14 -2.77
N TYR A 35 8.20 -2.24 -3.23
CA TYR A 35 7.14 -2.80 -2.41
C TYR A 35 7.50 -4.20 -1.94
N SER A 36 7.97 -5.04 -2.86
CA SER A 36 8.35 -6.40 -2.50
C SER A 36 9.53 -6.40 -1.53
N PHE A 37 10.48 -5.50 -1.76
CA PHE A 37 11.66 -5.40 -0.92
C PHE A 37 11.28 -4.95 0.50
N ILE A 38 10.36 -4.01 0.59
CA ILE A 38 9.93 -3.51 1.89
C ILE A 38 9.35 -4.63 2.73
N ALA A 39 8.51 -5.47 2.12
CA ALA A 39 7.91 -6.57 2.83
C ALA A 39 8.98 -7.51 3.37
N LEU A 40 9.94 -7.85 2.52
CA LEU A 40 11.02 -8.74 2.92
C LEU A 40 11.89 -8.09 4.00
N LEU A 41 12.14 -6.80 3.85
CA LEU A 41 12.98 -6.07 4.80
C LEU A 41 12.35 -6.12 6.19
N TRP A 42 11.03 -5.95 6.26
CA TRP A 42 10.34 -5.98 7.53
C TRP A 42 10.51 -7.35 8.19
N THR A 43 10.38 -8.41 7.41
CA THR A 43 10.54 -9.75 7.94
C THR A 43 11.96 -9.95 8.48
N ILE A 44 12.95 -9.49 7.72
CA ILE A 44 14.34 -9.64 8.13
C ILE A 44 14.61 -8.90 9.43
N TYR A 45 14.11 -7.68 9.55
CA TYR A 45 14.31 -6.90 10.77
C TYR A 45 13.63 -7.57 11.96
N GLY A 46 12.39 -7.97 11.75
CA GLY A 46 11.58 -8.63 12.77
C GLY A 46 12.19 -9.96 13.20
N ILE A 47 12.90 -10.61 12.28
CA ILE A 47 13.51 -11.91 12.51
C ILE A 47 14.42 -11.86 13.73
N TYR A 48 14.93 -10.67 14.02
CA TYR A 48 15.85 -10.51 15.15
C TYR A 48 15.28 -11.18 16.40
N HIS A 49 13.97 -11.11 16.61
CA HIS A 49 13.32 -11.72 17.78
C HIS A 49 12.90 -13.15 17.48
N LYS A 50 13.32 -13.65 16.32
CA LYS A 50 12.98 -14.99 15.87
C LYS A 50 11.49 -15.26 16.06
N ASN A 51 10.70 -14.19 16.04
CA ASN A 51 9.26 -14.31 16.14
C ASN A 51 8.63 -12.97 15.77
N PRO A 52 8.59 -12.64 14.51
CA PRO A 52 7.98 -11.35 14.05
C PRO A 52 6.46 -11.34 14.10
N THR A 53 5.90 -10.29 14.67
CA THR A 53 4.46 -10.13 14.69
C THR A 53 3.95 -9.79 13.29
N ILE A 54 4.81 -9.13 12.52
CA ILE A 54 4.50 -8.71 11.14
C ILE A 54 4.64 -9.87 10.15
N TRP A 55 5.45 -10.86 10.50
CA TRP A 55 5.68 -11.99 9.59
C TRP A 55 4.34 -12.61 9.18
N VAL A 56 3.42 -12.75 10.12
CA VAL A 56 2.14 -13.36 9.79
C VAL A 56 1.43 -12.54 8.71
N GLY A 57 1.35 -11.23 8.91
CA GLY A 57 0.72 -10.34 7.94
C GLY A 57 1.59 -10.18 6.70
N ASN A 58 2.89 -10.36 6.87
CA ASN A 58 3.83 -10.20 5.76
C ASN A 58 3.52 -11.19 4.64
N CYS A 59 3.19 -12.42 5.01
CA CYS A 59 2.88 -13.44 4.02
C CYS A 59 1.69 -13.00 3.16
N LEU A 60 0.62 -12.60 3.82
CA LEU A 60 -0.58 -12.16 3.11
C LEU A 60 -0.31 -10.87 2.35
N GLY A 61 0.43 -9.95 2.97
CA GLY A 61 0.74 -8.68 2.33
C GLY A 61 1.54 -8.90 1.04
N PHE A 62 2.54 -9.77 1.12
CA PHE A 62 3.35 -10.06 -0.06
C PHE A 62 2.50 -10.65 -1.17
N LEU A 63 1.71 -11.66 -0.84
CA LEU A 63 0.86 -12.30 -1.82
C LEU A 63 -0.19 -11.33 -2.35
N MET A 64 -0.82 -10.59 -1.45
CA MET A 64 -1.87 -9.66 -1.85
C MET A 64 -1.31 -8.59 -2.78
N TYR A 65 -0.21 -7.98 -2.38
CA TYR A 65 0.40 -6.92 -3.18
C TYR A 65 0.96 -7.50 -4.48
N VAL A 66 1.58 -8.65 -4.39
CA VAL A 66 2.15 -9.30 -5.57
C VAL A 66 1.04 -9.75 -6.51
N ALA A 67 -0.05 -10.26 -5.95
CA ALA A 67 -1.17 -10.74 -6.77
C ALA A 67 -1.78 -9.63 -7.62
N MET A 68 -1.93 -8.44 -7.05
CA MET A 68 -2.50 -7.32 -7.79
C MET A 68 -1.47 -6.73 -8.75
N VAL A 69 -0.21 -6.69 -8.30
CA VAL A 69 0.87 -6.13 -9.10
C VAL A 69 1.05 -6.91 -10.40
N VAL A 70 0.98 -8.24 -10.31
CA VAL A 70 1.18 -9.07 -11.49
C VAL A 70 0.13 -8.72 -12.56
N GLY A 71 -1.06 -8.35 -12.11
CA GLY A 71 -2.15 -8.03 -13.04
C GLY A 71 -1.85 -6.77 -13.86
N ILE A 72 -1.51 -5.68 -13.19
CA ILE A 72 -1.23 -4.43 -13.89
C ILE A 72 -0.07 -4.55 -14.88
N ILE A 73 1.02 -5.14 -14.42
CA ILE A 73 2.17 -5.30 -15.28
C ILE A 73 1.85 -6.25 -16.42
N ALA A 74 1.19 -7.35 -16.11
CA ALA A 74 0.84 -8.33 -17.12
C ALA A 74 -0.17 -7.76 -18.11
N HIS A 75 -0.99 -6.82 -17.65
CA HIS A 75 -2.00 -6.21 -18.51
C HIS A 75 -1.37 -5.39 -19.64
N THR A 76 -0.39 -4.55 -19.29
CA THR A 76 0.27 -3.69 -20.29
C THR A 76 1.68 -4.18 -20.59
N GLY A 77 2.17 -5.08 -19.76
CA GLY A 77 3.52 -5.63 -19.90
C GLY A 77 4.55 -4.58 -19.49
N GLY A 78 4.08 -3.37 -19.20
CA GLY A 78 4.97 -2.30 -18.78
C GLY A 78 4.22 -1.26 -17.95
N THR A 79 4.94 -0.55 -17.09
CA THR A 79 4.34 0.49 -16.25
C THR A 79 5.35 1.58 -15.95
N TYR A 80 5.25 2.69 -16.66
CA TYR A 80 6.17 3.82 -16.47
C TYR A 80 5.61 5.09 -17.09
N MET B 1 14.85 2.82 7.68
CA MET B 1 14.79 2.05 6.41
C MET B 1 13.64 2.59 5.55
N GLY B 2 12.52 2.90 6.21
CA GLY B 2 11.36 3.43 5.52
C GLY B 2 11.67 4.79 4.93
N LEU B 3 12.83 5.35 5.30
CA LEU B 3 13.26 6.65 4.82
C LEU B 3 13.27 6.68 3.30
N ILE B 4 13.41 5.51 2.70
CA ILE B 4 13.40 5.37 1.24
C ILE B 4 11.98 5.36 0.67
N SER B 5 10.98 5.07 1.52
CA SER B 5 9.59 4.99 1.05
C SER B 5 8.98 6.37 0.70
N PRO B 6 9.34 7.47 1.36
CA PRO B 6 8.86 8.83 0.98
C PRO B 6 9.40 9.24 -0.39
N LEU B 7 10.55 8.70 -0.78
CA LEU B 7 11.13 9.01 -2.09
C LEU B 7 10.22 8.50 -3.20
N ALA B 8 9.61 7.35 -2.98
CA ALA B 8 8.72 6.76 -3.97
C ALA B 8 7.46 7.60 -4.13
N THR B 9 7.37 8.70 -3.38
CA THR B 9 6.21 9.58 -3.46
C THR B 9 6.24 10.45 -4.73
N MET B 10 7.42 10.63 -5.32
CA MET B 10 7.56 11.41 -6.52
C MET B 10 6.87 10.71 -7.68
N PRO B 11 7.19 9.47 -8.04
CA PRO B 11 6.45 8.89 -9.17
C PRO B 11 5.13 8.29 -8.76
N GLN B 12 5.01 7.88 -7.51
CA GLN B 12 3.76 7.30 -7.07
C GLN B 12 2.64 8.33 -7.14
N LEU B 13 2.91 9.55 -6.67
CA LEU B 13 1.89 10.59 -6.70
C LEU B 13 1.68 11.04 -8.14
N TYR B 14 2.78 11.31 -8.83
CA TYR B 14 2.70 11.75 -10.22
C TYR B 14 2.06 10.67 -11.09
N LYS B 15 2.57 9.45 -10.96
CA LYS B 15 2.04 8.34 -11.75
C LYS B 15 0.60 8.05 -11.39
N LEU B 16 0.30 8.01 -10.09
CA LEU B 16 -1.05 7.70 -9.66
C LEU B 16 -2.05 8.70 -10.21
N TYR B 17 -1.78 9.98 -10.02
CA TYR B 17 -2.68 11.02 -10.50
C TYR B 17 -2.79 10.97 -12.03
N VAL B 18 -1.63 10.84 -12.69
CA VAL B 18 -1.59 10.79 -14.14
C VAL B 18 -2.26 9.52 -14.68
N SER B 19 -2.02 8.41 -14.01
CA SER B 19 -2.58 7.14 -14.45
C SER B 19 -4.10 7.22 -14.53
N HIS B 20 -4.70 7.86 -13.54
CA HIS B 20 -6.16 8.01 -13.52
C HIS B 20 -6.58 8.91 -12.37
N SER B 21 -7.77 9.49 -12.48
CA SER B 21 -8.28 10.37 -11.43
C SER B 21 -9.35 9.65 -10.61
N GLU B 22 -10.30 9.01 -11.29
CA GLU B 22 -11.36 8.29 -10.58
C GLU B 22 -10.89 6.89 -10.17
N HIS B 23 -9.98 6.33 -10.97
CA HIS B 23 -9.43 4.99 -10.71
C HIS B 23 -7.94 5.06 -10.45
N ALA B 24 -7.47 6.22 -10.00
CA ALA B 24 -6.05 6.40 -9.76
C ALA B 24 -5.51 5.28 -8.88
N LEU B 25 -6.24 4.95 -7.81
CA LEU B 25 -5.83 3.88 -6.92
C LEU B 25 -6.68 2.64 -7.14
N GLY B 26 -7.92 2.85 -7.62
CA GLY B 26 -8.83 1.73 -7.87
C GLY B 26 -9.19 1.02 -6.57
N LEU B 27 -9.34 1.79 -5.48
CA LEU B 27 -9.67 1.21 -4.16
C LEU B 27 -11.00 1.75 -3.65
N SER B 28 -11.65 0.95 -2.81
CA SER B 28 -12.93 1.32 -2.22
C SER B 28 -12.73 2.29 -1.06
N LEU B 29 -13.74 3.12 -0.81
CA LEU B 29 -13.67 4.09 0.27
C LEU B 29 -13.53 3.37 1.61
N THR B 30 -14.26 2.28 1.77
CA THR B 30 -14.23 1.54 3.03
C THR B 30 -12.81 1.11 3.34
N THR B 31 -12.13 0.53 2.36
CA THR B 31 -10.76 0.07 2.55
C THR B 31 -9.85 1.22 2.94
N TRP B 32 -10.11 2.40 2.37
CA TRP B 32 -9.29 3.56 2.68
C TRP B 32 -9.26 3.79 4.19
N LEU B 33 -10.41 3.60 4.83
CA LEU B 33 -10.51 3.83 6.26
C LEU B 33 -9.56 2.91 7.00
N LEU B 34 -9.51 1.66 6.58
CA LEU B 34 -8.63 0.69 7.22
C LEU B 34 -7.17 1.10 7.07
N TYR B 35 -6.80 1.61 5.90
CA TYR B 35 -5.42 2.01 5.66
C TYR B 35 -4.98 3.05 6.70
N SER B 36 -5.82 4.05 6.93
CA SER B 36 -5.49 5.08 7.91
C SER B 36 -5.39 4.49 9.32
N PHE B 37 -6.31 3.58 9.62
CA PHE B 37 -6.34 2.93 10.93
C PHE B 37 -5.09 2.08 11.15
N ILE B 38 -4.66 1.37 10.12
CA ILE B 38 -3.49 0.52 10.23
C ILE B 38 -2.26 1.35 10.58
N ALA B 39 -2.11 2.49 9.93
CA ALA B 39 -0.96 3.35 10.21
C ALA B 39 -0.97 3.79 11.68
N LEU B 40 -2.13 4.23 12.15
CA LEU B 40 -2.27 4.68 13.52
C LEU B 40 -2.05 3.52 14.50
N LEU B 41 -2.57 2.35 14.14
CA LEU B 41 -2.43 1.17 14.99
C LEU B 41 -0.96 0.82 15.19
N TRP B 42 -0.18 0.91 14.12
CA TRP B 42 1.24 0.60 14.20
C TRP B 42 1.94 1.56 15.16
N THR B 43 1.59 2.84 15.07
CA THR B 43 2.19 3.83 15.95
C THR B 43 1.83 3.53 17.40
N ILE B 44 0.57 3.20 17.65
CA ILE B 44 0.11 2.91 19.00
C ILE B 44 0.86 1.71 19.58
N TYR B 45 1.00 0.66 18.79
CA TYR B 45 1.69 -0.54 19.26
C TYR B 45 3.16 -0.25 19.54
N GLY B 46 3.79 0.44 18.61
CA GLY B 46 5.19 0.82 18.71
C GLY B 46 5.45 1.76 19.89
N ILE B 47 4.43 2.54 20.24
CA ILE B 47 4.53 3.52 21.33
C ILE B 47 4.96 2.83 22.61
N TYR B 48 4.65 1.55 22.73
CA TYR B 48 4.99 0.81 23.94
C TYR B 48 6.44 1.07 24.34
N HIS B 49 7.34 1.19 23.37
CA HIS B 49 8.77 1.43 23.65
C HIS B 49 9.05 2.93 23.71
N LYS B 50 7.99 3.72 23.66
CA LYS B 50 8.09 5.18 23.66
C LYS B 50 9.17 5.64 22.69
N ASN B 51 9.39 4.83 21.65
CA ASN B 51 10.32 5.19 20.60
C ASN B 51 10.13 4.24 19.42
N PRO B 52 9.09 4.41 18.66
CA PRO B 52 8.82 3.53 17.48
C PRO B 52 9.75 3.80 16.29
N THR B 53 10.31 2.75 15.73
CA THR B 53 11.13 2.87 14.54
C THR B 53 10.23 3.19 13.34
N ILE B 54 9.00 2.70 13.40
CA ILE B 54 8.01 2.90 12.33
C ILE B 54 7.37 4.29 12.39
N TRP B 55 7.37 4.89 13.57
CA TRP B 55 6.75 6.20 13.72
C TRP B 55 7.31 7.18 12.69
N VAL B 56 8.61 7.15 12.47
CA VAL B 56 9.22 8.07 11.52
C VAL B 56 8.61 7.87 10.13
N GLY B 57 8.55 6.63 9.68
CA GLY B 57 7.97 6.30 8.38
C GLY B 57 6.46 6.44 8.41
N ASN B 58 5.87 6.29 9.59
CA ASN B 58 4.42 6.37 9.74
C ASN B 58 3.91 7.73 9.32
N CYS B 59 4.64 8.78 9.69
CA CYS B 59 4.23 10.13 9.34
C CYS B 59 4.15 10.29 7.82
N LEU B 60 5.21 9.90 7.14
CA LEU B 60 5.25 9.99 5.68
C LEU B 60 4.23 9.06 5.05
N GLY B 61 4.12 7.84 5.60
CA GLY B 61 3.19 6.87 5.07
C GLY B 61 1.76 7.39 5.15
N PHE B 62 1.41 7.95 6.31
CA PHE B 62 0.06 8.49 6.49
C PHE B 62 -0.20 9.61 5.50
N LEU B 63 0.71 10.55 5.40
CA LEU B 63 0.54 11.67 4.48
C LEU B 63 0.54 11.20 3.03
N MET B 64 1.48 10.31 2.69
CA MET B 64 1.58 9.82 1.33
C MET B 64 0.31 9.08 0.92
N TYR B 65 -0.14 8.16 1.77
CA TYR B 65 -1.33 7.37 1.47
C TYR B 65 -2.58 8.26 1.50
N VAL B 66 -2.63 9.17 2.46
CA VAL B 66 -3.76 10.07 2.58
C VAL B 66 -3.79 11.05 1.41
N ALA B 67 -2.61 11.52 1.00
CA ALA B 67 -2.51 12.48 -0.09
C ALA B 67 -3.06 11.91 -1.40
N MET B 68 -2.75 10.66 -1.68
CA MET B 68 -3.23 10.02 -2.91
C MET B 68 -4.70 9.63 -2.78
N VAL B 69 -5.08 9.17 -1.58
CA VAL B 69 -6.46 8.75 -1.31
C VAL B 69 -7.43 9.92 -1.52
N VAL B 70 -7.05 11.09 -1.04
CA VAL B 70 -7.94 12.24 -1.15
C VAL B 70 -8.24 12.53 -2.62
N GLY B 71 -7.28 12.27 -3.50
CA GLY B 71 -7.45 12.52 -4.92
C GLY B 71 -8.52 11.64 -5.55
N ILE B 72 -8.40 10.33 -5.35
CA ILE B 72 -9.37 9.39 -5.94
C ILE B 72 -10.80 9.65 -5.45
N ILE B 73 -10.95 9.79 -4.15
CA ILE B 73 -12.27 10.03 -3.59
C ILE B 73 -12.80 11.37 -4.04
N ALA B 74 -11.95 12.39 -4.01
CA ALA B 74 -12.36 13.73 -4.43
C ALA B 74 -12.67 13.77 -5.91
N HIS B 75 -12.02 12.91 -6.69
CA HIS B 75 -12.23 12.87 -8.12
C HIS B 75 -13.65 12.42 -8.47
N THR B 76 -14.11 11.34 -7.84
CA THR B 76 -15.46 10.80 -8.12
C THR B 76 -16.41 11.08 -6.97
N GLY B 77 -15.85 11.50 -5.84
CA GLY B 77 -16.64 11.78 -4.64
C GLY B 77 -17.12 10.48 -4.01
N GLY B 78 -16.85 9.36 -4.69
CA GLY B 78 -17.25 8.05 -4.18
C GLY B 78 -16.36 6.95 -4.75
N THR B 79 -16.23 5.84 -4.02
CA THR B 79 -15.43 4.71 -4.48
C THR B 79 -15.99 3.40 -3.94
N TYR B 80 -16.71 2.67 -4.78
CA TYR B 80 -17.31 1.40 -4.37
C TYR B 80 -17.73 0.59 -5.59
N MET A 1 -5.91 -7.85 14.11
CA MET A 1 -6.35 -6.94 13.03
C MET A 1 -5.64 -7.32 11.73
N GLY A 2 -4.36 -7.62 11.85
CA GLY A 2 -3.58 -8.00 10.69
C GLY A 2 -4.13 -9.29 10.09
N LEU A 3 -4.70 -10.15 10.94
CA LEU A 3 -5.29 -11.41 10.46
C LEU A 3 -6.61 -11.15 9.74
N ILE A 4 -7.31 -10.08 10.14
CA ILE A 4 -8.62 -9.71 9.58
C ILE A 4 -8.50 -8.87 8.29
N SER A 5 -7.33 -8.24 8.10
CA SER A 5 -7.15 -7.36 6.94
C SER A 5 -7.06 -8.13 5.60
N PRO A 6 -6.71 -9.39 5.58
CA PRO A 6 -6.70 -10.21 4.32
C PRO A 6 -8.11 -10.35 3.78
N LEU A 7 -9.11 -10.22 4.64
CA LEU A 7 -10.49 -10.34 4.22
C LEU A 7 -10.82 -9.21 3.24
N ALA A 8 -10.26 -8.03 3.48
CA ALA A 8 -10.51 -6.88 2.61
C ALA A 8 -9.95 -7.14 1.21
N THR A 9 -9.39 -8.34 1.00
CA THR A 9 -8.82 -8.70 -0.30
C THR A 9 -9.92 -9.02 -1.32
N MET A 10 -11.12 -9.36 -0.83
CA MET A 10 -12.23 -9.67 -1.70
C MET A 10 -12.65 -8.43 -2.49
N PRO A 11 -13.01 -7.29 -1.88
CA PRO A 11 -13.34 -6.15 -2.77
C PRO A 11 -12.12 -5.35 -3.19
N GLN A 12 -11.07 -5.34 -2.38
CA GLN A 12 -9.88 -4.60 -2.75
C GLN A 12 -9.25 -5.18 -4.01
N LEU A 13 -9.19 -6.51 -4.10
CA LEU A 13 -8.63 -7.17 -5.28
C LEU A 13 -9.63 -7.17 -6.43
N TYR A 14 -10.88 -7.54 -6.10
CA TYR A 14 -11.93 -7.58 -7.10
C TYR A 14 -12.17 -6.19 -7.68
N LYS A 15 -12.29 -5.21 -6.80
CA LYS A 15 -12.52 -3.84 -7.24
C LYS A 15 -11.33 -3.33 -8.05
N LEU A 16 -10.12 -3.65 -7.60
CA LEU A 16 -8.92 -3.18 -8.30
C LEU A 16 -8.88 -3.67 -9.74
N TYR A 17 -9.00 -4.97 -9.92
CA TYR A 17 -8.92 -5.53 -11.25
C TYR A 17 -10.12 -5.06 -12.09
N VAL A 18 -11.29 -5.05 -11.47
CA VAL A 18 -12.52 -4.62 -12.16
C VAL A 18 -12.46 -3.13 -12.49
N SER A 19 -11.98 -2.34 -11.55
CA SER A 19 -11.91 -0.89 -11.77
C SER A 19 -11.04 -0.58 -12.98
N HIS A 20 -9.94 -1.31 -13.13
CA HIS A 20 -9.06 -1.10 -14.27
C HIS A 20 -8.07 -2.26 -14.38
N SER A 21 -7.62 -2.53 -15.60
CA SER A 21 -6.66 -3.61 -15.84
C SER A 21 -5.26 -3.04 -16.14
N GLU A 22 -5.21 -2.07 -17.07
CA GLU A 22 -3.92 -1.46 -17.43
C GLU A 22 -3.54 -0.35 -16.45
N HIS A 23 -4.55 0.30 -15.87
CA HIS A 23 -4.33 1.37 -14.89
C HIS A 23 -4.91 0.98 -13.55
N ALA A 24 -5.02 -0.32 -13.30
CA ALA A 24 -5.62 -0.76 -12.05
C ALA A 24 -4.97 -0.07 -10.86
N LEU A 25 -3.63 0.01 -10.86
CA LEU A 25 -2.90 0.70 -9.79
C LEU A 25 -2.30 2.02 -10.29
N GLY A 26 -2.00 2.09 -11.58
CA GLY A 26 -1.41 3.31 -12.16
C GLY A 26 -0.04 3.59 -11.53
N LEU A 27 0.68 2.52 -11.17
CA LEU A 27 2.01 2.67 -10.54
C LEU A 27 3.08 1.89 -11.32
N SER A 28 4.31 2.38 -11.27
CA SER A 28 5.44 1.74 -11.92
C SER A 28 5.94 0.56 -11.09
N LEU A 29 6.55 -0.41 -11.74
CA LEU A 29 7.09 -1.58 -11.05
C LEU A 29 8.10 -1.15 -10.01
N THR A 30 8.89 -0.13 -10.34
CA THR A 30 9.91 0.36 -9.42
C THR A 30 9.29 0.75 -8.09
N THR A 31 8.20 1.50 -8.13
CA THR A 31 7.54 1.93 -6.90
C THR A 31 6.95 0.73 -6.17
N TRP A 32 6.38 -0.19 -6.93
CA TRP A 32 5.78 -1.38 -6.35
C TRP A 32 6.86 -2.25 -5.69
N LEU A 33 8.02 -2.32 -6.32
CA LEU A 33 9.12 -3.14 -5.80
C LEU A 33 9.54 -2.64 -4.42
N LEU A 34 9.64 -1.32 -4.27
CA LEU A 34 10.04 -0.74 -3.00
C LEU A 34 9.02 -1.07 -1.91
N TYR A 35 7.73 -0.95 -2.25
CA TYR A 35 6.67 -1.25 -1.31
C TYR A 35 6.69 -2.74 -0.92
N SER A 36 6.87 -3.59 -1.92
CA SER A 36 6.91 -5.03 -1.67
C SER A 36 8.05 -5.39 -0.73
N PHE A 37 9.22 -4.79 -0.97
CA PHE A 37 10.39 -5.05 -0.14
C PHE A 37 10.12 -4.67 1.31
N ILE A 38 9.50 -3.51 1.51
CA ILE A 38 9.20 -3.03 2.87
C ILE A 38 8.24 -3.99 3.56
N ALA A 39 7.21 -4.42 2.84
CA ALA A 39 6.23 -5.34 3.42
C ALA A 39 6.90 -6.65 3.84
N LEU A 40 7.71 -7.21 2.94
CA LEU A 40 8.39 -8.46 3.24
C LEU A 40 9.35 -8.29 4.42
N LEU A 41 10.11 -7.21 4.39
CA LEU A 41 11.07 -6.93 5.46
C LEU A 41 10.37 -6.77 6.80
N TRP A 42 9.23 -6.08 6.79
CA TRP A 42 8.50 -5.87 8.02
C TRP A 42 8.05 -7.21 8.61
N THR A 43 7.65 -8.14 7.74
CA THR A 43 7.19 -9.45 8.19
C THR A 43 8.30 -10.16 8.96
N ILE A 44 9.51 -10.13 8.43
CA ILE A 44 10.64 -10.77 9.08
C ILE A 44 10.96 -10.08 10.40
N TYR A 45 10.92 -8.74 10.39
CA TYR A 45 11.21 -7.96 11.59
C TYR A 45 10.26 -8.34 12.72
N GLY A 46 8.97 -8.48 12.40
CA GLY A 46 8.01 -8.87 13.41
C GLY A 46 8.38 -10.22 14.02
N ILE A 47 8.67 -11.21 13.18
CA ILE A 47 9.04 -12.55 13.66
C ILE A 47 10.40 -12.54 14.38
N TYR A 48 11.38 -11.88 13.78
CA TYR A 48 12.73 -11.83 14.36
C TYR A 48 12.75 -11.10 15.70
N HIS A 49 11.96 -10.03 15.79
CA HIS A 49 11.91 -9.25 17.02
C HIS A 49 10.97 -9.89 18.03
N LYS A 50 10.52 -11.11 17.76
CA LYS A 50 9.61 -11.80 18.66
C LYS A 50 8.47 -10.88 19.02
N ASN A 51 7.77 -10.41 17.99
CA ASN A 51 6.66 -9.48 18.16
C ASN A 51 5.35 -10.19 18.00
N PRO A 52 4.28 -9.60 18.42
CA PRO A 52 2.96 -10.24 18.31
C PRO A 52 2.80 -10.87 16.92
N THR A 53 2.15 -11.99 16.93
CA THR A 53 1.92 -12.75 15.72
C THR A 53 1.47 -11.87 14.56
N ILE A 54 1.11 -10.62 14.85
CA ILE A 54 0.57 -9.70 13.84
C ILE A 54 1.39 -9.80 12.56
N TRP A 55 2.63 -10.21 12.67
CA TRP A 55 3.46 -10.32 11.48
C TRP A 55 2.77 -11.21 10.44
N VAL A 56 1.98 -12.18 10.90
CA VAL A 56 1.28 -13.09 10.00
C VAL A 56 0.45 -12.30 8.99
N GLY A 57 -0.23 -11.26 9.46
CA GLY A 57 -1.05 -10.43 8.58
C GLY A 57 -0.19 -9.82 7.48
N ASN A 58 1.05 -9.48 7.82
CA ASN A 58 1.95 -8.90 6.84
C ASN A 58 2.24 -9.90 5.72
N CYS A 59 2.36 -11.17 6.08
CA CYS A 59 2.64 -12.22 5.10
C CYS A 59 1.53 -12.25 4.04
N LEU A 60 0.28 -12.24 4.50
CA LEU A 60 -0.85 -12.26 3.58
C LEU A 60 -0.82 -11.01 2.69
N GLY A 61 -0.49 -9.86 3.29
CA GLY A 61 -0.42 -8.61 2.52
C GLY A 61 0.62 -8.71 1.43
N PHE A 62 1.75 -9.35 1.73
CA PHE A 62 2.82 -9.50 0.75
C PHE A 62 2.29 -10.24 -0.49
N LEU A 63 1.54 -11.31 -0.27
CA LEU A 63 0.98 -12.09 -1.39
C LEU A 63 0.04 -11.21 -2.21
N MET A 64 -0.76 -10.43 -1.52
CA MET A 64 -1.70 -9.54 -2.19
C MET A 64 -0.94 -8.45 -2.97
N TYR A 65 0.14 -7.95 -2.37
CA TYR A 65 0.93 -6.89 -3.00
C TYR A 65 1.46 -7.33 -4.37
N VAL A 66 2.05 -8.52 -4.43
CA VAL A 66 2.57 -9.03 -5.69
C VAL A 66 1.44 -9.24 -6.69
N ALA A 67 0.28 -9.66 -6.19
CA ALA A 67 -0.87 -9.90 -7.07
C ALA A 67 -1.36 -8.62 -7.74
N MET A 68 -1.41 -7.51 -7.00
CA MET A 68 -1.90 -6.24 -7.56
C MET A 68 -0.96 -5.74 -8.66
N VAL A 69 0.34 -5.73 -8.37
CA VAL A 69 1.34 -5.28 -9.35
C VAL A 69 1.42 -6.24 -10.53
N VAL A 70 1.35 -7.53 -10.24
CA VAL A 70 1.43 -8.53 -11.29
C VAL A 70 0.25 -8.35 -12.25
N GLY A 71 -0.93 -8.07 -11.71
CA GLY A 71 -2.11 -7.89 -12.55
C GLY A 71 -1.97 -6.70 -13.51
N ILE A 72 -1.63 -5.52 -12.99
CA ILE A 72 -1.49 -4.34 -13.86
C ILE A 72 -0.27 -4.45 -14.79
N ILE A 73 0.86 -4.87 -14.22
CA ILE A 73 2.09 -5.00 -15.00
C ILE A 73 1.93 -6.06 -16.08
N ALA A 74 1.37 -7.22 -15.72
CA ALA A 74 1.18 -8.30 -16.69
C ALA A 74 0.16 -7.91 -17.77
N HIS A 75 -0.79 -7.05 -17.40
CA HIS A 75 -1.82 -6.63 -18.35
C HIS A 75 -1.21 -5.83 -19.49
N THR A 76 -0.34 -4.87 -19.16
CA THR A 76 0.30 -4.04 -20.18
C THR A 76 1.72 -4.51 -20.44
N GLY A 77 2.23 -5.34 -19.54
CA GLY A 77 3.59 -5.87 -19.64
C GLY A 77 4.61 -4.76 -19.53
N GLY A 78 4.11 -3.52 -19.43
CA GLY A 78 4.97 -2.37 -19.30
C GLY A 78 4.25 -1.23 -18.58
N THR A 79 5.02 -0.31 -18.00
CA THR A 79 4.44 0.84 -17.30
C THR A 79 5.32 2.08 -17.49
N TYR A 80 4.70 3.22 -17.77
CA TYR A 80 5.44 4.46 -17.96
C TYR A 80 6.50 4.28 -19.04
N MET B 1 16.16 2.99 5.09
CA MET B 1 15.37 2.65 3.87
C MET B 1 14.02 3.34 3.95
N GLY B 2 13.43 3.32 5.14
CA GLY B 2 12.14 3.95 5.35
C GLY B 2 12.24 5.45 5.10
N LEU B 3 13.40 6.03 5.38
CA LEU B 3 13.62 7.46 5.15
C LEU B 3 13.76 7.76 3.66
N ILE B 4 14.28 6.78 2.90
CA ILE B 4 14.51 6.92 1.45
C ILE B 4 13.25 6.61 0.62
N SER B 5 12.29 5.88 1.20
CA SER B 5 11.10 5.48 0.47
C SER B 5 10.13 6.66 0.18
N PRO B 6 10.17 7.74 0.92
CA PRO B 6 9.34 8.95 0.63
C PRO B 6 9.74 9.57 -0.70
N LEU B 7 10.98 9.32 -1.12
CA LEU B 7 11.46 9.86 -2.38
C LEU B 7 10.65 9.28 -3.53
N ALA B 8 10.28 8.00 -3.42
CA ALA B 8 9.51 7.35 -4.46
C ALA B 8 8.13 8.00 -4.60
N THR B 9 7.88 9.04 -3.81
CA THR B 9 6.59 9.75 -3.84
C THR B 9 6.49 10.64 -5.09
N MET B 10 7.64 11.00 -5.67
CA MET B 10 7.65 11.82 -6.86
C MET B 10 7.01 11.08 -8.03
N PRO B 11 7.47 9.90 -8.46
CA PRO B 11 6.73 9.27 -9.58
C PRO B 11 5.53 8.46 -9.11
N GLN B 12 5.57 7.94 -7.89
CA GLN B 12 4.45 7.16 -7.39
C GLN B 12 3.19 8.03 -7.31
N LEU B 13 3.36 9.26 -6.79
CA LEU B 13 2.23 10.17 -6.67
C LEU B 13 1.90 10.81 -8.02
N TYR B 14 2.95 11.28 -8.71
CA TYR B 14 2.77 11.91 -10.02
C TYR B 14 2.17 10.91 -10.99
N LYS B 15 2.75 9.70 -11.04
CA LYS B 15 2.25 8.68 -11.95
C LYS B 15 0.83 8.28 -11.57
N LEU B 16 0.55 8.16 -10.28
CA LEU B 16 -0.79 7.77 -9.85
C LEU B 16 -1.85 8.73 -10.31
N TYR B 17 -1.67 10.01 -10.03
CA TYR B 17 -2.66 11.00 -10.39
C TYR B 17 -2.73 11.12 -11.92
N VAL B 18 -1.56 11.12 -12.56
CA VAL B 18 -1.49 11.23 -14.02
C VAL B 18 -2.08 10.00 -14.69
N SER B 19 -1.77 8.82 -14.15
CA SER B 19 -2.28 7.58 -14.73
C SER B 19 -3.80 7.58 -14.75
N HIS B 20 -4.39 8.09 -13.69
CA HIS B 20 -5.85 8.15 -13.61
C HIS B 20 -6.28 9.04 -12.45
N SER B 21 -7.47 9.65 -12.57
CA SER B 21 -7.99 10.52 -11.52
C SER B 21 -9.15 9.84 -10.79
N GLU B 22 -10.10 9.30 -11.54
CA GLU B 22 -11.25 8.62 -10.93
C GLU B 22 -10.91 7.18 -10.57
N HIS B 23 -10.01 6.58 -11.33
CA HIS B 23 -9.58 5.20 -11.09
C HIS B 23 -8.10 5.16 -10.76
N ALA B 24 -7.58 6.27 -10.24
CA ALA B 24 -6.16 6.32 -9.95
C ALA B 24 -5.73 5.11 -9.12
N LEU B 25 -6.51 4.77 -8.08
CA LEU B 25 -6.22 3.61 -7.24
C LEU B 25 -7.23 2.48 -7.51
N GLY B 26 -8.45 2.84 -7.93
CA GLY B 26 -9.48 1.84 -8.18
C GLY B 26 -9.83 1.07 -6.91
N LEU B 27 -9.74 1.75 -5.76
CA LEU B 27 -10.05 1.11 -4.46
C LEU B 27 -11.12 1.92 -3.70
N SER B 28 -11.89 1.20 -2.87
CA SER B 28 -12.92 1.81 -2.06
C SER B 28 -12.32 2.45 -0.82
N LEU B 29 -13.01 3.46 -0.28
CA LEU B 29 -12.52 4.14 0.91
C LEU B 29 -12.36 3.15 2.05
N THR B 30 -13.29 2.21 2.14
CA THR B 30 -13.25 1.22 3.20
C THR B 30 -11.91 0.49 3.22
N THR B 31 -11.47 0.04 2.05
CA THR B 31 -10.20 -0.68 1.95
C THR B 31 -9.04 0.25 2.29
N TRP B 32 -9.13 1.48 1.82
CA TRP B 32 -8.09 2.46 2.07
C TRP B 32 -8.01 2.79 3.56
N LEU B 33 -9.17 2.87 4.21
CA LEU B 33 -9.22 3.18 5.63
C LEU B 33 -8.47 2.13 6.44
N LEU B 34 -8.68 0.86 6.10
CA LEU B 34 -8.02 -0.21 6.82
C LEU B 34 -6.50 -0.12 6.64
N TYR B 35 -6.05 0.16 5.42
CA TYR B 35 -4.63 0.28 5.15
C TYR B 35 -4.03 1.47 5.91
N SER B 36 -4.76 2.59 5.90
CA SER B 36 -4.29 3.79 6.58
C SER B 36 -4.14 3.54 8.08
N PHE B 37 -5.12 2.85 8.66
CA PHE B 37 -5.08 2.54 10.08
C PHE B 37 -3.85 1.71 10.43
N ILE B 38 -3.58 0.69 9.60
CA ILE B 38 -2.44 -0.17 9.84
C ILE B 38 -1.13 0.62 9.77
N ALA B 39 -1.01 1.49 8.77
CA ALA B 39 0.19 2.30 8.61
C ALA B 39 0.39 3.19 9.83
N LEU B 40 -0.66 3.88 10.26
CA LEU B 40 -0.57 4.76 11.42
C LEU B 40 -0.22 3.98 12.67
N LEU B 41 -0.90 2.84 12.86
CA LEU B 41 -0.67 2.01 14.03
C LEU B 41 0.76 1.50 14.05
N TRP B 42 1.27 1.11 12.90
CA TRP B 42 2.63 0.61 12.82
C TRP B 42 3.62 1.69 13.26
N THR B 43 3.35 2.93 12.86
CA THR B 43 4.23 4.04 13.21
C THR B 43 4.35 4.16 14.73
N ILE B 44 3.23 4.11 15.41
CA ILE B 44 3.22 4.21 16.87
C ILE B 44 3.94 3.02 17.49
N TYR B 45 3.69 1.83 16.96
CA TYR B 45 4.32 0.61 17.47
C TYR B 45 5.84 0.74 17.40
N GLY B 46 6.35 1.23 16.29
CA GLY B 46 7.79 1.39 16.15
C GLY B 46 8.34 2.31 17.25
N ILE B 47 7.69 3.46 17.45
CA ILE B 47 8.12 4.42 18.47
C ILE B 47 7.91 3.88 19.89
N TYR B 48 6.74 3.31 20.14
CA TYR B 48 6.40 2.77 21.46
C TYR B 48 7.31 1.61 21.85
N HIS B 49 7.62 0.77 20.88
CA HIS B 49 8.46 -0.40 21.13
C HIS B 49 9.94 -0.01 21.11
N LYS B 50 10.23 1.30 21.08
CA LYS B 50 11.60 1.77 21.05
C LYS B 50 12.37 1.02 19.97
N ASN B 51 11.86 1.12 18.75
CA ASN B 51 12.45 0.44 17.60
C ASN B 51 13.21 1.41 16.75
N PRO B 52 14.05 0.92 15.89
CA PRO B 52 14.84 1.81 15.03
C PRO B 52 13.97 2.92 14.46
N THR B 53 14.57 4.07 14.38
CA THR B 53 13.90 5.25 13.91
C THR B 53 13.07 4.99 12.65
N ILE B 54 13.26 3.83 12.04
CA ILE B 54 12.58 3.48 10.79
C ILE B 54 11.11 3.88 10.85
N TRP B 55 10.57 3.96 12.04
CA TRP B 55 9.17 4.34 12.16
C TRP B 55 8.91 5.68 11.46
N VAL B 56 9.94 6.54 11.42
CA VAL B 56 9.81 7.83 10.76
C VAL B 56 9.33 7.66 9.32
N GLY B 57 9.89 6.68 8.62
CA GLY B 57 9.50 6.43 7.24
C GLY B 57 8.00 6.12 7.16
N ASN B 58 7.49 5.43 8.18
CA ASN B 58 6.08 5.09 8.20
C ASN B 58 5.22 6.36 8.26
N CYS B 59 5.70 7.35 9.01
CA CYS B 59 4.98 8.62 9.15
C CYS B 59 4.79 9.27 7.78
N LEU B 60 5.85 9.33 7.00
CA LEU B 60 5.78 9.92 5.67
C LEU B 60 4.82 9.11 4.79
N GLY B 61 4.87 7.78 4.91
CA GLY B 61 3.98 6.92 4.14
C GLY B 61 2.51 7.22 4.47
N PHE B 62 2.24 7.45 5.75
CA PHE B 62 0.87 7.75 6.17
C PHE B 62 0.35 8.99 5.44
N LEU B 63 1.17 10.04 5.36
CA LEU B 63 0.77 11.26 4.67
C LEU B 63 0.48 10.95 3.19
N MET B 64 1.34 10.15 2.60
CA MET B 64 1.16 9.78 1.19
C MET B 64 -0.11 8.94 1.02
N TYR B 65 -0.36 8.05 1.97
CA TYR B 65 -1.53 7.16 1.91
C TYR B 65 -2.82 7.97 1.83
N VAL B 66 -2.97 8.96 2.71
CA VAL B 66 -4.17 9.78 2.71
C VAL B 66 -4.28 10.57 1.41
N ALA B 67 -3.13 11.00 0.88
CA ALA B 67 -3.10 11.77 -0.35
C ALA B 67 -3.62 10.97 -1.55
N MET B 68 -3.23 9.70 -1.66
CA MET B 68 -3.65 8.85 -2.78
C MET B 68 -5.16 8.62 -2.76
N VAL B 69 -5.67 8.25 -1.59
CA VAL B 69 -7.12 8.01 -1.44
C VAL B 69 -7.90 9.30 -1.58
N VAL B 70 -7.38 10.38 -1.01
CA VAL B 70 -8.05 11.67 -1.09
C VAL B 70 -8.17 12.10 -2.55
N GLY B 71 -7.12 11.87 -3.33
CA GLY B 71 -7.14 12.26 -4.73
C GLY B 71 -8.22 11.52 -5.53
N ILE B 72 -8.24 10.19 -5.46
CA ILE B 72 -9.24 9.41 -6.21
C ILE B 72 -10.66 9.62 -5.64
N ILE B 73 -10.78 9.56 -4.32
CA ILE B 73 -12.08 9.72 -3.68
C ILE B 73 -12.64 11.13 -3.92
N ALA B 74 -11.80 12.14 -3.76
CA ALA B 74 -12.24 13.52 -3.97
C ALA B 74 -12.57 13.78 -5.44
N HIS B 75 -11.91 13.06 -6.34
CA HIS B 75 -12.15 13.23 -7.76
C HIS B 75 -13.56 12.81 -8.14
N THR B 76 -14.00 11.66 -7.65
CA THR B 76 -15.34 11.15 -7.95
C THR B 76 -16.29 11.39 -6.76
N GLY B 77 -15.69 11.71 -5.62
CA GLY B 77 -16.45 11.95 -4.39
C GLY B 77 -17.17 10.69 -3.95
N GLY B 78 -17.05 9.64 -4.75
CA GLY B 78 -17.67 8.37 -4.45
C GLY B 78 -16.92 7.21 -5.10
N THR B 79 -17.09 6.01 -4.56
CA THR B 79 -16.43 4.82 -5.11
C THR B 79 -17.34 3.61 -4.95
N TYR B 80 -17.42 2.80 -6.01
CA TYR B 80 -18.25 1.60 -5.99
C TYR B 80 -19.68 1.94 -5.59
N MET A 1 -5.07 -8.02 14.10
CA MET A 1 -5.66 -7.06 13.12
C MET A 1 -5.16 -7.40 11.72
N GLY A 2 -3.87 -7.73 11.62
CA GLY A 2 -3.28 -8.08 10.34
C GLY A 2 -3.96 -9.31 9.76
N LEU A 3 -4.55 -10.14 10.63
CA LEU A 3 -5.25 -11.34 10.20
C LEU A 3 -6.63 -11.00 9.61
N ILE A 4 -7.20 -9.89 10.11
CA ILE A 4 -8.53 -9.40 9.69
C ILE A 4 -8.46 -8.50 8.44
N SER A 5 -7.30 -7.91 8.19
CA SER A 5 -7.13 -7.00 7.05
C SER A 5 -7.13 -7.71 5.69
N PRO A 6 -6.80 -8.99 5.62
CA PRO A 6 -6.86 -9.78 4.36
C PRO A 6 -8.29 -9.87 3.84
N LEU A 7 -9.27 -9.59 4.70
CA LEU A 7 -10.67 -9.63 4.28
C LEU A 7 -10.94 -8.58 3.20
N ALA A 8 -10.28 -7.43 3.33
CA ALA A 8 -10.45 -6.35 2.37
C ALA A 8 -9.96 -6.78 0.99
N THR A 9 -9.51 -8.03 0.88
CA THR A 9 -9.01 -8.56 -0.39
C THR A 9 -10.17 -8.89 -1.36
N MET A 10 -11.39 -9.02 -0.83
CA MET A 10 -12.53 -9.30 -1.66
C MET A 10 -12.78 -8.15 -2.62
N PRO A 11 -12.98 -6.92 -2.16
CA PRO A 11 -13.19 -5.85 -3.17
C PRO A 11 -11.88 -5.33 -3.74
N GLN A 12 -10.83 -5.30 -2.93
CA GLN A 12 -9.57 -4.81 -3.43
C GLN A 12 -9.08 -5.68 -4.58
N LEU A 13 -9.20 -7.00 -4.43
CA LEU A 13 -8.77 -7.89 -5.50
C LEU A 13 -9.61 -7.69 -6.74
N TYR A 14 -10.93 -7.75 -6.57
CA TYR A 14 -11.84 -7.58 -7.70
C TYR A 14 -11.79 -6.16 -8.23
N LYS A 15 -11.88 -5.21 -7.32
CA LYS A 15 -11.87 -3.81 -7.70
C LYS A 15 -10.56 -3.44 -8.39
N LEU A 16 -9.45 -3.93 -7.86
CA LEU A 16 -8.16 -3.61 -8.44
C LEU A 16 -8.08 -4.09 -9.88
N TYR A 17 -8.54 -5.31 -10.13
CA TYR A 17 -8.50 -5.86 -11.47
C TYR A 17 -9.62 -5.26 -12.33
N VAL A 18 -10.80 -5.14 -11.75
CA VAL A 18 -11.96 -4.60 -12.45
C VAL A 18 -11.78 -3.10 -12.73
N SER A 19 -11.10 -2.41 -11.82
CA SER A 19 -10.88 -0.98 -11.97
C SER A 19 -10.15 -0.68 -13.27
N HIS A 20 -9.15 -1.49 -13.60
CA HIS A 20 -8.39 -1.28 -14.83
C HIS A 20 -7.17 -2.20 -14.86
N SER A 21 -6.24 -1.90 -15.76
CA SER A 21 -5.01 -2.68 -15.89
C SER A 21 -3.80 -1.76 -15.99
N GLU A 22 -3.89 -0.76 -16.86
CA GLU A 22 -2.78 0.18 -17.04
C GLU A 22 -2.80 1.29 -15.97
N HIS A 23 -4.00 1.65 -15.52
CA HIS A 23 -4.17 2.68 -14.50
C HIS A 23 -4.85 2.12 -13.26
N ALA A 24 -4.97 0.80 -13.21
CA ALA A 24 -5.64 0.17 -12.07
C ALA A 24 -4.90 0.48 -10.77
N LEU A 25 -3.56 0.42 -10.80
CA LEU A 25 -2.77 0.70 -9.60
C LEU A 25 -2.12 2.08 -9.69
N GLY A 26 -1.82 2.49 -10.91
CA GLY A 26 -1.22 3.81 -11.13
C GLY A 26 0.12 3.92 -10.40
N LEU A 27 0.89 2.82 -10.37
CA LEU A 27 2.20 2.81 -9.70
C LEU A 27 3.29 2.32 -10.64
N SER A 28 4.50 2.83 -10.42
CA SER A 28 5.66 2.45 -11.23
C SER A 28 6.31 1.19 -10.69
N LEU A 29 7.02 0.48 -11.56
CA LEU A 29 7.69 -0.75 -11.17
C LEU A 29 8.66 -0.47 -10.03
N THR A 30 9.33 0.68 -10.09
CA THR A 30 10.28 1.04 -9.05
C THR A 30 9.59 1.08 -7.69
N THR A 31 8.41 1.68 -7.66
CA THR A 31 7.65 1.78 -6.40
C THR A 31 7.35 0.40 -5.84
N TRP A 32 6.96 -0.51 -6.72
CA TRP A 32 6.65 -1.87 -6.30
C TRP A 32 7.84 -2.49 -5.57
N LEU A 33 9.04 -2.24 -6.09
CA LEU A 33 10.24 -2.81 -5.48
C LEU A 33 10.40 -2.32 -4.05
N LEU A 34 10.31 -1.01 -3.86
CA LEU A 34 10.46 -0.43 -2.52
C LEU A 34 9.32 -0.89 -1.61
N TYR A 35 8.10 -0.86 -2.14
CA TYR A 35 6.94 -1.28 -1.36
C TYR A 35 7.04 -2.74 -0.96
N SER A 36 7.43 -3.58 -1.92
CA SER A 36 7.56 -5.00 -1.68
C SER A 36 8.61 -5.29 -0.60
N PHE A 37 9.73 -4.58 -0.69
CA PHE A 37 10.81 -4.76 0.27
C PHE A 37 10.34 -4.44 1.68
N ILE A 38 9.60 -3.35 1.83
CA ILE A 38 9.11 -2.94 3.15
C ILE A 38 8.18 -4.01 3.73
N ALA A 39 7.27 -4.51 2.90
CA ALA A 39 6.34 -5.53 3.35
C ALA A 39 7.07 -6.81 3.76
N LEU A 40 7.98 -7.25 2.90
CA LEU A 40 8.74 -8.46 3.16
C LEU A 40 9.65 -8.28 4.38
N LEU A 41 10.25 -7.10 4.48
CA LEU A 41 11.16 -6.83 5.60
C LEU A 41 10.44 -6.97 6.93
N TRP A 42 9.24 -6.38 7.01
CA TRP A 42 8.47 -6.43 8.24
C TRP A 42 8.06 -7.87 8.55
N THR A 43 7.72 -8.61 7.51
CA THR A 43 7.30 -9.99 7.68
C THR A 43 8.39 -10.83 8.33
N ILE A 44 9.62 -10.70 7.84
CA ILE A 44 10.73 -11.48 8.38
C ILE A 44 11.02 -11.09 9.83
N TYR A 45 11.05 -9.80 10.12
CA TYR A 45 11.34 -9.33 11.48
C TYR A 45 10.25 -9.79 12.45
N GLY A 46 9.00 -9.77 12.00
CA GLY A 46 7.89 -10.17 12.86
C GLY A 46 8.04 -11.62 13.33
N ILE A 47 8.26 -12.53 12.39
CA ILE A 47 8.39 -13.95 12.74
C ILE A 47 9.71 -14.26 13.49
N TYR A 48 10.82 -13.73 13.00
CA TYR A 48 12.12 -13.99 13.60
C TYR A 48 12.21 -13.38 15.00
N HIS A 49 11.66 -12.19 15.16
CA HIS A 49 11.74 -11.50 16.43
C HIS A 49 10.69 -12.05 17.40
N LYS A 50 10.09 -13.18 17.05
CA LYS A 50 9.08 -13.80 17.92
C LYS A 50 8.08 -12.74 18.36
N ASN A 51 7.47 -12.08 17.39
CA ASN A 51 6.51 -11.01 17.65
C ASN A 51 5.10 -11.51 17.43
N PRO A 52 4.13 -10.80 17.92
CA PRO A 52 2.73 -11.20 17.76
C PRO A 52 2.49 -11.83 16.39
N THR A 53 1.71 -12.90 16.40
CA THR A 53 1.41 -13.65 15.19
C THR A 53 1.07 -12.72 14.03
N ILE A 54 0.83 -11.46 14.34
CA ILE A 54 0.42 -10.48 13.35
C ILE A 54 1.27 -10.61 12.09
N TRP A 55 2.48 -11.12 12.25
CA TRP A 55 3.38 -11.29 11.11
C TRP A 55 2.70 -12.13 10.03
N VAL A 56 1.79 -12.98 10.44
CA VAL A 56 1.07 -13.83 9.50
C VAL A 56 0.34 -12.97 8.46
N GLY A 57 -0.30 -11.91 8.93
CA GLY A 57 -1.03 -11.01 8.03
C GLY A 57 -0.08 -10.38 7.02
N ASN A 58 1.13 -10.08 7.46
CA ASN A 58 2.13 -9.48 6.57
C ASN A 58 2.45 -10.42 5.43
N CYS A 59 2.53 -11.71 5.74
CA CYS A 59 2.83 -12.71 4.71
C CYS A 59 1.74 -12.69 3.64
N LEU A 60 0.49 -12.64 4.07
CA LEU A 60 -0.63 -12.61 3.15
C LEU A 60 -0.62 -11.31 2.34
N GLY A 61 -0.32 -10.21 3.01
CA GLY A 61 -0.29 -8.91 2.35
C GLY A 61 0.76 -8.88 1.24
N PHE A 62 1.94 -9.41 1.54
CA PHE A 62 3.02 -9.44 0.56
C PHE A 62 2.62 -10.26 -0.66
N LEU A 63 2.12 -11.47 -0.42
CA LEU A 63 1.70 -12.34 -1.52
C LEU A 63 0.52 -11.75 -2.29
N MET A 64 -0.47 -11.25 -1.55
CA MET A 64 -1.65 -10.67 -2.18
C MET A 64 -1.29 -9.41 -2.95
N TYR A 65 -0.49 -8.54 -2.32
CA TYR A 65 -0.09 -7.29 -2.95
C TYR A 65 0.70 -7.57 -4.22
N VAL A 66 1.66 -8.47 -4.12
CA VAL A 66 2.49 -8.82 -5.26
C VAL A 66 1.64 -9.41 -6.39
N ALA A 67 0.72 -10.31 -6.03
CA ALA A 67 -0.13 -10.95 -7.03
C ALA A 67 -0.95 -9.91 -7.79
N MET A 68 -1.45 -8.91 -7.07
CA MET A 68 -2.23 -7.86 -7.70
C MET A 68 -1.34 -6.97 -8.58
N VAL A 69 -0.15 -6.66 -8.08
CA VAL A 69 0.79 -5.81 -8.81
C VAL A 69 1.17 -6.44 -10.15
N VAL A 70 1.50 -7.71 -10.13
CA VAL A 70 1.87 -8.40 -11.36
C VAL A 70 0.64 -8.62 -12.23
N GLY A 71 -0.52 -8.77 -11.59
CA GLY A 71 -1.76 -9.03 -12.35
C GLY A 71 -2.08 -7.90 -13.32
N ILE A 72 -2.09 -6.68 -12.84
CA ILE A 72 -2.38 -5.53 -13.69
C ILE A 72 -1.22 -5.27 -14.67
N ILE A 73 0.01 -5.38 -14.17
CA ILE A 73 1.19 -5.16 -14.99
C ILE A 73 1.27 -6.20 -16.10
N ALA A 74 1.04 -7.45 -15.75
CA ALA A 74 1.09 -8.52 -16.73
C ALA A 74 -0.06 -8.41 -17.72
N HIS A 75 -1.16 -7.79 -17.28
CA HIS A 75 -2.33 -7.63 -18.14
C HIS A 75 -2.01 -6.72 -19.31
N THR A 76 -1.35 -5.59 -19.04
CA THR A 76 -0.99 -4.64 -20.09
C THR A 76 0.47 -4.84 -20.51
N GLY A 77 1.27 -5.36 -19.59
CA GLY A 77 2.68 -5.60 -19.85
C GLY A 77 3.48 -4.31 -19.77
N GLY A 78 2.79 -3.21 -19.48
CA GLY A 78 3.43 -1.90 -19.38
C GLY A 78 2.66 -0.98 -18.44
N THR A 79 3.35 0.04 -17.92
CA THR A 79 2.72 1.01 -17.03
C THR A 79 3.35 2.38 -17.21
N TYR A 80 2.71 3.23 -18.02
CA TYR A 80 3.22 4.58 -18.27
C TYR A 80 2.06 5.54 -18.53
N MET B 1 15.69 3.01 5.83
CA MET B 1 15.08 2.62 4.53
C MET B 1 13.74 3.35 4.39
N GLY B 2 12.99 3.43 5.47
CA GLY B 2 11.70 4.11 5.46
C GLY B 2 11.88 5.58 5.10
N LEU B 3 13.08 6.11 5.36
CA LEU B 3 13.38 7.52 5.04
C LEU B 3 13.65 7.69 3.55
N ILE B 4 14.14 6.61 2.92
CA ILE B 4 14.48 6.59 1.48
C ILE B 4 13.28 6.23 0.60
N SER B 5 12.29 5.55 1.18
CA SER B 5 11.11 5.11 0.42
C SER B 5 10.17 6.28 0.02
N PRO B 6 10.17 7.39 0.73
CA PRO B 6 9.37 8.60 0.37
C PRO B 6 9.80 9.15 -0.99
N LEU B 7 10.99 8.77 -1.45
CA LEU B 7 11.48 9.25 -2.74
C LEU B 7 10.57 8.74 -3.86
N ALA B 8 10.07 7.54 -3.72
CA ALA B 8 9.18 6.95 -4.72
C ALA B 8 7.90 7.76 -4.84
N THR B 9 7.80 8.83 -4.07
CA THR B 9 6.61 9.69 -4.09
C THR B 9 6.58 10.58 -5.35
N MET B 10 7.72 10.74 -6.01
CA MET B 10 7.79 11.53 -7.21
C MET B 10 6.94 10.90 -8.31
N PRO B 11 7.17 9.65 -8.71
CA PRO B 11 6.28 9.11 -9.74
C PRO B 11 4.97 8.59 -9.18
N GLN B 12 5.00 8.05 -7.97
CA GLN B 12 3.77 7.54 -7.38
C GLN B 12 2.75 8.66 -7.24
N LEU B 13 3.21 9.83 -6.77
CA LEU B 13 2.30 10.94 -6.61
C LEU B 13 1.74 11.39 -7.96
N TYR B 14 2.65 11.66 -8.89
CA TYR B 14 2.25 12.11 -10.22
C TYR B 14 1.52 11.00 -10.97
N LYS B 15 2.11 9.81 -10.96
CA LYS B 15 1.51 8.68 -11.65
C LYS B 15 0.14 8.35 -11.08
N LEU B 16 0.02 8.37 -9.78
CA LEU B 16 -1.25 8.04 -9.14
C LEU B 16 -2.34 9.00 -9.60
N TYR B 17 -2.03 10.28 -9.62
CA TYR B 17 -3.01 11.29 -10.04
C TYR B 17 -3.16 11.29 -11.56
N VAL B 18 -2.03 11.19 -12.26
CA VAL B 18 -2.04 11.19 -13.72
C VAL B 18 -2.66 9.91 -14.27
N SER B 19 -2.47 8.81 -13.55
CA SER B 19 -3.01 7.52 -13.98
C SER B 19 -4.52 7.59 -14.14
N HIS B 20 -5.19 8.25 -13.21
CA HIS B 20 -6.64 8.37 -13.28
C HIS B 20 -7.18 8.96 -11.98
N SER B 21 -8.50 8.85 -11.79
CA SER B 21 -9.15 9.37 -10.59
C SER B 21 -10.12 8.33 -10.02
N GLU B 22 -10.96 7.76 -10.90
CA GLU B 22 -11.91 6.75 -10.44
C GLU B 22 -11.28 5.36 -10.36
N HIS B 23 -10.31 5.10 -11.23
CA HIS B 23 -9.61 3.82 -11.26
C HIS B 23 -8.13 4.01 -10.98
N ALA B 24 -7.75 5.20 -10.56
CA ALA B 24 -6.34 5.48 -10.30
C ALA B 24 -5.80 4.56 -9.20
N LEU B 25 -6.58 4.37 -8.14
CA LEU B 25 -6.13 3.51 -7.04
C LEU B 25 -6.86 2.16 -7.09
N GLY B 26 -8.09 2.18 -7.60
CA GLY B 26 -8.86 0.95 -7.70
C GLY B 26 -9.09 0.31 -6.33
N LEU B 27 -9.30 1.14 -5.30
CA LEU B 27 -9.51 0.64 -3.94
C LEU B 27 -10.79 1.22 -3.35
N SER B 28 -11.42 0.45 -2.46
CA SER B 28 -12.65 0.86 -1.81
C SER B 28 -12.34 1.67 -0.55
N LEU B 29 -13.30 2.49 -0.14
CA LEU B 29 -13.13 3.33 1.04
C LEU B 29 -12.85 2.46 2.26
N THR B 30 -13.51 1.31 2.32
CA THR B 30 -13.31 0.41 3.44
C THR B 30 -11.84 -0.01 3.54
N THR B 31 -11.24 -0.34 2.39
CA THR B 31 -9.84 -0.74 2.36
C THR B 31 -8.95 0.36 2.91
N TRP B 32 -9.23 1.60 2.51
CA TRP B 32 -8.45 2.73 2.98
C TRP B 32 -8.43 2.78 4.50
N LEU B 33 -9.58 2.52 5.12
CA LEU B 33 -9.68 2.56 6.56
C LEU B 33 -8.74 1.55 7.20
N LEU B 34 -8.80 0.31 6.74
CA LEU B 34 -7.94 -0.74 7.29
C LEU B 34 -6.47 -0.44 6.99
N TYR B 35 -6.20 -0.02 5.76
CA TYR B 35 -4.82 0.28 5.37
C TYR B 35 -4.27 1.44 6.19
N SER B 36 -5.08 2.49 6.35
CA SER B 36 -4.68 3.66 7.10
C SER B 36 -4.39 3.31 8.55
N PHE B 37 -5.24 2.48 9.14
CA PHE B 37 -5.06 2.07 10.53
C PHE B 37 -3.74 1.35 10.72
N ILE B 38 -3.42 0.45 9.79
CA ILE B 38 -2.17 -0.31 9.88
C ILE B 38 -0.97 0.62 9.83
N ALA B 39 -0.99 1.57 8.90
CA ALA B 39 0.12 2.51 8.76
C ALA B 39 0.26 3.36 10.00
N LEU B 40 -0.85 3.89 10.47
CA LEU B 40 -0.84 4.75 11.66
C LEU B 40 -0.43 3.95 12.90
N LEU B 41 -0.93 2.72 12.99
CA LEU B 41 -0.64 1.88 14.14
C LEU B 41 0.86 1.64 14.27
N TRP B 42 1.50 1.33 13.14
CA TRP B 42 2.93 1.06 13.14
C TRP B 42 3.70 2.33 13.50
N THR B 43 3.22 3.46 13.02
CA THR B 43 3.88 4.73 13.27
C THR B 43 3.94 5.03 14.77
N ILE B 44 2.81 4.85 15.45
CA ILE B 44 2.75 5.14 16.87
C ILE B 44 3.65 4.20 17.66
N TYR B 45 3.60 2.91 17.35
CA TYR B 45 4.42 1.93 18.06
C TYR B 45 5.91 2.19 17.83
N GLY B 46 6.28 2.58 16.62
CA GLY B 46 7.67 2.84 16.31
C GLY B 46 8.25 3.95 17.19
N ILE B 47 7.57 5.08 17.25
CA ILE B 47 8.05 6.21 18.06
C ILE B 47 7.94 5.95 19.57
N TYR B 48 6.80 5.44 20.01
CA TYR B 48 6.59 5.19 21.44
C TYR B 48 7.51 4.09 21.97
N HIS B 49 7.72 3.06 21.16
CA HIS B 49 8.55 1.95 21.56
C HIS B 49 10.04 2.29 21.41
N LYS B 50 10.34 3.57 21.20
CA LYS B 50 11.72 4.00 21.04
C LYS B 50 12.45 3.09 20.07
N ASN B 51 11.88 2.96 18.87
CA ASN B 51 12.44 2.10 17.84
C ASN B 51 13.16 2.90 16.81
N PRO B 52 13.98 2.26 16.01
CA PRO B 52 14.75 2.97 14.96
C PRO B 52 13.92 4.10 14.35
N THR B 53 14.58 5.22 14.13
CA THR B 53 13.95 6.41 13.60
C THR B 53 13.05 6.07 12.42
N ILE B 54 13.18 4.86 11.91
CA ILE B 54 12.42 4.42 10.74
C ILE B 54 10.97 4.85 10.85
N TRP B 55 10.50 5.00 12.07
CA TRP B 55 9.11 5.40 12.31
C TRP B 55 8.82 6.70 11.56
N VAL B 56 9.85 7.51 11.35
CA VAL B 56 9.68 8.77 10.64
C VAL B 56 9.10 8.53 9.24
N GLY B 57 9.64 7.51 8.57
CA GLY B 57 9.17 7.18 7.22
C GLY B 57 7.69 6.79 7.25
N ASN B 58 7.28 6.12 8.31
CA ASN B 58 5.89 5.71 8.44
C ASN B 58 4.98 6.93 8.50
N CYS B 59 5.43 7.97 9.20
CA CYS B 59 4.65 9.19 9.30
C CYS B 59 4.43 9.79 7.92
N LEU B 60 5.48 9.83 7.12
CA LEU B 60 5.39 10.37 5.77
C LEU B 60 4.48 9.50 4.91
N GLY B 61 4.62 8.18 5.05
CA GLY B 61 3.82 7.26 4.28
C GLY B 61 2.33 7.44 4.57
N PHE B 62 1.99 7.57 5.85
CA PHE B 62 0.59 7.75 6.24
C PHE B 62 0.02 9.03 5.63
N LEU B 63 0.75 10.13 5.79
CA LEU B 63 0.28 11.42 5.27
C LEU B 63 0.25 11.39 3.74
N MET B 64 1.30 10.86 3.12
CA MET B 64 1.37 10.81 1.67
C MET B 64 0.30 9.88 1.12
N TYR B 65 0.16 8.71 1.72
CA TYR B 65 -0.82 7.73 1.27
C TYR B 65 -2.22 8.29 1.39
N VAL B 66 -2.51 8.89 2.55
CA VAL B 66 -3.83 9.47 2.78
C VAL B 66 -4.11 10.59 1.78
N ALA B 67 -3.12 11.45 1.56
CA ALA B 67 -3.30 12.57 0.64
C ALA B 67 -3.63 12.08 -0.77
N MET B 68 -2.98 11.00 -1.19
CA MET B 68 -3.24 10.45 -2.51
C MET B 68 -4.62 9.79 -2.55
N VAL B 69 -4.98 9.09 -1.48
CA VAL B 69 -6.27 8.40 -1.42
C VAL B 69 -7.41 9.40 -1.53
N VAL B 70 -7.34 10.48 -0.78
CA VAL B 70 -8.38 11.48 -0.82
C VAL B 70 -8.32 12.26 -2.14
N GLY B 71 -7.12 12.39 -2.70
CA GLY B 71 -6.94 13.14 -3.94
C GLY B 71 -7.77 12.56 -5.08
N ILE B 72 -7.61 11.27 -5.32
CA ILE B 72 -8.36 10.60 -6.38
C ILE B 72 -9.85 10.51 -6.03
N ILE B 73 -10.14 10.17 -4.77
CA ILE B 73 -11.52 10.04 -4.32
C ILE B 73 -12.24 11.38 -4.41
N ALA B 74 -11.58 12.43 -3.96
CA ALA B 74 -12.17 13.76 -3.99
C ALA B 74 -12.31 14.25 -5.43
N HIS B 75 -11.45 13.75 -6.30
CA HIS B 75 -11.48 14.15 -7.70
C HIS B 75 -12.78 13.71 -8.36
N THR B 76 -13.17 12.44 -8.12
CA THR B 76 -14.41 11.91 -8.70
C THR B 76 -15.53 11.95 -7.68
N GLY B 77 -15.17 11.93 -6.41
CA GLY B 77 -16.14 11.96 -5.31
C GLY B 77 -16.80 10.60 -5.13
N GLY B 78 -16.39 9.64 -5.95
CA GLY B 78 -16.95 8.30 -5.88
C GLY B 78 -15.94 7.25 -6.38
N THR B 79 -16.13 6.00 -5.96
CA THR B 79 -15.25 4.91 -6.39
C THR B 79 -16.03 3.60 -6.49
N TYR B 80 -16.48 3.27 -7.70
CA TYR B 80 -17.25 2.05 -7.92
C TYR B 80 -16.98 1.50 -9.32
N MET A 1 -4.06 -7.07 13.74
CA MET A 1 -4.73 -6.41 12.58
C MET A 1 -4.26 -7.05 11.29
N GLY A 2 -3.01 -7.49 11.28
CA GLY A 2 -2.44 -8.12 10.11
C GLY A 2 -3.25 -9.35 9.72
N LEU A 3 -3.80 -10.03 10.72
CA LEU A 3 -4.62 -11.21 10.49
C LEU A 3 -6.03 -10.82 9.98
N ILE A 4 -6.52 -9.67 10.46
CA ILE A 4 -7.86 -9.17 10.11
C ILE A 4 -7.89 -8.36 8.80
N SER A 5 -6.74 -7.82 8.39
CA SER A 5 -6.67 -6.99 7.19
C SER A 5 -6.75 -7.78 5.86
N PRO A 6 -6.41 -9.05 5.83
CA PRO A 6 -6.51 -9.88 4.60
C PRO A 6 -7.94 -9.95 4.08
N LEU A 7 -8.89 -9.93 5.01
CA LEU A 7 -10.30 -9.98 4.65
C LEU A 7 -10.69 -8.74 3.84
N ALA A 8 -10.07 -7.61 4.19
CA ALA A 8 -10.35 -6.36 3.51
C ALA A 8 -9.84 -6.42 2.07
N THR A 9 -9.31 -7.58 1.67
CA THR A 9 -8.77 -7.75 0.32
C THR A 9 -9.87 -8.22 -0.66
N MET A 10 -10.97 -8.72 -0.11
CA MET A 10 -12.08 -9.18 -0.92
C MET A 10 -12.48 -8.10 -1.93
N PRO A 11 -12.74 -6.84 -1.54
CA PRO A 11 -13.10 -5.88 -2.59
C PRO A 11 -11.88 -5.18 -3.15
N GLN A 12 -10.79 -5.13 -2.39
CA GLN A 12 -9.58 -4.48 -2.90
C GLN A 12 -9.07 -5.25 -4.12
N LEU A 13 -9.04 -6.58 -4.01
CA LEU A 13 -8.59 -7.42 -5.11
C LEU A 13 -9.61 -7.39 -6.25
N TYR A 14 -10.87 -7.61 -5.91
CA TYR A 14 -11.93 -7.60 -6.92
C TYR A 14 -12.04 -6.22 -7.55
N LYS A 15 -12.04 -5.17 -6.74
CA LYS A 15 -12.14 -3.81 -7.27
C LYS A 15 -10.93 -3.47 -8.12
N LEU A 16 -9.77 -3.96 -7.74
CA LEU A 16 -8.56 -3.63 -8.48
C LEU A 16 -8.68 -4.11 -9.93
N TYR A 17 -9.05 -5.37 -10.14
CA TYR A 17 -9.19 -5.90 -11.49
C TYR A 17 -10.40 -5.27 -12.18
N VAL A 18 -11.50 -5.17 -11.45
CA VAL A 18 -12.73 -4.59 -11.99
C VAL A 18 -12.55 -3.10 -12.28
N SER A 19 -11.85 -2.41 -11.39
CA SER A 19 -11.66 -0.97 -11.56
C SER A 19 -10.99 -0.67 -12.90
N HIS A 20 -9.97 -1.47 -13.25
CA HIS A 20 -9.29 -1.27 -14.53
C HIS A 20 -8.23 -2.35 -14.74
N SER A 21 -7.15 -1.99 -15.43
CA SER A 21 -6.07 -2.93 -15.68
C SER A 21 -4.75 -2.21 -15.94
N GLU A 22 -4.77 -1.22 -16.84
CA GLU A 22 -3.54 -0.48 -17.15
C GLU A 22 -3.28 0.63 -16.14
N HIS A 23 -4.35 1.23 -15.65
CA HIS A 23 -4.25 2.31 -14.67
C HIS A 23 -4.99 1.96 -13.40
N ALA A 24 -5.30 0.69 -13.24
CA ALA A 24 -6.07 0.25 -12.08
C ALA A 24 -5.35 0.60 -10.77
N LEU A 25 -4.03 0.38 -10.71
CA LEU A 25 -3.26 0.69 -9.51
C LEU A 25 -2.43 1.96 -9.72
N GLY A 26 -2.07 2.22 -10.98
CA GLY A 26 -1.27 3.39 -11.29
C GLY A 26 0.08 3.33 -10.56
N LEU A 27 0.54 2.12 -10.26
CA LEU A 27 1.80 1.93 -9.53
C LEU A 27 2.98 1.72 -10.49
N SER A 28 4.12 2.35 -10.15
CA SER A 28 5.33 2.23 -10.96
C SER A 28 6.05 0.91 -10.67
N LEU A 29 6.76 0.40 -11.66
CA LEU A 29 7.50 -0.85 -11.51
C LEU A 29 8.58 -0.72 -10.42
N THR A 30 9.26 0.43 -10.42
CA THR A 30 10.32 0.66 -9.44
C THR A 30 9.76 0.63 -8.03
N THR A 31 8.60 1.26 -7.85
CA THR A 31 7.96 1.28 -6.53
C THR A 31 7.57 -0.13 -6.11
N TRP A 32 7.15 -0.96 -7.07
CA TRP A 32 6.78 -2.33 -6.76
C TRP A 32 7.95 -3.06 -6.10
N LEU A 33 9.14 -2.90 -6.67
CA LEU A 33 10.31 -3.57 -6.12
C LEU A 33 10.56 -3.13 -4.68
N LEU A 34 10.54 -1.83 -4.44
CA LEU A 34 10.74 -1.31 -3.10
C LEU A 34 9.58 -1.73 -2.19
N TYR A 35 8.37 -1.70 -2.73
CA TYR A 35 7.19 -2.08 -1.96
C TYR A 35 7.33 -3.50 -1.45
N SER A 36 7.85 -4.39 -2.29
CA SER A 36 8.03 -5.78 -1.91
C SER A 36 8.97 -5.89 -0.71
N PHE A 37 10.07 -5.16 -0.75
CA PHE A 37 11.04 -5.19 0.35
C PHE A 37 10.41 -4.64 1.63
N ILE A 38 9.63 -3.57 1.52
CA ILE A 38 9.00 -2.97 2.69
C ILE A 38 8.06 -3.97 3.35
N ALA A 39 7.26 -4.67 2.54
CA ALA A 39 6.33 -5.65 3.07
C ALA A 39 7.08 -6.77 3.79
N LEU A 40 8.11 -7.28 3.14
CA LEU A 40 8.91 -8.35 3.72
C LEU A 40 9.67 -7.85 4.96
N LEU A 41 10.08 -6.59 4.92
CA LEU A 41 10.83 -6.01 6.03
C LEU A 41 10.05 -6.11 7.33
N TRP A 42 8.78 -5.73 7.29
CA TRP A 42 7.95 -5.80 8.49
C TRP A 42 7.72 -7.24 8.91
N THR A 43 7.55 -8.12 7.92
CA THR A 43 7.32 -9.53 8.22
C THR A 43 8.52 -10.13 8.95
N ILE A 44 9.72 -9.80 8.46
CA ILE A 44 10.95 -10.30 9.07
C ILE A 44 11.09 -9.78 10.50
N TYR A 45 10.78 -8.51 10.70
CA TYR A 45 10.90 -7.91 12.03
C TYR A 45 10.09 -8.69 13.06
N GLY A 46 8.84 -9.03 12.73
CA GLY A 46 8.02 -9.77 13.66
C GLY A 46 8.64 -11.12 14.01
N ILE A 47 9.00 -11.89 12.99
CA ILE A 47 9.60 -13.21 13.20
C ILE A 47 11.02 -13.12 13.77
N TYR A 48 11.81 -12.21 13.20
CA TYR A 48 13.20 -12.04 13.63
C TYR A 48 13.26 -11.58 15.07
N HIS A 49 12.38 -10.67 15.44
CA HIS A 49 12.36 -10.14 16.80
C HIS A 49 11.57 -11.07 17.72
N LYS A 50 11.22 -12.25 17.22
CA LYS A 50 10.47 -13.20 18.02
C LYS A 50 9.26 -12.51 18.63
N ASN A 51 8.53 -11.79 17.79
CA ASN A 51 7.36 -11.04 18.23
C ASN A 51 6.10 -11.77 17.82
N PRO A 52 4.99 -11.45 18.40
CA PRO A 52 3.74 -12.15 18.08
C PRO A 52 3.56 -12.23 16.55
N THR A 53 3.03 -13.34 16.14
CA THR A 53 2.81 -13.64 14.75
C THR A 53 2.07 -12.52 14.00
N ILE A 54 1.54 -11.54 14.73
CA ILE A 54 0.74 -10.48 14.10
C ILE A 54 1.39 -9.97 12.82
N TRP A 55 2.70 -9.92 12.79
CA TRP A 55 3.39 -9.45 11.60
C TRP A 55 3.14 -10.39 10.42
N VAL A 56 2.92 -11.66 10.73
CA VAL A 56 2.68 -12.67 9.69
C VAL A 56 1.64 -12.18 8.70
N GLY A 57 0.69 -11.39 9.15
CA GLY A 57 -0.35 -10.88 8.26
C GLY A 57 0.27 -10.14 7.08
N ASN A 58 1.51 -9.68 7.24
CA ASN A 58 2.21 -8.99 6.17
C ASN A 58 2.40 -9.93 4.98
N CYS A 59 2.58 -11.21 5.26
CA CYS A 59 2.78 -12.21 4.21
C CYS A 59 1.58 -12.23 3.27
N LEU A 60 0.39 -12.18 3.85
CA LEU A 60 -0.83 -12.18 3.05
C LEU A 60 -0.91 -10.91 2.21
N GLY A 61 -0.53 -9.79 2.82
CA GLY A 61 -0.55 -8.52 2.12
C GLY A 61 0.42 -8.54 0.94
N PHE A 62 1.57 -9.16 1.15
CA PHE A 62 2.58 -9.26 0.10
C PHE A 62 2.02 -10.00 -1.11
N LEU A 63 1.37 -11.13 -0.84
CA LEU A 63 0.79 -11.93 -1.92
C LEU A 63 -0.32 -11.15 -2.63
N MET A 64 -1.13 -10.44 -1.86
CA MET A 64 -2.21 -9.65 -2.45
C MET A 64 -1.65 -8.47 -3.23
N TYR A 65 -0.67 -7.79 -2.65
CA TYR A 65 -0.07 -6.61 -3.30
C TYR A 65 0.63 -6.99 -4.60
N VAL A 66 1.45 -8.03 -4.57
CA VAL A 66 2.19 -8.45 -5.77
C VAL A 66 1.21 -8.96 -6.82
N ALA A 67 0.16 -9.63 -6.38
CA ALA A 67 -0.83 -10.16 -7.32
C ALA A 67 -1.46 -9.04 -8.12
N MET A 68 -1.74 -7.92 -7.46
CA MET A 68 -2.34 -6.78 -8.14
C MET A 68 -1.38 -6.19 -9.17
N VAL A 69 -0.10 -6.11 -8.80
CA VAL A 69 0.92 -5.58 -9.69
C VAL A 69 1.08 -6.48 -10.90
N VAL A 70 1.09 -7.79 -10.66
CA VAL A 70 1.24 -8.75 -11.74
C VAL A 70 0.09 -8.63 -12.74
N GLY A 71 -1.13 -8.46 -12.22
CA GLY A 71 -2.29 -8.35 -13.10
C GLY A 71 -2.23 -7.13 -14.03
N ILE A 72 -1.99 -5.95 -13.46
CA ILE A 72 -1.94 -4.72 -14.26
C ILE A 72 -0.73 -4.67 -15.19
N ILE A 73 0.44 -5.05 -14.67
CA ILE A 73 1.65 -5.02 -15.47
C ILE A 73 1.58 -6.04 -16.58
N ALA A 74 1.07 -7.22 -16.27
CA ALA A 74 0.93 -8.27 -17.27
C ALA A 74 -0.07 -7.89 -18.35
N HIS A 75 -1.06 -7.09 -17.97
CA HIS A 75 -2.09 -6.67 -18.93
C HIS A 75 -1.49 -5.79 -20.03
N THR A 76 -0.65 -4.82 -19.63
CA THR A 76 -0.02 -3.92 -20.60
C THR A 76 1.45 -4.30 -20.82
N GLY A 77 1.95 -5.18 -19.97
CA GLY A 77 3.35 -5.62 -20.06
C GLY A 77 4.29 -4.45 -19.85
N GLY A 78 3.72 -3.26 -19.67
CA GLY A 78 4.52 -2.06 -19.45
C GLY A 78 3.76 -1.03 -18.63
N THR A 79 4.49 -0.11 -18.01
CA THR A 79 3.87 0.95 -17.21
C THR A 79 4.70 2.23 -17.32
N TYR A 80 4.31 3.10 -18.24
CA TYR A 80 5.02 4.35 -18.44
C TYR A 80 4.96 5.20 -17.19
N MET B 1 14.65 2.05 6.02
CA MET B 1 14.00 2.02 4.68
C MET B 1 12.83 2.99 4.67
N GLY B 2 12.19 3.14 5.84
CA GLY B 2 11.05 4.04 5.96
C GLY B 2 11.47 5.46 5.59
N LEU B 3 12.71 5.80 5.89
CA LEU B 3 13.24 7.13 5.57
C LEU B 3 13.56 7.25 4.06
N ILE B 4 13.99 6.13 3.46
CA ILE B 4 14.39 6.06 2.05
C ILE B 4 13.20 5.83 1.10
N SER B 5 12.11 5.26 1.61
CA SER B 5 10.95 4.95 0.77
C SER B 5 10.09 6.18 0.37
N PRO B 6 10.13 7.27 1.10
CA PRO B 6 9.38 8.52 0.75
C PRO B 6 9.81 9.05 -0.61
N LEU B 7 11.09 8.87 -0.93
CA LEU B 7 11.62 9.35 -2.20
C LEU B 7 10.95 8.59 -3.35
N ALA B 8 10.64 7.33 -3.12
CA ALA B 8 10.01 6.50 -4.14
C ALA B 8 8.59 7.00 -4.41
N THR B 9 8.21 8.09 -3.74
CA THR B 9 6.85 8.65 -3.91
C THR B 9 6.80 9.65 -5.06
N MET B 10 7.98 10.12 -5.49
CA MET B 10 8.06 11.06 -6.58
C MET B 10 7.28 10.54 -7.79
N PRO B 11 7.48 9.31 -8.28
CA PRO B 11 6.66 8.92 -9.42
C PRO B 11 5.37 8.25 -8.99
N GLN B 12 5.33 7.69 -7.78
CA GLN B 12 4.11 7.05 -7.31
C GLN B 12 3.01 8.11 -7.20
N LEU B 13 3.34 9.26 -6.63
CA LEU B 13 2.37 10.34 -6.48
C LEU B 13 2.05 10.95 -7.84
N TYR B 14 3.09 11.27 -8.61
CA TYR B 14 2.90 11.85 -9.93
C TYR B 14 2.17 10.88 -10.84
N LYS B 15 2.61 9.62 -10.83
CA LYS B 15 1.97 8.61 -11.68
C LYS B 15 0.53 8.38 -11.26
N LEU B 16 0.27 8.43 -9.96
CA LEU B 16 -1.08 8.18 -9.49
C LEU B 16 -2.06 9.17 -10.12
N TYR B 17 -1.76 10.47 -10.02
CA TYR B 17 -2.64 11.48 -10.59
C TYR B 17 -2.62 11.43 -12.11
N VAL B 18 -1.43 11.27 -12.67
CA VAL B 18 -1.28 11.20 -14.13
C VAL B 18 -1.90 9.93 -14.68
N SER B 19 -1.74 8.82 -13.96
CA SER B 19 -2.29 7.54 -14.42
C SER B 19 -3.78 7.65 -14.64
N HIS B 20 -4.49 8.29 -13.72
CA HIS B 20 -5.94 8.45 -13.85
C HIS B 20 -6.49 9.29 -12.71
N SER B 21 -7.73 9.01 -12.33
CA SER B 21 -8.36 9.74 -11.23
C SER B 21 -9.48 8.92 -10.58
N GLU B 22 -10.38 8.37 -11.40
CA GLU B 22 -11.48 7.58 -10.84
C GLU B 22 -11.05 6.14 -10.57
N HIS B 23 -10.16 5.61 -11.41
CA HIS B 23 -9.66 4.24 -11.26
C HIS B 23 -8.15 4.24 -11.11
N ALA B 24 -7.58 5.40 -10.80
CA ALA B 24 -6.14 5.51 -10.69
C ALA B 24 -5.58 4.57 -9.62
N LEU B 25 -6.26 4.48 -8.47
CA LEU B 25 -5.81 3.58 -7.40
C LEU B 25 -6.71 2.35 -7.32
N GLY B 26 -7.97 2.51 -7.73
CA GLY B 26 -8.92 1.41 -7.69
C GLY B 26 -9.09 0.92 -6.25
N LEU B 27 -8.88 1.81 -5.28
CA LEU B 27 -8.99 1.45 -3.86
C LEU B 27 -10.38 1.75 -3.30
N SER B 28 -10.88 0.84 -2.48
CA SER B 28 -12.20 1.01 -1.86
C SER B 28 -12.11 1.95 -0.65
N LEU B 29 -13.22 2.64 -0.37
CA LEU B 29 -13.26 3.57 0.76
C LEU B 29 -13.05 2.81 2.09
N THR B 30 -13.67 1.65 2.20
CA THR B 30 -13.55 0.85 3.41
C THR B 30 -12.09 0.46 3.66
N THR B 31 -11.41 0.06 2.59
CA THR B 31 -10.01 -0.33 2.71
C THR B 31 -9.16 0.87 3.13
N TRP B 32 -9.52 2.06 2.64
CA TRP B 32 -8.78 3.28 3.01
C TRP B 32 -8.79 3.45 4.54
N LEU B 33 -9.95 3.27 5.15
CA LEU B 33 -10.06 3.44 6.60
C LEU B 33 -9.15 2.45 7.32
N LEU B 34 -9.21 1.18 6.92
CA LEU B 34 -8.36 0.17 7.53
C LEU B 34 -6.88 0.44 7.20
N TYR B 35 -6.63 0.87 5.97
CA TYR B 35 -5.26 1.15 5.55
C TYR B 35 -4.65 2.22 6.44
N SER B 36 -5.44 3.23 6.78
CA SER B 36 -4.96 4.31 7.63
C SER B 36 -4.52 3.78 8.99
N PHE B 37 -5.34 2.91 9.57
CA PHE B 37 -5.02 2.33 10.87
C PHE B 37 -3.75 1.48 10.79
N ILE B 38 -3.61 0.72 9.72
CA ILE B 38 -2.43 -0.15 9.55
C ILE B 38 -1.17 0.71 9.49
N ALA B 39 -1.21 1.80 8.73
CA ALA B 39 -0.05 2.68 8.61
C ALA B 39 0.32 3.27 9.97
N LEU B 40 -0.69 3.77 10.68
CA LEU B 40 -0.48 4.35 11.99
C LEU B 40 -0.04 3.29 12.99
N LEU B 41 -0.55 2.07 12.83
CA LEU B 41 -0.22 0.98 13.75
C LEU B 41 1.28 0.74 13.78
N TRP B 42 1.90 0.67 12.61
CA TRP B 42 3.34 0.44 12.56
C TRP B 42 4.09 1.64 13.12
N THR B 43 3.59 2.84 12.84
CA THR B 43 4.24 4.05 13.32
C THR B 43 4.25 4.07 14.86
N ILE B 44 3.11 3.73 15.45
CA ILE B 44 2.99 3.70 16.90
C ILE B 44 3.93 2.66 17.50
N TYR B 45 4.02 1.50 16.87
CA TYR B 45 4.88 0.44 17.39
C TYR B 45 6.33 0.92 17.53
N GLY B 46 6.83 1.60 16.51
CA GLY B 46 8.22 2.09 16.57
C GLY B 46 8.40 3.05 17.75
N ILE B 47 7.54 4.06 17.83
CA ILE B 47 7.62 5.06 18.90
C ILE B 47 7.24 4.47 20.26
N TYR B 48 6.15 3.71 20.29
CA TYR B 48 5.66 3.12 21.52
C TYR B 48 6.67 2.14 22.11
N HIS B 49 7.30 1.35 21.23
CA HIS B 49 8.28 0.38 21.66
C HIS B 49 9.64 1.03 21.84
N LYS B 50 9.69 2.36 21.75
CA LYS B 50 10.95 3.06 21.90
C LYS B 50 11.98 2.45 20.98
N ASN B 51 11.59 2.26 19.72
CA ASN B 51 12.46 1.67 18.72
C ASN B 51 13.01 2.74 17.80
N PRO B 52 14.05 2.44 17.07
CA PRO B 52 14.65 3.45 16.18
C PRO B 52 13.55 4.12 15.34
N THR B 53 13.75 5.40 15.15
CA THR B 53 12.83 6.24 14.42
C THR B 53 12.44 5.65 13.06
N ILE B 54 13.12 4.59 12.62
CA ILE B 54 12.87 4.03 11.28
C ILE B 54 11.38 3.92 10.99
N TRP B 55 10.60 3.61 11.99
CA TRP B 55 9.16 3.50 11.79
C TRP B 55 8.56 4.85 11.38
N VAL B 56 9.19 5.93 11.84
CA VAL B 56 8.70 7.28 11.54
C VAL B 56 8.41 7.43 10.04
N GLY B 57 9.17 6.72 9.21
CA GLY B 57 8.95 6.80 7.78
C GLY B 57 7.51 6.46 7.42
N ASN B 58 6.84 5.73 8.31
CA ASN B 58 5.44 5.36 8.08
C ASN B 58 4.58 6.63 8.02
N CYS B 59 4.96 7.64 8.78
CA CYS B 59 4.21 8.89 8.80
C CYS B 59 4.15 9.51 7.40
N LEU B 60 5.28 9.49 6.72
CA LEU B 60 5.36 10.03 5.37
C LEU B 60 4.48 9.22 4.44
N GLY B 61 4.52 7.90 4.61
CA GLY B 61 3.72 7.01 3.78
C GLY B 61 2.23 7.27 3.99
N PHE B 62 1.85 7.52 5.24
CA PHE B 62 0.46 7.80 5.57
C PHE B 62 -0.02 9.05 4.83
N LEU B 63 0.78 10.10 4.86
CA LEU B 63 0.43 11.34 4.18
C LEU B 63 0.34 11.12 2.67
N MET B 64 1.28 10.36 2.13
CA MET B 64 1.27 10.08 0.69
C MET B 64 0.08 9.20 0.32
N TYR B 65 -0.15 8.16 1.12
CA TYR B 65 -1.24 7.23 0.85
C TYR B 65 -2.61 7.91 0.92
N VAL B 66 -2.84 8.67 1.98
CA VAL B 66 -4.12 9.36 2.14
C VAL B 66 -4.30 10.40 1.06
N ALA B 67 -3.21 11.06 0.68
CA ALA B 67 -3.28 12.09 -0.35
C ALA B 67 -3.79 11.50 -1.66
N MET B 68 -3.33 10.30 -1.98
CA MET B 68 -3.75 9.65 -3.22
C MET B 68 -5.23 9.31 -3.16
N VAL B 69 -5.69 8.83 -2.00
CA VAL B 69 -7.09 8.48 -1.82
C VAL B 69 -7.96 9.72 -1.94
N VAL B 70 -7.52 10.80 -1.31
CA VAL B 70 -8.26 12.06 -1.35
C VAL B 70 -8.42 12.56 -2.79
N GLY B 71 -7.35 12.45 -3.58
CA GLY B 71 -7.40 12.92 -4.96
C GLY B 71 -8.42 12.14 -5.81
N ILE B 72 -8.34 10.81 -5.80
CA ILE B 72 -9.26 9.99 -6.60
C ILE B 72 -10.70 10.06 -6.10
N ILE B 73 -10.87 9.97 -4.79
CA ILE B 73 -12.21 9.99 -4.21
C ILE B 73 -12.85 11.36 -4.42
N ALA B 74 -12.06 12.41 -4.24
CA ALA B 74 -12.56 13.76 -4.42
C ALA B 74 -12.92 14.02 -5.89
N HIS B 75 -12.21 13.35 -6.80
CA HIS B 75 -12.47 13.55 -8.23
C HIS B 75 -13.87 13.03 -8.60
N THR B 76 -14.22 11.85 -8.11
CA THR B 76 -15.55 11.26 -8.41
C THR B 76 -16.48 11.39 -7.21
N GLY B 77 -15.93 11.78 -6.07
CA GLY B 77 -16.70 11.92 -4.85
C GLY B 77 -17.32 10.59 -4.43
N GLY B 78 -17.07 9.56 -5.24
CA GLY B 78 -17.61 8.24 -4.96
C GLY B 78 -16.73 7.16 -5.56
N THR B 79 -16.84 5.94 -5.02
CA THR B 79 -16.07 4.81 -5.52
C THR B 79 -16.88 3.52 -5.40
N TYR B 80 -17.57 3.16 -6.48
CA TYR B 80 -18.39 1.96 -6.49
C TYR B 80 -17.53 0.72 -6.25
N MET A 1 -4.27 -7.86 14.43
CA MET A 1 -4.53 -6.59 13.70
C MET A 1 -4.34 -6.82 12.21
N GLY A 2 -3.26 -7.51 11.86
CA GLY A 2 -2.98 -7.81 10.46
C GLY A 2 -4.07 -8.70 9.87
N LEU A 3 -4.75 -9.45 10.75
CA LEU A 3 -5.81 -10.36 10.32
C LEU A 3 -6.92 -9.57 9.61
N ILE A 4 -7.02 -8.29 9.93
CA ILE A 4 -8.02 -7.42 9.33
C ILE A 4 -7.60 -6.97 7.91
N SER A 5 -6.29 -7.01 7.58
CA SER A 5 -5.83 -6.52 6.27
C SER A 5 -6.19 -7.48 5.10
N PRO A 6 -6.23 -8.79 5.28
CA PRO A 6 -6.70 -9.72 4.19
C PRO A 6 -8.20 -9.53 3.90
N LEU A 7 -8.93 -9.04 4.89
CA LEU A 7 -10.36 -8.81 4.71
C LEU A 7 -10.59 -7.71 3.68
N ALA A 8 -9.73 -6.70 3.69
CA ALA A 8 -9.84 -5.59 2.75
C ALA A 8 -9.42 -6.03 1.35
N THR A 9 -9.05 -7.31 1.20
CA THR A 9 -8.63 -7.84 -0.09
C THR A 9 -9.81 -8.43 -0.88
N MET A 10 -10.89 -8.73 -0.17
CA MET A 10 -12.09 -9.25 -0.78
C MET A 10 -12.59 -8.28 -1.83
N PRO A 11 -12.76 -6.98 -1.53
CA PRO A 11 -13.26 -6.12 -2.61
C PRO A 11 -12.15 -5.43 -3.37
N GLN A 12 -11.02 -5.18 -2.71
CA GLN A 12 -9.91 -4.53 -3.39
C GLN A 12 -9.41 -5.40 -4.52
N LEU A 13 -9.34 -6.71 -4.30
CA LEU A 13 -8.85 -7.61 -5.35
C LEU A 13 -9.75 -7.54 -6.57
N TYR A 14 -11.05 -7.75 -6.38
CA TYR A 14 -12.00 -7.70 -7.48
C TYR A 14 -12.14 -6.26 -7.99
N LYS A 15 -12.29 -5.32 -7.06
CA LYS A 15 -12.44 -3.92 -7.41
C LYS A 15 -11.22 -3.40 -8.17
N LEU A 16 -10.03 -3.78 -7.71
CA LEU A 16 -8.81 -3.31 -8.35
C LEU A 16 -8.75 -3.78 -9.80
N TYR A 17 -8.96 -5.07 -10.01
CA TYR A 17 -8.92 -5.62 -11.36
C TYR A 17 -10.11 -5.10 -12.18
N VAL A 18 -11.29 -5.10 -11.57
CA VAL A 18 -12.51 -4.64 -12.23
C VAL A 18 -12.44 -3.14 -12.50
N SER A 19 -11.95 -2.39 -11.52
CA SER A 19 -11.87 -0.94 -11.65
C SER A 19 -11.04 -0.56 -12.87
N HIS A 20 -9.92 -1.25 -13.06
CA HIS A 20 -9.09 -0.96 -14.22
C HIS A 20 -8.01 -2.03 -14.35
N SER A 21 -7.56 -2.25 -15.59
CA SER A 21 -6.52 -3.24 -15.85
C SER A 21 -5.16 -2.57 -15.94
N GLU A 22 -5.08 -1.47 -16.71
CA GLU A 22 -3.80 -0.76 -16.87
C GLU A 22 -3.56 0.17 -15.68
N HIS A 23 -4.63 0.62 -15.05
CA HIS A 23 -4.55 1.52 -13.89
C HIS A 23 -5.12 0.83 -12.65
N ALA A 24 -5.14 -0.49 -12.67
CA ALA A 24 -5.71 -1.23 -11.54
C ALA A 24 -5.09 -0.77 -10.22
N LEU A 25 -3.76 -0.66 -10.18
CA LEU A 25 -3.07 -0.20 -8.98
C LEU A 25 -2.52 1.21 -9.18
N GLY A 26 -2.27 1.57 -10.44
CA GLY A 26 -1.73 2.89 -10.75
C GLY A 26 -0.35 3.09 -10.10
N LEU A 27 0.42 2.00 -9.97
CA LEU A 27 1.76 2.06 -9.36
C LEU A 27 2.85 1.80 -10.40
N SER A 28 3.97 2.49 -10.23
CA SER A 28 5.10 2.32 -11.14
C SER A 28 5.80 1.00 -10.86
N LEU A 29 6.39 0.42 -11.91
CA LEU A 29 7.08 -0.85 -11.78
C LEU A 29 8.27 -0.72 -10.83
N THR A 30 9.00 0.38 -10.95
CA THR A 30 10.15 0.60 -10.08
C THR A 30 9.71 0.71 -8.63
N THR A 31 8.65 1.50 -8.39
CA THR A 31 8.15 1.69 -7.04
C THR A 31 7.68 0.36 -6.47
N TRP A 32 7.10 -0.48 -7.32
CA TRP A 32 6.62 -1.79 -6.88
C TRP A 32 7.79 -2.60 -6.31
N LEU A 33 8.92 -2.58 -6.99
CA LEU A 33 10.07 -3.35 -6.53
C LEU A 33 10.49 -2.90 -5.14
N LEU A 34 10.66 -1.60 -4.96
CA LEU A 34 11.05 -1.08 -3.66
C LEU A 34 9.97 -1.34 -2.63
N TYR A 35 8.72 -1.12 -3.01
CA TYR A 35 7.59 -1.32 -2.10
C TYR A 35 7.51 -2.80 -1.67
N SER A 36 7.59 -3.70 -2.64
CA SER A 36 7.52 -5.13 -2.36
C SER A 36 8.68 -5.54 -1.45
N PHE A 37 9.85 -4.94 -1.68
CA PHE A 37 11.03 -5.24 -0.89
C PHE A 37 10.78 -4.92 0.58
N ILE A 38 10.18 -3.77 0.85
CA ILE A 38 9.91 -3.36 2.22
C ILE A 38 8.97 -4.37 2.89
N ALA A 39 7.94 -4.78 2.18
CA ALA A 39 6.98 -5.73 2.73
C ALA A 39 7.69 -7.04 3.09
N LEU A 40 8.57 -7.51 2.21
CA LEU A 40 9.29 -8.76 2.48
C LEU A 40 10.18 -8.65 3.71
N LEU A 41 11.00 -7.59 3.75
CA LEU A 41 11.90 -7.38 4.88
C LEU A 41 11.10 -7.09 6.15
N TRP A 42 10.03 -6.32 6.02
CA TRP A 42 9.22 -5.98 7.17
C TRP A 42 8.64 -7.25 7.79
N THR A 43 8.19 -8.17 6.96
CA THR A 43 7.62 -9.42 7.44
C THR A 43 8.66 -10.23 8.22
N ILE A 44 9.86 -10.32 7.67
CA ILE A 44 10.95 -11.06 8.32
C ILE A 44 11.30 -10.41 9.65
N TYR A 45 11.37 -9.08 9.66
CA TYR A 45 11.69 -8.35 10.87
C TYR A 45 10.66 -8.64 11.96
N GLY A 46 9.39 -8.69 11.58
CA GLY A 46 8.36 -8.95 12.56
C GLY A 46 8.63 -10.30 13.26
N ILE A 47 8.87 -11.34 12.46
CA ILE A 47 9.15 -12.66 13.01
C ILE A 47 10.49 -12.72 13.74
N TYR A 48 11.53 -12.21 13.11
CA TYR A 48 12.87 -12.24 13.69
C TYR A 48 12.95 -11.42 14.97
N HIS A 49 12.27 -10.29 15.00
CA HIS A 49 12.27 -9.42 16.16
C HIS A 49 11.28 -9.90 17.22
N LYS A 50 10.74 -11.10 17.03
CA LYS A 50 9.77 -11.65 17.98
C LYS A 50 8.72 -10.61 18.32
N ASN A 51 8.04 -10.14 17.28
CA ASN A 51 7.03 -9.10 17.41
C ASN A 51 5.66 -9.70 17.32
N PRO A 52 4.65 -8.97 17.74
CA PRO A 52 3.27 -9.50 17.70
C PRO A 52 3.03 -10.28 16.41
N THR A 53 2.29 -11.35 16.54
CA THR A 53 2.00 -12.23 15.44
C THR A 53 1.61 -11.45 14.16
N ILE A 54 1.34 -10.16 14.32
CA ILE A 54 0.90 -9.32 13.21
C ILE A 54 1.72 -9.60 11.96
N TRP A 55 2.94 -10.07 12.15
CA TRP A 55 3.78 -10.38 11.00
C TRP A 55 3.06 -11.35 10.08
N VAL A 56 2.25 -12.23 10.65
CA VAL A 56 1.53 -13.22 9.86
C VAL A 56 0.65 -12.53 8.83
N GLY A 57 -0.07 -11.51 9.25
CA GLY A 57 -0.94 -10.78 8.33
C GLY A 57 -0.11 -10.08 7.27
N ASN A 58 1.09 -9.63 7.66
CA ASN A 58 1.98 -8.95 6.73
C ASN A 58 2.37 -9.88 5.58
N CYS A 59 2.49 -11.16 5.89
CA CYS A 59 2.86 -12.15 4.88
C CYS A 59 1.84 -12.15 3.74
N LEU A 60 0.57 -12.10 4.10
CA LEU A 60 -0.50 -12.08 3.11
C LEU A 60 -0.41 -10.80 2.28
N GLY A 61 -0.10 -9.70 2.95
CA GLY A 61 0.00 -8.42 2.26
C GLY A 61 1.02 -8.50 1.14
N PHE A 62 2.18 -9.07 1.43
CA PHE A 62 3.23 -9.19 0.43
C PHE A 62 2.70 -9.96 -0.78
N LEU A 63 2.08 -11.10 -0.52
CA LEU A 63 1.55 -11.92 -1.60
C LEU A 63 0.44 -11.17 -2.33
N MET A 64 -0.39 -10.46 -1.57
CA MET A 64 -1.48 -9.71 -2.17
C MET A 64 -0.94 -8.65 -3.14
N TYR A 65 0.08 -7.91 -2.71
CA TYR A 65 0.64 -6.87 -3.56
C TYR A 65 1.20 -7.49 -4.85
N VAL A 66 1.82 -8.64 -4.72
CA VAL A 66 2.40 -9.32 -5.88
C VAL A 66 1.31 -9.65 -6.91
N ALA A 67 0.17 -10.13 -6.43
CA ALA A 67 -0.92 -10.48 -7.34
C ALA A 67 -1.50 -9.23 -8.01
N MET A 68 -1.65 -8.15 -7.24
CA MET A 68 -2.23 -6.90 -7.76
C MET A 68 -1.29 -6.20 -8.75
N VAL A 69 -0.02 -6.09 -8.37
CA VAL A 69 0.97 -5.43 -9.24
C VAL A 69 1.19 -6.26 -10.50
N VAL A 70 1.23 -7.58 -10.34
CA VAL A 70 1.42 -8.48 -11.46
C VAL A 70 0.24 -8.35 -12.43
N GLY A 71 -0.95 -8.14 -11.90
CA GLY A 71 -2.13 -8.01 -12.75
C GLY A 71 -2.01 -6.79 -13.66
N ILE A 72 -1.75 -5.63 -13.09
CA ILE A 72 -1.61 -4.42 -13.90
C ILE A 72 -0.33 -4.46 -14.73
N ILE A 73 0.77 -4.90 -14.12
CA ILE A 73 2.05 -4.99 -14.82
C ILE A 73 1.96 -5.97 -15.99
N ALA A 74 1.36 -7.13 -15.74
CA ALA A 74 1.22 -8.13 -16.80
C ALA A 74 0.23 -7.66 -17.87
N HIS A 75 -0.70 -6.80 -17.48
CA HIS A 75 -1.69 -6.31 -18.42
C HIS A 75 -1.04 -5.46 -19.51
N THR A 76 -0.15 -4.56 -19.11
CA THR A 76 0.54 -3.68 -20.07
C THR A 76 1.97 -4.16 -20.28
N GLY A 77 2.42 -5.07 -19.42
CA GLY A 77 3.78 -5.60 -19.49
C GLY A 77 4.81 -4.50 -19.28
N GLY A 78 4.32 -3.27 -19.13
CA GLY A 78 5.19 -2.12 -18.92
C GLY A 78 4.47 -1.01 -18.14
N THR A 79 5.25 -0.14 -17.51
CA THR A 79 4.67 0.97 -16.75
C THR A 79 5.62 2.17 -16.77
N TYR A 80 5.06 3.36 -16.93
CA TYR A 80 5.86 4.58 -16.97
C TYR A 80 4.97 5.81 -16.86
N MET B 1 15.48 2.50 6.49
CA MET B 1 14.79 1.68 5.45
C MET B 1 13.55 2.41 4.97
N GLY B 2 12.79 2.95 5.92
CA GLY B 2 11.57 3.69 5.58
C GLY B 2 11.91 4.94 4.77
N LEU B 3 13.15 5.43 4.93
CA LEU B 3 13.62 6.62 4.22
C LEU B 3 13.54 6.40 2.72
N ILE B 4 13.59 5.14 2.31
CA ILE B 4 13.50 4.78 0.89
C ILE B 4 12.04 4.83 0.38
N SER B 5 11.04 4.71 1.26
CA SER B 5 9.64 4.69 0.82
C SER B 5 9.12 6.06 0.34
N PRO B 6 9.55 7.19 0.89
CA PRO B 6 9.14 8.53 0.35
C PRO B 6 9.73 8.78 -1.05
N LEU B 7 10.84 8.11 -1.35
CA LEU B 7 11.48 8.26 -2.65
C LEU B 7 10.57 7.70 -3.74
N ALA B 8 9.88 6.60 -3.43
CA ALA B 8 8.97 5.97 -4.39
C ALA B 8 7.71 6.81 -4.57
N THR B 9 7.64 7.95 -3.87
CA THR B 9 6.47 8.84 -3.95
C THR B 9 6.65 9.91 -5.04
N MET B 10 7.90 10.12 -5.45
CA MET B 10 8.20 11.08 -6.49
C MET B 10 7.48 10.69 -7.76
N PRO B 11 7.54 9.43 -8.24
CA PRO B 11 6.80 9.16 -9.48
C PRO B 11 5.41 8.61 -9.21
N GLN B 12 5.25 7.90 -8.11
CA GLN B 12 3.94 7.34 -7.80
C GLN B 12 2.92 8.46 -7.60
N LEU B 13 3.32 9.55 -6.95
CA LEU B 13 2.40 10.65 -6.73
C LEU B 13 1.93 11.23 -8.06
N TYR B 14 2.88 11.61 -8.91
CA TYR B 14 2.54 12.17 -10.21
C TYR B 14 1.91 11.10 -11.12
N LYS B 15 2.55 9.93 -11.14
CA LYS B 15 2.07 8.82 -11.96
C LYS B 15 0.67 8.40 -11.54
N LEU B 16 0.44 8.32 -10.24
CA LEU B 16 -0.87 7.89 -9.76
C LEU B 16 -1.97 8.85 -10.23
N TYR B 17 -1.75 10.13 -10.01
CA TYR B 17 -2.72 11.13 -10.42
C TYR B 17 -2.80 11.23 -11.95
N VAL B 18 -1.63 11.22 -12.59
CA VAL B 18 -1.56 11.30 -14.05
C VAL B 18 -2.11 10.03 -14.69
N SER B 19 -1.77 8.89 -14.11
CA SER B 19 -2.22 7.61 -14.66
C SER B 19 -3.73 7.56 -14.73
N HIS B 20 -4.38 8.03 -13.68
CA HIS B 20 -5.84 8.03 -13.68
C HIS B 20 -6.35 8.84 -12.49
N SER B 21 -7.55 9.40 -12.64
CA SER B 21 -8.15 10.18 -11.57
C SER B 21 -9.15 9.34 -10.79
N GLU B 22 -10.03 8.63 -11.50
CA GLU B 22 -11.02 7.78 -10.84
C GLU B 22 -10.42 6.44 -10.43
N HIS B 23 -9.38 6.02 -11.15
CA HIS B 23 -8.69 4.76 -10.85
C HIS B 23 -7.25 5.02 -10.46
N ALA B 24 -6.98 6.22 -9.98
CA ALA B 24 -5.61 6.58 -9.62
C ALA B 24 -5.02 5.55 -8.67
N LEU B 25 -5.77 5.17 -7.64
CA LEU B 25 -5.31 4.15 -6.69
C LEU B 25 -6.06 2.85 -6.88
N GLY B 26 -7.28 2.94 -7.41
CA GLY B 26 -8.10 1.77 -7.64
C GLY B 26 -8.42 1.05 -6.32
N LEU B 27 -8.56 1.84 -5.23
CA LEU B 27 -8.85 1.28 -3.89
C LEU B 27 -10.24 1.69 -3.43
N SER B 28 -10.90 0.78 -2.72
CA SER B 28 -12.23 1.04 -2.19
C SER B 28 -12.16 2.00 -1.01
N LEU B 29 -13.20 2.79 -0.83
CA LEU B 29 -13.25 3.75 0.27
C LEU B 29 -13.20 3.03 1.61
N THR B 30 -13.93 1.94 1.71
CA THR B 30 -13.95 1.18 2.95
C THR B 30 -12.57 0.62 3.26
N THR B 31 -11.94 0.03 2.25
CA THR B 31 -10.61 -0.54 2.42
C THR B 31 -9.62 0.54 2.83
N TRP B 32 -9.79 1.73 2.28
CA TRP B 32 -8.91 2.85 2.60
C TRP B 32 -8.96 3.13 4.11
N LEU B 33 -10.16 3.14 4.67
CA LEU B 33 -10.30 3.43 6.09
C LEU B 33 -9.53 2.41 6.92
N LEU B 34 -9.75 1.13 6.65
CA LEU B 34 -9.04 0.09 7.38
C LEU B 34 -7.55 0.16 7.12
N TYR B 35 -7.17 0.36 5.86
CA TYR B 35 -5.77 0.44 5.49
C TYR B 35 -5.08 1.62 6.18
N SER B 36 -5.72 2.78 6.12
CA SER B 36 -5.17 3.98 6.74
C SER B 36 -5.03 3.78 8.25
N PHE B 37 -6.01 3.09 8.83
CA PHE B 37 -6.00 2.83 10.27
C PHE B 37 -4.77 2.03 10.66
N ILE B 38 -4.44 1.01 9.86
CA ILE B 38 -3.27 0.18 10.16
C ILE B 38 -2.00 1.02 10.12
N ALA B 39 -1.89 1.87 9.11
CA ALA B 39 -0.71 2.72 8.98
C ALA B 39 -0.55 3.62 10.20
N LEU B 40 -1.66 4.20 10.67
CA LEU B 40 -1.63 5.09 11.83
C LEU B 40 -1.18 4.34 13.08
N LEU B 41 -1.84 3.21 13.35
CA LEU B 41 -1.50 2.40 14.53
C LEU B 41 -0.10 1.83 14.39
N TRP B 42 0.26 1.40 13.19
CA TRP B 42 1.58 0.83 12.97
C TRP B 42 2.66 1.84 13.30
N THR B 43 2.44 3.08 12.88
CA THR B 43 3.40 4.15 13.14
C THR B 43 3.59 4.37 14.64
N ILE B 44 2.48 4.42 15.36
CA ILE B 44 2.52 4.63 16.81
C ILE B 44 3.25 3.47 17.48
N TYR B 45 2.94 2.25 17.04
CA TYR B 45 3.56 1.06 17.61
C TYR B 45 5.08 1.13 17.42
N GLY B 46 5.52 1.57 16.25
CA GLY B 46 6.95 1.65 16.00
C GLY B 46 7.61 2.54 17.05
N ILE B 47 7.05 3.74 17.26
CA ILE B 47 7.60 4.67 18.24
C ILE B 47 7.42 4.18 19.68
N TYR B 48 6.20 3.74 20.01
CA TYR B 48 5.90 3.28 21.36
C TYR B 48 6.71 2.05 21.73
N HIS B 49 6.90 1.14 20.77
CA HIS B 49 7.64 -0.08 21.01
C HIS B 49 9.14 0.16 20.90
N LYS B 50 9.55 1.43 20.83
CA LYS B 50 10.97 1.76 20.74
C LYS B 50 11.63 0.90 19.67
N ASN B 51 11.11 1.01 18.47
CA ASN B 51 11.59 0.22 17.32
C ASN B 51 12.42 1.08 16.42
N PRO B 52 13.18 0.46 15.56
CA PRO B 52 14.05 1.24 14.65
C PRO B 52 13.32 2.47 14.12
N THR B 53 14.08 3.53 14.01
CA THR B 53 13.55 4.80 13.56
C THR B 53 12.61 4.66 12.37
N ILE B 54 12.62 3.49 11.74
CA ILE B 54 11.82 3.24 10.53
C ILE B 54 10.42 3.80 10.70
N TRP B 55 9.97 3.91 11.93
CA TRP B 55 8.64 4.45 12.17
C TRP B 55 8.51 5.83 11.51
N VAL B 56 9.61 6.56 11.48
CA VAL B 56 9.59 7.90 10.90
C VAL B 56 9.14 7.85 9.45
N GLY B 57 9.70 6.91 8.70
CA GLY B 57 9.32 6.76 7.29
C GLY B 57 7.85 6.36 7.18
N ASN B 58 7.39 5.58 8.14
CA ASN B 58 6.00 5.13 8.15
C ASN B 58 5.06 6.32 8.26
N CYS B 59 5.48 7.34 8.99
CA CYS B 59 4.67 8.54 9.17
C CYS B 59 4.34 9.17 7.81
N LEU B 60 5.36 9.25 6.96
CA LEU B 60 5.18 9.83 5.64
C LEU B 60 4.22 8.96 4.82
N GLY B 61 4.36 7.65 4.97
CA GLY B 61 3.50 6.73 4.24
C GLY B 61 2.03 7.01 4.53
N PHE B 62 1.70 7.19 5.81
CA PHE B 62 0.33 7.47 6.20
C PHE B 62 -0.17 8.73 5.51
N LEU B 63 0.62 9.79 5.56
CA LEU B 63 0.24 11.05 4.93
C LEU B 63 0.15 10.86 3.42
N MET B 64 1.08 10.11 2.86
CA MET B 64 1.08 9.86 1.42
C MET B 64 -0.21 9.16 0.99
N TYR B 65 -0.60 8.12 1.72
CA TYR B 65 -1.81 7.40 1.36
C TYR B 65 -3.02 8.32 1.42
N VAL B 66 -3.05 9.20 2.42
CA VAL B 66 -4.17 10.13 2.57
C VAL B 66 -4.28 11.03 1.34
N ALA B 67 -3.15 11.52 0.86
CA ALA B 67 -3.17 12.40 -0.32
C ALA B 67 -3.62 11.64 -1.57
N MET B 68 -3.15 10.40 -1.72
CA MET B 68 -3.47 9.59 -2.91
C MET B 68 -4.94 9.14 -2.90
N VAL B 69 -5.41 8.63 -1.76
CA VAL B 69 -6.79 8.16 -1.64
C VAL B 69 -7.74 9.34 -1.76
N VAL B 70 -7.37 10.47 -1.14
CA VAL B 70 -8.19 11.67 -1.20
C VAL B 70 -8.31 12.15 -2.64
N GLY B 71 -7.23 12.01 -3.42
CA GLY B 71 -7.26 12.45 -4.81
C GLY B 71 -8.30 11.67 -5.61
N ILE B 72 -8.23 10.34 -5.57
CA ILE B 72 -9.20 9.52 -6.30
C ILE B 72 -10.59 9.62 -5.67
N ILE B 73 -10.64 9.58 -4.33
CA ILE B 73 -11.91 9.66 -3.63
C ILE B 73 -12.58 11.00 -3.89
N ALA B 74 -11.83 12.07 -3.81
CA ALA B 74 -12.38 13.40 -4.05
C ALA B 74 -12.75 13.58 -5.51
N HIS B 75 -12.08 12.85 -6.39
CA HIS B 75 -12.35 12.95 -7.82
C HIS B 75 -13.76 12.48 -8.14
N THR B 76 -14.13 11.32 -7.59
CA THR B 76 -15.48 10.76 -7.83
C THR B 76 -16.37 10.97 -6.62
N GLY B 77 -15.76 11.37 -5.51
CA GLY B 77 -16.49 11.62 -4.27
C GLY B 77 -17.15 10.34 -3.77
N GLY B 78 -16.99 9.27 -4.55
CA GLY B 78 -17.56 7.98 -4.19
C GLY B 78 -16.76 6.83 -4.80
N THR B 79 -16.87 5.64 -4.21
CA THR B 79 -16.16 4.46 -4.72
C THR B 79 -16.96 3.20 -4.43
N TYR B 80 -17.01 2.29 -5.40
CA TYR B 80 -17.75 1.04 -5.24
C TYR B 80 -17.40 0.07 -6.36
N MET A 1 -2.54 -6.78 13.50
CA MET A 1 -3.01 -5.82 12.45
C MET A 1 -3.01 -6.52 11.11
N GLY A 2 -1.94 -7.27 10.84
CA GLY A 2 -1.82 -7.99 9.58
C GLY A 2 -2.79 -9.17 9.53
N LEU A 3 -3.37 -9.49 10.67
CA LEU A 3 -4.36 -10.58 10.76
C LEU A 3 -5.72 -10.15 10.22
N ILE A 4 -6.06 -8.90 10.50
CA ILE A 4 -7.34 -8.29 10.09
C ILE A 4 -7.24 -7.59 8.73
N SER A 5 -6.02 -7.24 8.33
CA SER A 5 -5.83 -6.54 7.07
C SER A 5 -6.07 -7.44 5.85
N PRO A 6 -5.86 -8.73 5.97
CA PRO A 6 -6.13 -9.68 4.87
C PRO A 6 -7.59 -9.64 4.44
N LEU A 7 -8.47 -9.25 5.36
CA LEU A 7 -9.91 -9.19 5.06
C LEU A 7 -10.17 -8.14 3.99
N ALA A 8 -9.39 -7.08 4.00
CA ALA A 8 -9.54 -6.00 3.03
C ALA A 8 -9.27 -6.52 1.61
N THR A 9 -9.01 -7.81 1.50
CA THR A 9 -8.73 -8.42 0.20
C THR A 9 -10.01 -8.85 -0.50
N MET A 10 -11.11 -8.91 0.24
CA MET A 10 -12.39 -9.32 -0.33
C MET A 10 -12.80 -8.35 -1.40
N PRO A 11 -12.79 -7.05 -1.15
CA PRO A 11 -13.18 -6.11 -2.21
C PRO A 11 -11.97 -5.57 -2.96
N GLN A 12 -10.84 -5.39 -2.28
CA GLN A 12 -9.64 -4.87 -2.93
C GLN A 12 -9.20 -5.82 -4.04
N LEU A 13 -9.25 -7.13 -3.77
CA LEU A 13 -8.85 -8.09 -4.79
C LEU A 13 -9.73 -7.96 -6.02
N TYR A 14 -11.05 -8.02 -5.81
CA TYR A 14 -11.99 -7.90 -6.93
C TYR A 14 -11.96 -6.49 -7.48
N LYS A 15 -12.00 -5.51 -6.60
CA LYS A 15 -12.00 -4.11 -7.02
C LYS A 15 -10.74 -3.75 -7.77
N LEU A 16 -9.62 -4.23 -7.30
CA LEU A 16 -8.35 -3.94 -7.94
C LEU A 16 -8.33 -4.42 -9.38
N TYR A 17 -8.87 -5.61 -9.61
CA TYR A 17 -8.91 -6.19 -10.95
C TYR A 17 -10.15 -5.73 -11.71
N VAL A 18 -11.28 -5.72 -11.03
CA VAL A 18 -12.55 -5.33 -11.65
C VAL A 18 -12.54 -3.85 -12.03
N SER A 19 -12.04 -3.01 -11.13
CA SER A 19 -12.03 -1.57 -11.38
C SER A 19 -11.28 -1.26 -12.66
N HIS A 20 -10.14 -1.94 -12.86
CA HIS A 20 -9.36 -1.72 -14.06
C HIS A 20 -8.25 -2.77 -14.17
N SER A 21 -7.35 -2.58 -15.13
CA SER A 21 -6.23 -3.50 -15.31
C SER A 21 -4.96 -2.75 -15.67
N GLU A 22 -5.06 -1.84 -16.64
CA GLU A 22 -3.90 -1.06 -17.06
C GLU A 22 -3.67 0.14 -16.15
N HIS A 23 -4.77 0.67 -15.60
CA HIS A 23 -4.70 1.82 -14.70
C HIS A 23 -5.21 1.46 -13.30
N ALA A 24 -5.17 0.17 -12.97
CA ALA A 24 -5.67 -0.27 -11.67
C ALA A 24 -4.98 0.50 -10.54
N LEU A 25 -3.66 0.60 -10.63
CA LEU A 25 -2.89 1.35 -9.63
C LEU A 25 -2.35 2.65 -10.20
N GLY A 26 -2.10 2.65 -11.50
CA GLY A 26 -1.58 3.84 -12.15
C GLY A 26 -0.20 4.21 -11.60
N LEU A 27 0.58 3.19 -11.23
CA LEU A 27 1.93 3.42 -10.68
C LEU A 27 2.98 2.76 -11.56
N SER A 28 4.18 3.33 -11.55
CA SER A 28 5.29 2.80 -12.34
C SER A 28 5.81 1.50 -11.73
N LEU A 29 6.43 0.67 -12.56
CA LEU A 29 6.97 -0.61 -12.11
C LEU A 29 7.97 -0.38 -10.97
N THR A 30 8.62 0.77 -11.00
CA THR A 30 9.62 1.09 -9.96
C THR A 30 8.96 1.08 -8.58
N THR A 31 7.75 1.62 -8.51
CA THR A 31 7.03 1.67 -7.24
C THR A 31 6.69 0.27 -6.76
N TRP A 32 6.33 -0.61 -7.70
CA TRP A 32 5.99 -1.97 -7.35
C TRP A 32 7.17 -2.67 -6.68
N LEU A 33 8.35 -2.50 -7.26
CA LEU A 33 9.53 -3.14 -6.71
C LEU A 33 9.84 -2.62 -5.31
N LEU A 34 9.71 -1.32 -5.13
CA LEU A 34 9.97 -0.70 -3.85
C LEU A 34 9.00 -1.21 -2.79
N TYR A 35 7.74 -1.33 -3.17
CA TYR A 35 6.72 -1.82 -2.24
C TYR A 35 7.04 -3.24 -1.79
N SER A 36 7.45 -4.08 -2.74
CA SER A 36 7.77 -5.46 -2.41
C SER A 36 8.91 -5.52 -1.39
N PHE A 37 9.85 -4.60 -1.53
CA PHE A 37 10.98 -4.54 -0.60
C PHE A 37 10.51 -4.16 0.79
N ILE A 38 9.57 -3.23 0.85
CA ILE A 38 9.07 -2.77 2.15
C ILE A 38 8.51 -3.94 2.95
N ALA A 39 7.69 -4.76 2.30
CA ALA A 39 7.11 -5.92 2.99
C ALA A 39 8.21 -6.90 3.38
N LEU A 40 9.14 -7.14 2.46
CA LEU A 40 10.22 -8.07 2.72
C LEU A 40 11.14 -7.54 3.82
N LEU A 41 11.38 -6.25 3.80
CA LEU A 41 12.27 -5.65 4.78
C LEU A 41 11.75 -5.88 6.19
N TRP A 42 10.45 -5.73 6.37
CA TRP A 42 9.84 -5.94 7.68
C TRP A 42 10.03 -7.37 8.13
N THR A 43 9.86 -8.30 7.20
CA THR A 43 10.01 -9.72 7.52
C THR A 43 11.44 -10.03 8.00
N ILE A 44 12.42 -9.46 7.32
CA ILE A 44 13.82 -9.69 7.69
C ILE A 44 14.08 -9.17 9.11
N TYR A 45 13.56 -8.00 9.41
CA TYR A 45 13.76 -7.40 10.72
C TYR A 45 13.29 -8.34 11.82
N GLY A 46 12.11 -8.92 11.64
CA GLY A 46 11.56 -9.85 12.62
C GLY A 46 12.39 -11.12 12.70
N ILE A 47 12.88 -11.57 11.55
CA ILE A 47 13.69 -12.78 11.49
C ILE A 47 14.95 -12.62 12.33
N TYR A 48 15.43 -11.40 12.46
CA TYR A 48 16.64 -11.14 13.23
C TYR A 48 16.53 -11.78 14.61
N HIS A 49 15.35 -11.72 15.20
CA HIS A 49 15.12 -12.29 16.52
C HIS A 49 14.74 -13.77 16.41
N LYS A 50 14.91 -14.33 15.22
CA LYS A 50 14.57 -15.71 14.97
C LYS A 50 13.14 -16.00 15.38
N ASN A 51 12.29 -14.98 15.27
CA ASN A 51 10.87 -15.15 15.56
C ASN A 51 10.09 -13.94 15.04
N PRO A 52 9.85 -13.87 13.77
CA PRO A 52 9.11 -12.72 13.17
C PRO A 52 7.59 -12.84 13.37
N THR A 53 7.00 -11.81 13.95
CA THR A 53 5.54 -11.77 14.14
C THR A 53 4.82 -11.39 12.85
N ILE A 54 5.31 -10.33 12.23
CA ILE A 54 4.75 -9.81 10.99
C ILE A 54 4.77 -10.86 9.90
N TRP A 55 5.66 -11.85 10.04
CA TRP A 55 5.80 -12.89 9.03
C TRP A 55 4.45 -13.50 8.72
N VAL A 56 3.61 -13.65 9.73
CA VAL A 56 2.30 -14.25 9.52
C VAL A 56 1.47 -13.38 8.57
N GLY A 57 1.40 -12.09 8.86
CA GLY A 57 0.66 -11.16 8.01
C GLY A 57 1.42 -10.83 6.73
N ASN A 58 2.75 -10.89 6.82
CA ASN A 58 3.59 -10.58 5.68
C ASN A 58 3.35 -11.55 4.53
N CYS A 59 3.14 -12.82 4.87
CA CYS A 59 2.91 -13.84 3.87
C CYS A 59 1.68 -13.48 3.04
N LEU A 60 0.58 -13.16 3.71
CA LEU A 60 -0.64 -12.78 3.02
C LEU A 60 -0.47 -11.46 2.29
N GLY A 61 0.19 -10.51 2.95
CA GLY A 61 0.40 -9.20 2.34
C GLY A 61 1.26 -9.30 1.09
N PHE A 62 2.40 -9.96 1.22
CA PHE A 62 3.31 -10.12 0.09
C PHE A 62 2.66 -10.93 -1.02
N LEU A 63 2.05 -12.05 -0.64
CA LEU A 63 1.40 -12.91 -1.62
C LEU A 63 0.25 -12.20 -2.31
N MET A 64 -0.61 -11.57 -1.53
CA MET A 64 -1.75 -10.85 -2.09
C MET A 64 -1.30 -9.61 -2.84
N TYR A 65 -0.36 -8.87 -2.25
CA TYR A 65 0.13 -7.64 -2.86
C TYR A 65 0.81 -7.91 -4.19
N VAL A 66 1.75 -8.84 -4.19
CA VAL A 66 2.48 -9.17 -5.42
C VAL A 66 1.54 -9.79 -6.45
N ALA A 67 0.68 -10.70 -6.00
CA ALA A 67 -0.24 -11.36 -6.91
C ALA A 67 -1.20 -10.36 -7.53
N MET A 68 -1.69 -9.42 -6.72
CA MET A 68 -2.62 -8.41 -7.20
C MET A 68 -1.92 -7.41 -8.13
N VAL A 69 -0.75 -6.96 -7.70
CA VAL A 69 0.01 -5.99 -8.48
C VAL A 69 0.45 -6.62 -9.81
N VAL A 70 0.90 -7.86 -9.75
CA VAL A 70 1.34 -8.56 -10.95
C VAL A 70 0.17 -8.76 -11.90
N GLY A 71 -1.01 -9.04 -11.35
CA GLY A 71 -2.18 -9.28 -12.17
C GLY A 71 -2.47 -8.09 -13.09
N ILE A 72 -2.51 -6.90 -12.52
CA ILE A 72 -2.77 -5.70 -13.30
C ILE A 72 -1.60 -5.39 -14.25
N ILE A 73 -0.38 -5.54 -13.74
CA ILE A 73 0.80 -5.28 -14.52
C ILE A 73 0.90 -6.26 -15.68
N ALA A 74 0.65 -7.52 -15.40
CA ALA A 74 0.73 -8.55 -16.43
C ALA A 74 -0.34 -8.35 -17.49
N HIS A 75 -1.45 -7.73 -17.09
CA HIS A 75 -2.55 -7.51 -18.02
C HIS A 75 -2.11 -6.56 -19.13
N THR A 76 -1.45 -5.47 -18.74
CA THR A 76 -0.97 -4.50 -19.74
C THR A 76 0.52 -4.69 -20.00
N GLY A 77 1.17 -5.47 -19.13
CA GLY A 77 2.60 -5.73 -19.27
C GLY A 77 3.39 -4.42 -19.22
N GLY A 78 2.68 -3.32 -19.07
CA GLY A 78 3.32 -2.00 -19.02
C GLY A 78 2.50 -1.03 -18.19
N THR A 79 3.18 -0.20 -17.41
CA THR A 79 2.49 0.79 -16.58
C THR A 79 2.96 2.19 -16.94
N TYR A 80 2.01 3.07 -17.28
CA TYR A 80 2.33 4.45 -17.64
C TYR A 80 1.93 5.40 -16.52
N MET B 1 13.51 1.62 7.05
CA MET B 1 12.76 1.24 5.81
C MET B 1 11.82 2.38 5.43
N GLY B 2 11.14 2.95 6.43
CA GLY B 2 10.22 4.03 6.17
C GLY B 2 10.97 5.32 5.82
N LEU B 3 12.29 5.30 6.03
CA LEU B 3 13.13 6.45 5.70
C LEU B 3 13.40 6.54 4.20
N ILE B 4 13.58 5.36 3.60
CA ILE B 4 13.87 5.22 2.16
C ILE B 4 12.59 5.08 1.33
N SER B 5 11.51 4.67 1.97
CA SER B 5 10.26 4.47 1.25
C SER B 5 9.61 5.78 0.82
N PRO B 6 9.83 6.87 1.51
CA PRO B 6 9.32 8.19 1.13
C PRO B 6 9.82 8.61 -0.26
N LEU B 7 10.97 8.09 -0.65
CA LEU B 7 11.54 8.43 -1.95
C LEU B 7 10.64 7.93 -3.08
N ALA B 8 9.98 6.81 -2.85
CA ALA B 8 9.08 6.23 -3.84
C ALA B 8 7.91 7.17 -4.12
N THR B 9 7.93 8.34 -3.48
CA THR B 9 6.86 9.32 -3.65
C THR B 9 7.13 10.23 -4.84
N MET B 10 8.36 10.23 -5.35
CA MET B 10 8.72 11.06 -6.48
C MET B 10 7.92 10.66 -7.69
N PRO B 11 7.86 9.39 -8.05
CA PRO B 11 7.06 9.01 -9.20
C PRO B 11 5.65 8.57 -8.82
N GLN B 12 5.51 7.92 -7.65
CA GLN B 12 4.20 7.46 -7.22
C GLN B 12 3.26 8.65 -7.05
N LEU B 13 3.76 9.74 -6.47
CA LEU B 13 2.91 10.91 -6.28
C LEU B 13 2.42 11.44 -7.63
N TYR B 14 3.36 11.66 -8.55
CA TYR B 14 2.99 12.16 -9.87
C TYR B 14 2.25 11.09 -10.65
N LYS B 15 2.77 9.87 -10.61
CA LYS B 15 2.16 8.77 -11.34
C LYS B 15 0.76 8.48 -10.83
N LEU B 16 0.59 8.51 -9.54
CA LEU B 16 -0.71 8.23 -8.96
C LEU B 16 -1.76 9.20 -9.45
N TYR B 17 -1.39 10.47 -9.54
CA TYR B 17 -2.31 11.50 -10.01
C TYR B 17 -2.29 11.63 -11.52
N VAL B 18 -1.10 11.58 -12.11
CA VAL B 18 -0.94 11.71 -13.55
C VAL B 18 -1.54 10.51 -14.29
N SER B 19 -1.28 9.32 -13.77
CA SER B 19 -1.78 8.10 -14.41
C SER B 19 -3.29 8.16 -14.55
N HIS B 20 -3.97 8.62 -13.50
CA HIS B 20 -5.41 8.72 -13.53
C HIS B 20 -5.92 9.48 -12.32
N SER B 21 -7.25 9.49 -12.14
CA SER B 21 -7.85 10.17 -11.00
C SER B 21 -9.02 9.37 -10.44
N GLU B 22 -9.91 8.92 -11.33
CA GLU B 22 -11.07 8.15 -10.89
C GLU B 22 -10.72 6.68 -10.74
N HIS B 23 -9.76 6.20 -11.53
CA HIS B 23 -9.31 4.81 -11.47
C HIS B 23 -7.84 4.72 -11.08
N ALA B 24 -7.34 5.75 -10.40
CA ALA B 24 -5.94 5.76 -10.01
C ALA B 24 -5.60 4.52 -9.21
N LEU B 25 -6.45 4.19 -8.23
CA LEU B 25 -6.25 2.98 -7.41
C LEU B 25 -7.27 1.91 -7.76
N GLY B 26 -8.45 2.34 -8.18
CA GLY B 26 -9.50 1.41 -8.53
C GLY B 26 -9.93 0.60 -7.31
N LEU B 27 -9.89 1.22 -6.13
CA LEU B 27 -10.27 0.54 -4.89
C LEU B 27 -11.44 1.25 -4.22
N SER B 28 -12.24 0.50 -3.48
CA SER B 28 -13.40 1.05 -2.78
C SER B 28 -12.95 1.90 -1.59
N LEU B 29 -13.80 2.83 -1.19
CA LEU B 29 -13.49 3.71 -0.07
C LEU B 29 -13.22 2.89 1.18
N THR B 30 -13.85 1.72 1.27
CA THR B 30 -13.67 0.86 2.42
C THR B 30 -12.20 0.47 2.57
N THR B 31 -11.54 0.19 1.45
CA THR B 31 -10.14 -0.18 1.48
C THR B 31 -9.28 0.98 1.96
N TRP B 32 -9.65 2.19 1.55
CA TRP B 32 -8.89 3.38 1.96
C TRP B 32 -8.90 3.51 3.48
N LEU B 33 -10.07 3.34 4.07
CA LEU B 33 -10.20 3.48 5.51
C LEU B 33 -9.36 2.42 6.23
N LEU B 34 -9.41 1.20 5.73
CA LEU B 34 -8.66 0.11 6.33
C LEU B 34 -7.18 0.37 6.26
N TYR B 35 -6.71 0.87 5.13
CA TYR B 35 -5.30 1.17 4.94
C TYR B 35 -4.85 2.22 5.94
N SER B 36 -5.65 3.26 6.13
CA SER B 36 -5.30 4.33 7.06
C SER B 36 -5.15 3.77 8.46
N PHE B 37 -5.98 2.80 8.81
CA PHE B 37 -5.91 2.18 10.13
C PHE B 37 -4.61 1.40 10.28
N ILE B 38 -4.20 0.73 9.22
CA ILE B 38 -2.98 -0.08 9.27
C ILE B 38 -1.80 0.79 9.65
N ALA B 39 -1.67 1.94 9.00
CA ALA B 39 -0.57 2.84 9.30
C ALA B 39 -0.69 3.38 10.73
N LEU B 40 -1.91 3.75 11.10
CA LEU B 40 -2.14 4.28 12.44
C LEU B 40 -1.90 3.22 13.50
N LEU B 41 -2.32 1.99 13.20
CA LEU B 41 -2.17 0.90 14.15
C LEU B 41 -0.71 0.69 14.51
N TRP B 42 0.15 0.75 13.51
CA TRP B 42 1.59 0.56 13.74
C TRP B 42 2.11 1.67 14.64
N THR B 43 1.66 2.90 14.40
CA THR B 43 2.12 4.03 15.21
C THR B 43 1.74 3.83 16.68
N ILE B 44 0.51 3.38 16.93
CA ILE B 44 0.06 3.17 18.30
C ILE B 44 0.91 2.12 19.00
N TYR B 45 1.22 1.05 18.28
CA TYR B 45 2.03 -0.03 18.85
C TYR B 45 3.36 0.51 19.36
N GLY B 46 4.00 1.35 18.55
CA GLY B 46 5.29 1.92 18.94
C GLY B 46 5.13 2.88 20.11
N ILE B 47 4.03 3.62 20.12
CA ILE B 47 3.75 4.58 21.18
C ILE B 47 3.67 3.86 22.53
N TYR B 48 3.25 2.60 22.51
CA TYR B 48 3.10 1.86 23.75
C TYR B 48 4.39 1.94 24.57
N HIS B 49 5.53 1.89 23.89
CA HIS B 49 6.83 1.96 24.56
C HIS B 49 7.25 3.42 24.75
N LYS B 50 6.32 4.33 24.53
CA LYS B 50 6.59 5.75 24.65
C LYS B 50 7.80 6.15 23.82
N ASN B 51 8.00 5.44 22.72
CA ASN B 51 9.08 5.76 21.80
C ASN B 51 8.88 5.01 20.48
N PRO B 52 7.99 5.47 19.64
CA PRO B 52 7.72 4.81 18.33
C PRO B 52 8.76 5.15 17.27
N THR B 53 9.37 4.11 16.70
CA THR B 53 10.34 4.29 15.63
C THR B 53 9.66 4.58 14.29
N ILE B 54 8.68 3.75 13.98
CA ILE B 54 7.92 3.85 12.74
C ILE B 54 7.25 5.21 12.63
N TRP B 55 7.05 5.87 13.77
CA TRP B 55 6.38 7.16 13.78
C TRP B 55 7.03 8.11 12.78
N VAL B 56 8.35 8.04 12.67
CA VAL B 56 9.05 8.91 11.76
C VAL B 56 8.61 8.65 10.31
N GLY B 57 8.61 7.39 9.91
CA GLY B 57 8.19 7.00 8.57
C GLY B 57 6.67 7.04 8.43
N ASN B 58 5.99 6.80 9.54
CA ASN B 58 4.53 6.77 9.55
C ASN B 58 3.96 8.12 9.16
N CYS B 59 4.60 9.18 9.65
CA CYS B 59 4.14 10.53 9.35
C CYS B 59 4.12 10.77 7.85
N LEU B 60 5.23 10.43 7.19
CA LEU B 60 5.31 10.61 5.74
C LEU B 60 4.37 9.65 5.04
N GLY B 61 4.32 8.40 5.51
CA GLY B 61 3.45 7.41 4.90
C GLY B 61 1.99 7.80 5.02
N PHE B 62 1.55 8.11 6.23
CA PHE B 62 0.17 8.49 6.47
C PHE B 62 -0.16 9.77 5.72
N LEU B 63 0.72 10.77 5.83
CA LEU B 63 0.48 12.04 5.17
C LEU B 63 0.45 11.89 3.65
N MET B 64 1.44 11.19 3.12
CA MET B 64 1.51 10.98 1.68
C MET B 64 0.41 10.05 1.20
N TYR B 65 0.19 8.98 1.96
CA TYR B 65 -0.83 7.99 1.59
C TYR B 65 -2.22 8.59 1.59
N VAL B 66 -2.57 9.25 2.69
CA VAL B 66 -3.90 9.87 2.79
C VAL B 66 -4.05 10.99 1.78
N ALA B 67 -3.03 11.82 1.66
CA ALA B 67 -3.08 12.94 0.74
C ALA B 67 -3.20 12.46 -0.70
N MET B 68 -2.48 11.41 -1.03
CA MET B 68 -2.53 10.86 -2.39
C MET B 68 -3.86 10.16 -2.65
N VAL B 69 -4.29 9.36 -1.69
CA VAL B 69 -5.54 8.64 -1.82
C VAL B 69 -6.71 9.60 -1.88
N VAL B 70 -6.68 10.62 -1.03
CA VAL B 70 -7.75 11.61 -1.00
C VAL B 70 -7.78 12.37 -2.31
N GLY B 71 -6.61 12.66 -2.87
CA GLY B 71 -6.54 13.41 -4.12
C GLY B 71 -7.34 12.75 -5.22
N ILE B 72 -7.10 11.45 -5.43
CA ILE B 72 -7.82 10.72 -6.46
C ILE B 72 -9.31 10.56 -6.10
N ILE B 73 -9.56 10.26 -4.84
CA ILE B 73 -10.93 10.08 -4.38
C ILE B 73 -11.70 11.38 -4.49
N ALA B 74 -11.09 12.47 -4.08
CA ALA B 74 -11.74 13.77 -4.13
C ALA B 74 -12.01 14.19 -5.56
N HIS B 75 -11.17 13.72 -6.48
CA HIS B 75 -11.31 14.07 -7.89
C HIS B 75 -12.64 13.54 -8.43
N THR B 76 -12.94 12.28 -8.13
CA THR B 76 -14.20 11.68 -8.59
C THR B 76 -15.22 11.65 -7.46
N GLY B 77 -14.75 11.90 -6.24
CA GLY B 77 -15.63 11.90 -5.08
C GLY B 77 -16.32 10.54 -4.91
N GLY B 78 -16.02 9.63 -5.82
CA GLY B 78 -16.60 8.30 -5.77
C GLY B 78 -15.66 7.26 -6.39
N THR B 79 -15.60 6.08 -5.79
CA THR B 79 -14.74 5.01 -6.29
C THR B 79 -15.57 3.78 -6.61
N TYR B 80 -15.48 3.31 -7.87
CA TYR B 80 -16.22 2.13 -8.30
C TYR B 80 -15.30 0.93 -8.43
N MET A 1 -3.47 -7.59 13.82
CA MET A 1 -4.38 -6.65 13.12
C MET A 1 -4.33 -6.95 11.63
N GLY A 2 -3.15 -7.32 11.17
CA GLY A 2 -2.95 -7.63 9.75
C GLY A 2 -3.72 -8.88 9.37
N LEU A 3 -4.26 -9.59 10.37
CA LEU A 3 -5.03 -10.81 10.11
C LEU A 3 -6.39 -10.49 9.48
N ILE A 4 -6.93 -9.29 9.77
CA ILE A 4 -8.25 -8.85 9.27
C ILE A 4 -8.18 -8.24 7.86
N SER A 5 -7.00 -7.77 7.47
CA SER A 5 -6.83 -7.10 6.17
C SER A 5 -6.92 -8.04 4.95
N PRO A 6 -6.67 -9.32 5.09
CA PRO A 6 -6.83 -10.30 3.97
C PRO A 6 -8.28 -10.37 3.52
N LEU A 7 -9.21 -10.04 4.43
CA LEU A 7 -10.61 -10.07 4.08
C LEU A 7 -10.91 -9.03 3.01
N ALA A 8 -10.23 -7.89 3.12
CA ALA A 8 -10.43 -6.80 2.15
C ALA A 8 -9.92 -7.21 0.77
N THR A 9 -9.41 -8.44 0.64
CA THR A 9 -8.90 -8.92 -0.64
C THR A 9 -10.05 -9.19 -1.62
N MET A 10 -11.26 -9.41 -1.09
CA MET A 10 -12.41 -9.65 -1.92
C MET A 10 -12.73 -8.43 -2.78
N PRO A 11 -13.01 -7.23 -2.22
CA PRO A 11 -13.29 -6.13 -3.16
C PRO A 11 -12.01 -5.50 -3.73
N GLN A 12 -10.92 -5.55 -2.97
CA GLN A 12 -9.68 -4.98 -3.47
C GLN A 12 -9.23 -5.71 -4.74
N LEU A 13 -9.31 -7.04 -4.72
CA LEU A 13 -8.93 -7.82 -5.88
C LEU A 13 -9.89 -7.59 -7.04
N TYR A 14 -11.18 -7.76 -6.77
CA TYR A 14 -12.20 -7.57 -7.80
C TYR A 14 -12.28 -6.11 -8.25
N LYS A 15 -12.38 -5.19 -7.29
CA LYS A 15 -12.50 -3.77 -7.62
C LYS A 15 -11.28 -3.30 -8.39
N LEU A 16 -10.10 -3.70 -7.96
CA LEU A 16 -8.88 -3.29 -8.62
C LEU A 16 -8.84 -3.77 -10.07
N TYR A 17 -9.11 -5.05 -10.27
CA TYR A 17 -9.10 -5.61 -11.62
C TYR A 17 -10.26 -5.07 -12.44
N VAL A 18 -11.44 -5.02 -11.82
CA VAL A 18 -12.64 -4.52 -12.50
C VAL A 18 -12.52 -3.02 -12.77
N SER A 19 -12.01 -2.27 -11.80
CA SER A 19 -11.88 -0.84 -11.96
C SER A 19 -11.01 -0.51 -13.17
N HIS A 20 -9.90 -1.23 -13.31
CA HIS A 20 -9.02 -1.00 -14.45
C HIS A 20 -7.89 -2.04 -14.43
N SER A 21 -7.34 -2.34 -15.61
CA SER A 21 -6.25 -3.31 -15.71
C SER A 21 -4.92 -2.59 -15.92
N GLU A 22 -4.90 -1.63 -16.86
CA GLU A 22 -3.68 -0.88 -17.14
C GLU A 22 -3.48 0.26 -16.15
N HIS A 23 -4.58 0.77 -15.61
CA HIS A 23 -4.52 1.88 -14.65
C HIS A 23 -5.05 1.44 -13.29
N ALA A 24 -5.00 0.14 -13.02
CA ALA A 24 -5.52 -0.36 -11.76
C ALA A 24 -4.81 0.32 -10.59
N LEU A 25 -3.47 0.38 -10.65
CA LEU A 25 -2.70 1.07 -9.59
C LEU A 25 -2.09 2.36 -10.10
N GLY A 26 -1.78 2.40 -11.41
CA GLY A 26 -1.18 3.59 -12.00
C GLY A 26 0.18 3.88 -11.35
N LEU A 27 0.93 2.82 -11.01
CA LEU A 27 2.25 2.98 -10.37
C LEU A 27 3.36 2.33 -11.20
N SER A 28 4.57 2.89 -11.08
CA SER A 28 5.73 2.38 -11.80
C SER A 28 6.22 1.06 -11.18
N LEU A 29 6.87 0.25 -12.01
CA LEU A 29 7.37 -1.05 -11.55
C LEU A 29 8.40 -0.84 -10.44
N THR A 30 9.17 0.23 -10.54
CA THR A 30 10.18 0.52 -9.53
C THR A 30 9.56 0.60 -8.14
N THR A 31 8.35 1.13 -8.06
CA THR A 31 7.68 1.26 -6.77
C THR A 31 7.40 -0.12 -6.18
N TRP A 32 7.08 -1.06 -7.05
CA TRP A 32 6.80 -2.43 -6.60
C TRP A 32 8.04 -3.06 -6.00
N LEU A 33 9.19 -2.83 -6.63
CA LEU A 33 10.44 -3.41 -6.15
C LEU A 33 10.74 -2.95 -4.73
N LEU A 34 10.68 -1.64 -4.51
CA LEU A 34 10.94 -1.10 -3.17
C LEU A 34 9.88 -1.58 -2.19
N TYR A 35 8.62 -1.54 -2.61
CA TYR A 35 7.52 -1.96 -1.75
C TYR A 35 7.64 -3.44 -1.42
N SER A 36 7.90 -4.24 -2.44
CA SER A 36 8.05 -5.68 -2.25
C SER A 36 9.20 -5.99 -1.30
N PHE A 37 10.31 -5.28 -1.48
CA PHE A 37 11.48 -5.48 -0.65
C PHE A 37 11.14 -5.19 0.82
N ILE A 38 10.45 -4.06 1.04
CA ILE A 38 10.10 -3.68 2.40
C ILE A 38 9.16 -4.72 3.03
N ALA A 39 8.17 -5.17 2.26
CA ALA A 39 7.23 -6.15 2.77
C ALA A 39 7.93 -7.47 3.06
N LEU A 40 8.74 -7.93 2.10
CA LEU A 40 9.47 -9.18 2.25
C LEU A 40 10.54 -9.06 3.34
N LEU A 41 11.22 -7.92 3.38
CA LEU A 41 12.27 -7.71 4.36
C LEU A 41 11.70 -7.76 5.77
N TRP A 42 10.55 -7.11 5.97
CA TRP A 42 9.92 -7.09 7.28
C TRP A 42 9.53 -8.49 7.71
N THR A 43 8.97 -9.28 6.79
CA THR A 43 8.55 -10.63 7.10
C THR A 43 9.73 -11.47 7.57
N ILE A 44 10.83 -11.41 6.82
CA ILE A 44 12.02 -12.16 7.18
C ILE A 44 12.61 -11.64 8.49
N TYR A 45 12.67 -10.33 8.62
CA TYR A 45 13.21 -9.71 9.83
C TYR A 45 12.38 -10.08 11.04
N GLY A 46 11.07 -9.99 10.92
CA GLY A 46 10.20 -10.31 12.03
C GLY A 46 10.42 -11.74 12.51
N ILE A 47 10.40 -12.70 11.58
CA ILE A 47 10.61 -14.10 11.93
C ILE A 47 12.07 -14.38 12.32
N TYR A 48 13.00 -13.86 11.52
CA TYR A 48 14.42 -14.08 11.77
C TYR A 48 14.83 -13.53 13.12
N HIS A 49 14.33 -12.36 13.47
CA HIS A 49 14.66 -11.73 14.74
C HIS A 49 13.78 -12.27 15.86
N LYS A 50 13.03 -13.34 15.58
CA LYS A 50 12.17 -13.92 16.60
C LYS A 50 11.30 -12.83 17.22
N ASN A 51 10.55 -12.16 16.36
CA ASN A 51 9.68 -11.05 16.76
C ASN A 51 8.24 -11.51 16.83
N PRO A 52 7.40 -10.75 17.46
CA PRO A 52 5.99 -11.12 17.56
C PRO A 52 5.47 -11.58 16.19
N THR A 53 4.63 -12.57 16.24
CA THR A 53 4.04 -13.16 15.06
C THR A 53 3.52 -12.10 14.09
N ILE A 54 3.46 -10.84 14.52
CA ILE A 54 2.90 -9.77 13.68
C ILE A 54 3.40 -9.88 12.26
N TRP A 55 4.56 -10.49 12.08
CA TRP A 55 5.12 -10.64 10.74
C TRP A 55 4.11 -11.33 9.82
N VAL A 56 3.27 -12.18 10.40
CA VAL A 56 2.26 -12.92 9.64
C VAL A 56 1.42 -11.95 8.82
N GLY A 57 1.02 -10.85 9.42
CA GLY A 57 0.20 -9.86 8.73
C GLY A 57 0.93 -9.31 7.50
N ASN A 58 2.23 -9.08 7.65
CA ASN A 58 3.03 -8.57 6.56
C ASN A 58 3.09 -9.58 5.41
N CYS A 59 3.17 -10.86 5.77
CA CYS A 59 3.24 -11.92 4.77
C CYS A 59 2.01 -11.87 3.86
N LEU A 60 0.83 -11.83 4.45
CA LEU A 60 -0.39 -11.78 3.66
C LEU A 60 -0.45 -10.47 2.87
N GLY A 61 -0.01 -9.38 3.50
CA GLY A 61 -0.03 -8.08 2.83
C GLY A 61 0.77 -8.14 1.53
N PHE A 62 1.94 -8.78 1.58
CA PHE A 62 2.76 -8.91 0.38
C PHE A 62 2.01 -9.70 -0.69
N LEU A 63 1.37 -10.79 -0.28
CA LEU A 63 0.62 -11.62 -1.23
C LEU A 63 -0.48 -10.80 -1.91
N MET A 64 -1.18 -10.02 -1.11
CA MET A 64 -2.25 -9.19 -1.66
C MET A 64 -1.69 -8.12 -2.58
N TYR A 65 -0.63 -7.45 -2.12
CA TYR A 65 0.00 -6.37 -2.90
C TYR A 65 0.65 -6.90 -4.18
N VAL A 66 1.38 -8.00 -4.08
CA VAL A 66 2.04 -8.56 -5.25
C VAL A 66 1.00 -9.17 -6.21
N ALA A 67 -0.05 -9.77 -5.64
CA ALA A 67 -1.10 -10.41 -6.46
C ALA A 67 -1.82 -9.40 -7.35
N MET A 68 -2.11 -8.23 -6.82
CA MET A 68 -2.79 -7.19 -7.59
C MET A 68 -1.81 -6.47 -8.54
N VAL A 69 -0.60 -6.20 -8.04
CA VAL A 69 0.41 -5.50 -8.82
C VAL A 69 0.76 -6.30 -10.08
N VAL A 70 1.03 -7.59 -9.93
CA VAL A 70 1.38 -8.40 -11.07
C VAL A 70 0.25 -8.39 -12.10
N GLY A 71 -0.99 -8.22 -11.63
CA GLY A 71 -2.12 -8.19 -12.54
C GLY A 71 -2.00 -7.02 -13.51
N ILE A 72 -1.80 -5.81 -12.98
CA ILE A 72 -1.66 -4.64 -13.85
C ILE A 72 -0.34 -4.68 -14.63
N ILE A 73 0.74 -5.04 -13.93
CA ILE A 73 2.04 -5.10 -14.59
C ILE A 73 2.03 -6.13 -15.69
N ALA A 74 1.50 -7.32 -15.40
CA ALA A 74 1.43 -8.39 -16.38
C ALA A 74 0.45 -8.05 -17.51
N HIS A 75 -0.51 -7.18 -17.22
CA HIS A 75 -1.51 -6.80 -18.21
C HIS A 75 -0.85 -6.09 -19.38
N THR A 76 0.03 -5.14 -19.07
CA THR A 76 0.75 -4.40 -20.12
C THR A 76 2.22 -4.82 -20.18
N GLY A 77 2.65 -5.57 -19.16
CA GLY A 77 4.03 -6.03 -19.08
C GLY A 77 4.99 -4.85 -18.97
N GLY A 78 4.42 -3.65 -19.03
CA GLY A 78 5.22 -2.44 -18.93
C GLY A 78 4.39 -1.28 -18.40
N THR A 79 5.05 -0.28 -17.83
CA THR A 79 4.37 0.90 -17.30
C THR A 79 5.20 2.15 -17.54
N TYR A 80 4.56 3.21 -18.02
CA TYR A 80 5.26 4.47 -18.29
C TYR A 80 5.30 5.33 -17.03
N MET B 1 14.50 2.21 6.70
CA MET B 1 14.28 1.82 5.28
C MET B 1 13.12 2.63 4.73
N GLY B 2 12.15 2.90 5.58
CA GLY B 2 10.99 3.68 5.18
C GLY B 2 11.38 5.12 4.87
N LEU B 3 12.62 5.48 5.19
CA LEU B 3 13.11 6.84 4.92
C LEU B 3 13.33 7.07 3.42
N ILE B 4 13.63 6.00 2.68
CA ILE B 4 13.90 6.07 1.23
C ILE B 4 12.62 6.03 0.38
N SER B 5 11.52 5.51 0.94
CA SER B 5 10.27 5.37 0.20
C SER B 5 9.55 6.71 -0.09
N PRO B 6 9.77 7.75 0.66
CA PRO B 6 9.18 9.08 0.39
C PRO B 6 9.67 9.62 -0.96
N LEU B 7 10.85 9.16 -1.39
CA LEU B 7 11.40 9.61 -2.65
C LEU B 7 10.51 9.14 -3.79
N ALA B 8 9.97 7.94 -3.65
CA ALA B 8 9.08 7.37 -4.66
C ALA B 8 7.78 8.17 -4.77
N THR B 9 7.65 9.21 -3.96
CA THR B 9 6.44 10.03 -3.99
C THR B 9 6.37 10.88 -5.26
N MET B 10 7.53 11.12 -5.88
CA MET B 10 7.59 11.90 -7.09
C MET B 10 6.84 11.18 -8.23
N PRO B 11 7.19 9.97 -8.63
CA PRO B 11 6.38 9.38 -9.72
C PRO B 11 5.07 8.77 -9.21
N GLN B 12 5.05 8.30 -7.97
CA GLN B 12 3.82 7.72 -7.45
C GLN B 12 2.72 8.77 -7.42
N LEU B 13 3.05 9.98 -6.97
CA LEU B 13 2.07 11.04 -6.92
C LEU B 13 1.65 11.47 -8.32
N TYR B 14 2.64 11.79 -9.16
CA TYR B 14 2.37 12.22 -10.52
C TYR B 14 1.78 11.10 -11.36
N LYS B 15 2.40 9.92 -11.32
CA LYS B 15 1.92 8.79 -12.11
C LYS B 15 0.50 8.41 -11.71
N LEU B 16 0.25 8.37 -10.40
CA LEU B 16 -1.07 7.99 -9.92
C LEU B 16 -2.13 8.97 -10.39
N TYR B 17 -1.87 10.27 -10.20
CA TYR B 17 -2.83 11.28 -10.63
C TYR B 17 -2.92 11.35 -12.15
N VAL B 18 -1.77 11.29 -12.80
CA VAL B 18 -1.71 11.35 -14.26
C VAL B 18 -2.31 10.08 -14.88
N SER B 19 -1.99 8.94 -14.29
CA SER B 19 -2.48 7.67 -14.81
C SER B 19 -4.00 7.66 -14.83
N HIS B 20 -4.61 8.14 -13.75
CA HIS B 20 -6.07 8.18 -13.67
C HIS B 20 -6.49 8.88 -12.37
N SER B 21 -7.68 9.48 -12.39
CA SER B 21 -8.19 10.17 -11.19
C SER B 21 -9.27 9.34 -10.52
N GLU B 22 -10.21 8.83 -11.31
CA GLU B 22 -11.30 8.01 -10.76
C GLU B 22 -10.85 6.56 -10.57
N HIS B 23 -9.90 6.12 -11.38
CA HIS B 23 -9.39 4.74 -11.30
C HIS B 23 -7.93 4.73 -10.90
N ALA B 24 -7.48 5.78 -10.24
CA ALA B 24 -6.08 5.86 -9.85
C ALA B 24 -5.70 4.66 -9.00
N LEU B 25 -6.52 4.35 -7.99
CA LEU B 25 -6.27 3.18 -7.13
C LEU B 25 -7.30 2.08 -7.39
N GLY B 26 -8.51 2.48 -7.78
CA GLY B 26 -9.57 1.50 -8.04
C GLY B 26 -9.90 0.72 -6.76
N LEU B 27 -9.84 1.38 -5.60
CA LEU B 27 -10.13 0.73 -4.31
C LEU B 27 -11.28 1.40 -3.58
N SER B 28 -12.00 0.61 -2.78
CA SER B 28 -13.12 1.10 -2.00
C SER B 28 -12.66 1.96 -0.83
N LEU B 29 -13.51 2.88 -0.39
CA LEU B 29 -13.18 3.76 0.73
C LEU B 29 -12.92 2.94 1.99
N THR B 30 -13.66 1.85 2.14
CA THR B 30 -13.51 1.01 3.31
C THR B 30 -12.07 0.53 3.45
N THR B 31 -11.41 0.27 2.32
CA THR B 31 -10.04 -0.20 2.35
C THR B 31 -9.13 0.87 2.95
N TRP B 32 -9.43 2.12 2.63
CA TRP B 32 -8.64 3.23 3.15
C TRP B 32 -8.75 3.32 4.67
N LEU B 33 -9.96 3.13 5.18
CA LEU B 33 -10.18 3.21 6.63
C LEU B 33 -9.31 2.19 7.35
N LEU B 34 -9.37 0.93 6.92
CA LEU B 34 -8.57 -0.11 7.55
C LEU B 34 -7.08 0.16 7.36
N TYR B 35 -6.70 0.54 6.15
CA TYR B 35 -5.30 0.81 5.85
C TYR B 35 -4.80 2.00 6.67
N SER B 36 -5.60 3.07 6.70
CA SER B 36 -5.24 4.26 7.45
C SER B 36 -5.09 3.94 8.93
N PHE B 37 -6.01 3.14 9.45
CA PHE B 37 -5.98 2.76 10.86
C PHE B 37 -4.70 2.00 11.17
N ILE B 38 -4.35 1.04 10.31
CA ILE B 38 -3.14 0.26 10.52
C ILE B 38 -1.90 1.14 10.47
N ALA B 39 -1.84 2.05 9.49
CA ALA B 39 -0.70 2.94 9.37
C ALA B 39 -0.60 3.87 10.57
N LEU B 40 -1.73 4.49 10.92
CA LEU B 40 -1.78 5.41 12.05
C LEU B 40 -1.55 4.67 13.37
N LEU B 41 -2.15 3.48 13.50
CA LEU B 41 -2.01 2.70 14.71
C LEU B 41 -0.56 2.33 14.95
N TRP B 42 0.12 1.90 13.89
CA TRP B 42 1.52 1.51 14.00
C TRP B 42 2.38 2.69 14.43
N THR B 43 2.12 3.87 13.85
CA THR B 43 2.89 5.05 14.18
C THR B 43 2.76 5.39 15.66
N ILE B 44 1.52 5.38 16.15
CA ILE B 44 1.26 5.69 17.55
C ILE B 44 1.87 4.61 18.44
N TYR B 45 1.67 3.35 18.05
CA TYR B 45 2.18 2.23 18.83
C TYR B 45 3.71 2.26 18.89
N GLY B 46 4.34 2.50 17.75
CA GLY B 46 5.79 2.54 17.71
C GLY B 46 6.33 3.61 18.67
N ILE B 47 5.80 4.82 18.57
CA ILE B 47 6.24 5.91 19.44
C ILE B 47 5.77 5.72 20.88
N TYR B 48 4.51 5.36 21.04
CA TYR B 48 3.92 5.18 22.37
C TYR B 48 4.65 4.09 23.13
N HIS B 49 4.97 2.99 22.45
CA HIS B 49 5.67 1.88 23.08
C HIS B 49 7.17 2.11 23.13
N LYS B 50 7.60 3.33 22.80
CA LYS B 50 9.02 3.65 22.83
C LYS B 50 9.78 2.61 22.01
N ASN B 51 9.39 2.49 20.75
CA ASN B 51 9.99 1.51 19.84
C ASN B 51 10.96 2.19 18.90
N PRO B 52 11.79 1.44 18.24
CA PRO B 52 12.76 2.03 17.31
C PRO B 52 12.06 3.07 16.42
N THR B 53 12.79 4.12 16.17
CA THR B 53 12.31 5.21 15.36
C THR B 53 11.61 4.74 14.08
N ILE B 54 11.75 3.45 13.77
CA ILE B 54 11.18 2.91 12.51
C ILE B 54 9.78 3.46 12.27
N TRP B 55 9.10 3.83 13.34
CA TRP B 55 7.75 4.37 13.20
C TRP B 55 7.74 5.55 12.22
N VAL B 56 8.86 6.27 12.16
CA VAL B 56 8.99 7.42 11.28
C VAL B 56 8.62 7.04 9.85
N GLY B 57 9.10 5.90 9.40
CA GLY B 57 8.81 5.44 8.05
C GLY B 57 7.32 5.27 7.83
N ASN B 58 6.64 4.74 8.84
CA ASN B 58 5.21 4.52 8.76
C ASN B 58 4.47 5.86 8.66
N CYS B 59 4.98 6.85 9.37
CA CYS B 59 4.36 8.19 9.36
C CYS B 59 4.33 8.74 7.94
N LEU B 60 5.47 8.73 7.26
CA LEU B 60 5.54 9.23 5.89
C LEU B 60 4.68 8.35 4.98
N GLY B 61 4.70 7.05 5.21
CA GLY B 61 3.92 6.13 4.39
C GLY B 61 2.43 6.52 4.42
N PHE B 62 1.93 6.85 5.60
CA PHE B 62 0.54 7.25 5.74
C PHE B 62 0.29 8.52 4.94
N LEU B 63 1.20 9.48 5.03
CA LEU B 63 1.05 10.74 4.32
C LEU B 63 0.98 10.49 2.81
N MET B 64 1.85 9.62 2.32
CA MET B 64 1.86 9.31 0.91
C MET B 64 0.59 8.57 0.51
N TYR B 65 0.20 7.57 1.30
CA TYR B 65 -0.99 6.77 1.03
C TYR B 65 -2.27 7.61 1.13
N VAL B 66 -2.39 8.41 2.17
CA VAL B 66 -3.58 9.23 2.35
C VAL B 66 -3.62 10.35 1.31
N ALA B 67 -2.44 10.89 0.98
CA ALA B 67 -2.35 12.00 0.01
C ALA B 67 -2.85 11.58 -1.38
N MET B 68 -2.50 10.37 -1.80
CA MET B 68 -2.94 9.87 -3.10
C MET B 68 -4.41 9.39 -3.06
N VAL B 69 -4.74 8.71 -1.97
CA VAL B 69 -6.10 8.17 -1.80
C VAL B 69 -7.14 9.29 -1.82
N VAL B 70 -6.91 10.34 -1.05
CA VAL B 70 -7.85 11.44 -1.00
C VAL B 70 -8.02 12.04 -2.39
N GLY B 71 -6.97 11.98 -3.20
CA GLY B 71 -7.04 12.52 -4.55
C GLY B 71 -8.12 11.82 -5.36
N ILE B 72 -8.06 10.49 -5.42
CA ILE B 72 -9.07 9.72 -6.16
C ILE B 72 -10.43 9.78 -5.47
N ILE B 73 -10.44 9.63 -4.15
CA ILE B 73 -11.69 9.66 -3.40
C ILE B 73 -12.35 11.03 -3.54
N ALA B 74 -11.57 12.09 -3.38
CA ALA B 74 -12.10 13.45 -3.50
C ALA B 74 -12.49 13.77 -4.93
N HIS B 75 -11.88 13.07 -5.89
CA HIS B 75 -12.17 13.31 -7.29
C HIS B 75 -13.62 12.98 -7.59
N THR B 76 -14.08 11.83 -7.11
CA THR B 76 -15.48 11.41 -7.32
C THR B 76 -16.28 11.51 -6.03
N GLY B 77 -15.57 11.71 -4.92
CA GLY B 77 -16.20 11.81 -3.61
C GLY B 77 -16.91 10.52 -3.25
N GLY B 78 -16.87 9.57 -4.18
CA GLY B 78 -17.51 8.28 -3.97
C GLY B 78 -16.84 7.20 -4.82
N THR B 79 -16.98 5.94 -4.40
CA THR B 79 -16.40 4.83 -5.14
C THR B 79 -17.33 3.61 -5.06
N TYR B 80 -17.56 2.97 -6.21
CA TYR B 80 -18.43 1.79 -6.27
C TYR B 80 -17.63 0.53 -5.95
N MET A 1 -3.29 -8.51 13.89
CA MET A 1 -4.09 -7.48 13.18
C MET A 1 -3.83 -7.59 11.69
N GLY A 2 -2.56 -7.73 11.33
CA GLY A 2 -2.19 -7.86 9.93
C GLY A 2 -2.78 -9.13 9.34
N LEU A 3 -3.13 -10.08 10.21
CA LEU A 3 -3.73 -11.34 9.77
C LEU A 3 -5.20 -11.13 9.37
N ILE A 4 -5.86 -10.14 10.02
CA ILE A 4 -7.28 -9.82 9.76
C ILE A 4 -7.47 -8.86 8.58
N SER A 5 -6.42 -8.08 8.26
CA SER A 5 -6.49 -7.10 7.17
C SER A 5 -6.54 -7.73 5.75
N PRO A 6 -6.10 -8.97 5.57
CA PRO A 6 -6.20 -9.68 4.26
C PRO A 6 -7.66 -9.86 3.84
N LEU A 7 -8.57 -9.80 4.82
CA LEU A 7 -9.99 -9.95 4.51
C LEU A 7 -10.45 -8.79 3.63
N ALA A 8 -9.78 -7.65 3.79
CA ALA A 8 -10.09 -6.46 3.00
C ALA A 8 -9.76 -6.69 1.53
N THR A 9 -9.38 -7.92 1.17
CA THR A 9 -9.04 -8.25 -0.22
C THR A 9 -10.30 -8.55 -1.05
N MET A 10 -11.40 -8.93 -0.39
CA MET A 10 -12.64 -9.22 -1.08
C MET A 10 -13.02 -8.01 -1.93
N PRO A 11 -13.08 -6.77 -1.41
CA PRO A 11 -13.44 -5.68 -2.32
C PRO A 11 -12.21 -4.95 -2.86
N GLN A 12 -11.15 -4.86 -2.08
CA GLN A 12 -9.96 -4.18 -2.55
C GLN A 12 -9.39 -4.86 -3.78
N LEU A 13 -9.33 -6.19 -3.76
CA LEU A 13 -8.80 -6.92 -4.90
C LEU A 13 -9.76 -6.86 -6.08
N TYR A 14 -11.03 -7.20 -5.81
CA TYR A 14 -12.05 -7.18 -6.86
C TYR A 14 -12.22 -5.76 -7.40
N LYS A 15 -12.30 -4.79 -6.51
CA LYS A 15 -12.48 -3.41 -6.94
C LYS A 15 -11.29 -2.96 -7.78
N LEU A 16 -10.09 -3.34 -7.37
CA LEU A 16 -8.90 -2.94 -8.11
C LEU A 16 -8.93 -3.50 -9.53
N TYR A 17 -9.17 -4.79 -9.67
CA TYR A 17 -9.19 -5.40 -10.99
C TYR A 17 -10.37 -4.87 -11.80
N VAL A 18 -11.52 -4.77 -11.15
CA VAL A 18 -12.74 -4.26 -11.80
C VAL A 18 -12.60 -2.77 -12.12
N SER A 19 -11.99 -2.03 -11.20
CA SER A 19 -11.82 -0.59 -11.38
C SER A 19 -11.08 -0.30 -12.68
N HIS A 20 -10.02 -1.06 -12.94
CA HIS A 20 -9.24 -0.87 -14.15
C HIS A 20 -8.16 -1.95 -14.27
N SER A 21 -7.75 -2.22 -15.50
CA SER A 21 -6.71 -3.22 -15.75
C SER A 21 -5.36 -2.56 -15.91
N GLU A 22 -5.29 -1.49 -16.71
CA GLU A 22 -4.02 -0.80 -16.92
C GLU A 22 -3.69 0.14 -15.76
N HIS A 23 -4.74 0.63 -15.09
CA HIS A 23 -4.59 1.53 -13.95
C HIS A 23 -5.14 0.89 -12.69
N ALA A 24 -5.17 -0.45 -12.67
CA ALA A 24 -5.72 -1.14 -11.52
C ALA A 24 -5.05 -0.67 -10.23
N LEU A 25 -3.72 -0.58 -10.23
CA LEU A 25 -2.99 -0.11 -9.04
C LEU A 25 -2.45 1.30 -9.27
N GLY A 26 -2.21 1.64 -10.54
CA GLY A 26 -1.70 2.96 -10.88
C GLY A 26 -0.33 3.21 -10.26
N LEU A 27 0.51 2.17 -10.24
CA LEU A 27 1.86 2.27 -9.64
C LEU A 27 2.94 2.19 -10.73
N SER A 28 4.17 2.51 -10.35
CA SER A 28 5.31 2.46 -11.27
C SER A 28 6.10 1.18 -11.04
N LEU A 29 6.74 0.69 -12.09
CA LEU A 29 7.54 -0.53 -12.01
C LEU A 29 8.68 -0.36 -11.01
N THR A 30 9.36 0.78 -11.08
CA THR A 30 10.48 1.04 -10.19
C THR A 30 10.01 1.07 -8.73
N THR A 31 8.84 1.66 -8.52
CA THR A 31 8.28 1.75 -7.17
C THR A 31 8.00 0.36 -6.62
N TRP A 32 7.41 -0.49 -7.47
CA TRP A 32 7.07 -1.84 -7.05
C TRP A 32 8.32 -2.56 -6.52
N LEU A 33 9.43 -2.41 -7.22
CA LEU A 33 10.66 -3.07 -6.80
C LEU A 33 11.08 -2.59 -5.41
N LEU A 34 11.10 -1.27 -5.23
CA LEU A 34 11.50 -0.70 -3.95
C LEU A 34 10.49 -1.06 -2.86
N TYR A 35 9.21 -0.94 -3.18
CA TYR A 35 8.15 -1.25 -2.22
C TYR A 35 8.19 -2.72 -1.83
N SER A 36 8.35 -3.59 -2.83
CA SER A 36 8.41 -5.02 -2.59
C SER A 36 9.57 -5.37 -1.67
N PHE A 37 10.70 -4.72 -1.88
CA PHE A 37 11.89 -4.97 -1.07
C PHE A 37 11.60 -4.68 0.40
N ILE A 38 10.94 -3.56 0.68
CA ILE A 38 10.63 -3.19 2.05
C ILE A 38 9.71 -4.22 2.69
N ALA A 39 8.69 -4.63 1.96
CA ALA A 39 7.74 -5.61 2.48
C ALA A 39 8.45 -6.92 2.78
N LEU A 40 9.26 -7.38 1.83
CA LEU A 40 10.00 -8.63 2.00
C LEU A 40 11.02 -8.51 3.11
N LEU A 41 11.69 -7.36 3.20
CA LEU A 41 12.71 -7.16 4.22
C LEU A 41 12.12 -7.33 5.61
N TRP A 42 10.97 -6.73 5.84
CA TRP A 42 10.32 -6.84 7.15
C TRP A 42 9.80 -8.26 7.38
N THR A 43 9.35 -8.90 6.31
CA THR A 43 8.81 -10.25 6.43
C THR A 43 9.88 -11.24 6.90
N ILE A 44 11.04 -11.20 6.27
CA ILE A 44 12.12 -12.10 6.65
C ILE A 44 12.66 -11.73 8.03
N TYR A 45 12.79 -10.43 8.26
CA TYR A 45 13.31 -9.95 9.54
C TYR A 45 12.40 -10.36 10.69
N GLY A 46 11.09 -10.19 10.52
CA GLY A 46 10.16 -10.54 11.59
C GLY A 46 10.25 -12.04 11.94
N ILE A 47 10.16 -12.91 10.94
CA ILE A 47 10.25 -14.35 11.19
C ILE A 47 11.67 -14.79 11.57
N TYR A 48 12.65 -14.28 10.83
CA TYR A 48 14.05 -14.63 11.07
C TYR A 48 14.53 -14.16 12.44
N HIS A 49 14.09 -12.97 12.83
CA HIS A 49 14.49 -12.39 14.10
C HIS A 49 13.64 -12.95 15.25
N LYS A 50 12.88 -14.02 14.95
CA LYS A 50 12.04 -14.64 15.97
C LYS A 50 11.22 -13.57 16.68
N ASN A 51 10.49 -12.80 15.88
CA ASN A 51 9.67 -11.70 16.38
C ASN A 51 8.22 -12.10 16.40
N PRO A 52 7.40 -11.37 17.09
CA PRO A 52 5.97 -11.71 17.18
C PRO A 52 5.44 -12.13 15.81
N THR A 53 4.59 -13.14 15.84
CA THR A 53 4.04 -13.70 14.63
C THR A 53 3.56 -12.62 13.66
N ILE A 54 3.48 -11.38 14.16
CA ILE A 54 2.98 -10.27 13.35
C ILE A 54 3.57 -10.29 11.95
N TRP A 55 4.75 -10.86 11.83
CA TRP A 55 5.39 -10.93 10.53
C TRP A 55 4.45 -11.60 9.51
N VAL A 56 3.64 -12.54 9.99
CA VAL A 56 2.73 -13.26 9.13
C VAL A 56 1.91 -12.27 8.29
N GLY A 57 1.56 -11.15 8.91
CA GLY A 57 0.79 -10.14 8.20
C GLY A 57 1.58 -9.59 7.01
N ASN A 58 2.89 -9.45 7.19
CA ASN A 58 3.75 -8.93 6.13
C ASN A 58 3.75 -9.91 4.96
N CYS A 59 3.74 -11.20 5.26
CA CYS A 59 3.76 -12.22 4.21
C CYS A 59 2.53 -12.05 3.31
N LEU A 60 1.35 -11.97 3.93
CA LEU A 60 0.12 -11.79 3.16
C LEU A 60 0.14 -10.44 2.45
N GLY A 61 0.61 -9.41 3.14
CA GLY A 61 0.67 -8.08 2.56
C GLY A 61 1.53 -8.08 1.30
N PHE A 62 2.65 -8.81 1.37
CA PHE A 62 3.55 -8.89 0.23
C PHE A 62 2.84 -9.50 -0.98
N LEU A 63 2.17 -10.62 -0.76
CA LEU A 63 1.45 -11.30 -1.84
C LEU A 63 0.31 -10.43 -2.36
N MET A 64 -0.40 -9.79 -1.45
CA MET A 64 -1.51 -8.92 -1.83
C MET A 64 -1.04 -7.78 -2.72
N TYR A 65 0.02 -7.11 -2.27
CA TYR A 65 0.56 -5.98 -3.03
C TYR A 65 1.05 -6.44 -4.39
N VAL A 66 1.77 -7.56 -4.40
CA VAL A 66 2.30 -8.12 -5.64
C VAL A 66 1.16 -8.56 -6.56
N ALA A 67 0.13 -9.16 -5.97
CA ALA A 67 -0.99 -9.64 -6.78
C ALA A 67 -1.59 -8.50 -7.60
N MET A 68 -1.73 -7.33 -6.98
CA MET A 68 -2.27 -6.18 -7.70
C MET A 68 -1.31 -5.75 -8.81
N VAL A 69 -0.02 -5.75 -8.48
CA VAL A 69 1.01 -5.37 -9.44
C VAL A 69 1.05 -6.35 -10.62
N VAL A 70 0.93 -7.63 -10.30
CA VAL A 70 0.95 -8.68 -11.32
C VAL A 70 -0.20 -8.48 -12.31
N GLY A 71 -1.39 -8.15 -11.79
CA GLY A 71 -2.55 -7.96 -12.65
C GLY A 71 -2.37 -6.77 -13.61
N ILE A 72 -2.00 -5.61 -13.08
CA ILE A 72 -1.82 -4.42 -13.92
C ILE A 72 -0.62 -4.54 -14.84
N ILE A 73 0.50 -5.01 -14.31
CA ILE A 73 1.71 -5.14 -15.11
C ILE A 73 1.52 -6.18 -16.21
N ALA A 74 0.88 -7.29 -15.87
CA ALA A 74 0.65 -8.35 -16.83
C ALA A 74 -0.32 -7.90 -17.94
N HIS A 75 -1.28 -7.05 -17.56
CA HIS A 75 -2.27 -6.57 -18.51
C HIS A 75 -1.63 -5.71 -19.60
N THR A 76 -0.73 -4.79 -19.20
CA THR A 76 -0.06 -3.91 -20.16
C THR A 76 1.33 -4.42 -20.49
N GLY A 77 1.87 -5.25 -19.60
CA GLY A 77 3.20 -5.82 -19.78
C GLY A 77 4.29 -4.79 -19.50
N GLY A 78 3.86 -3.56 -19.19
CA GLY A 78 4.80 -2.48 -18.89
C GLY A 78 4.17 -1.46 -17.94
N THR A 79 5.01 -0.74 -17.20
CA THR A 79 4.52 0.29 -16.28
C THR A 79 5.60 1.34 -16.03
N TYR A 80 5.47 2.48 -16.71
CA TYR A 80 6.43 3.57 -16.57
C TYR A 80 5.71 4.92 -16.55
N MET B 1 14.62 3.14 7.18
CA MET B 1 14.31 2.62 5.82
C MET B 1 13.00 3.24 5.35
N GLY B 2 12.02 3.24 6.23
CA GLY B 2 10.72 3.81 5.92
C GLY B 2 10.85 5.30 5.64
N LEU B 3 11.94 5.90 6.14
CA LEU B 3 12.18 7.33 5.93
C LEU B 3 12.66 7.59 4.50
N ILE B 4 13.35 6.59 3.91
CA ILE B 4 13.91 6.68 2.54
C ILE B 4 12.88 6.29 1.46
N SER B 5 11.87 5.50 1.85
CA SER B 5 10.84 5.04 0.90
C SER B 5 9.88 6.15 0.43
N PRO B 6 9.73 7.25 1.15
CA PRO B 6 8.89 8.41 0.72
C PRO B 6 9.44 9.02 -0.58
N LEU B 7 10.72 8.78 -0.86
CA LEU B 7 11.32 9.32 -2.08
C LEU B 7 10.65 8.70 -3.30
N ALA B 8 10.16 7.48 -3.12
CA ALA B 8 9.48 6.76 -4.19
C ALA B 8 8.16 7.45 -4.56
N THR B 9 7.91 8.63 -3.96
CA THR B 9 6.67 9.38 -4.22
C THR B 9 6.80 10.21 -5.52
N MET B 10 8.02 10.54 -5.91
CA MET B 10 8.25 11.29 -7.12
C MET B 10 7.56 10.60 -8.29
N PRO B 11 7.76 9.32 -8.55
CA PRO B 11 7.01 8.73 -9.68
C PRO B 11 5.73 8.03 -9.24
N GLN B 12 5.73 7.44 -8.06
CA GLN B 12 4.54 6.76 -7.60
C GLN B 12 3.36 7.72 -7.48
N LEU B 13 3.61 8.90 -6.93
CA LEU B 13 2.55 9.88 -6.76
C LEU B 13 2.16 10.47 -8.12
N TYR B 14 3.16 10.94 -8.87
CA TYR B 14 2.92 11.51 -10.19
C TYR B 14 2.30 10.48 -11.12
N LYS B 15 2.85 9.27 -11.12
CA LYS B 15 2.34 8.22 -11.98
C LYS B 15 0.91 7.90 -11.62
N LEU B 16 0.61 7.84 -10.32
CA LEU B 16 -0.74 7.53 -9.89
C LEU B 16 -1.74 8.56 -10.37
N TYR B 17 -1.45 9.83 -10.14
CA TYR B 17 -2.36 10.88 -10.56
C TYR B 17 -2.44 10.95 -12.08
N VAL B 18 -1.28 10.84 -12.73
CA VAL B 18 -1.19 10.87 -14.19
C VAL B 18 -1.82 9.63 -14.80
N SER B 19 -1.61 8.49 -14.15
CA SER B 19 -2.14 7.23 -14.65
C SER B 19 -3.65 7.29 -14.78
N HIS B 20 -4.30 7.86 -13.79
CA HIS B 20 -5.76 7.99 -13.83
C HIS B 20 -6.25 8.79 -12.62
N SER B 21 -7.41 9.41 -12.78
CA SER B 21 -7.99 10.20 -11.69
C SER B 21 -9.04 9.39 -10.94
N GLU B 22 -9.93 8.72 -11.67
CA GLU B 22 -10.97 7.90 -11.02
C GLU B 22 -10.42 6.55 -10.57
N HIS B 23 -9.38 6.07 -11.26
CA HIS B 23 -8.75 4.79 -10.94
C HIS B 23 -7.30 5.01 -10.53
N ALA B 24 -7.00 6.22 -10.05
CA ALA B 24 -5.62 6.52 -9.67
C ALA B 24 -5.08 5.47 -8.70
N LEU B 25 -5.86 5.13 -7.67
CA LEU B 25 -5.44 4.11 -6.70
C LEU B 25 -6.22 2.81 -6.93
N GLY B 26 -7.42 2.94 -7.48
CA GLY B 26 -8.26 1.76 -7.73
C GLY B 26 -8.60 1.04 -6.43
N LEU B 27 -8.86 1.79 -5.36
CA LEU B 27 -9.18 1.21 -4.04
C LEU B 27 -10.64 1.46 -3.68
N SER B 28 -11.12 0.78 -2.64
CA SER B 28 -12.49 0.94 -2.16
C SER B 28 -12.51 1.85 -0.94
N LEU B 29 -13.61 2.55 -0.75
CA LEU B 29 -13.75 3.47 0.39
C LEU B 29 -13.64 2.70 1.70
N THR B 30 -14.32 1.56 1.78
CA THR B 30 -14.30 0.76 2.99
C THR B 30 -12.89 0.29 3.31
N THR B 31 -12.17 -0.10 2.26
CA THR B 31 -10.80 -0.56 2.43
C THR B 31 -9.92 0.54 2.99
N TRP B 32 -10.08 1.74 2.45
CA TRP B 32 -9.27 2.88 2.89
C TRP B 32 -9.43 3.07 4.39
N LEU B 33 -10.66 2.98 4.88
CA LEU B 33 -10.89 3.17 6.31
C LEU B 33 -10.13 2.12 7.12
N LEU B 34 -10.27 0.86 6.72
CA LEU B 34 -9.59 -0.22 7.43
C LEU B 34 -8.07 -0.10 7.30
N TYR B 35 -7.62 0.18 6.08
CA TYR B 35 -6.19 0.31 5.82
C TYR B 35 -5.61 1.49 6.59
N SER B 36 -6.32 2.61 6.57
CA SER B 36 -5.88 3.81 7.27
C SER B 36 -5.73 3.54 8.76
N PHE B 37 -6.69 2.79 9.31
CA PHE B 37 -6.67 2.47 10.73
C PHE B 37 -5.39 1.72 11.10
N ILE B 38 -5.04 0.74 10.29
CA ILE B 38 -3.84 -0.06 10.56
C ILE B 38 -2.59 0.82 10.52
N ALA B 39 -2.50 1.68 9.52
CA ALA B 39 -1.35 2.57 9.38
C ALA B 39 -1.25 3.50 10.58
N LEU B 40 -2.38 4.10 10.94
CA LEU B 40 -2.42 5.02 12.07
C LEU B 40 -2.15 4.28 13.39
N LEU B 41 -2.68 3.08 13.51
CA LEU B 41 -2.50 2.30 14.73
C LEU B 41 -1.03 2.04 15.00
N TRP B 42 -0.30 1.65 13.97
CA TRP B 42 1.13 1.40 14.13
C TRP B 42 1.88 2.69 14.37
N THR B 43 1.44 3.77 13.73
CA THR B 43 2.11 5.05 13.86
C THR B 43 2.08 5.56 15.31
N ILE B 44 0.90 5.52 15.92
CA ILE B 44 0.75 5.97 17.30
C ILE B 44 1.47 5.01 18.25
N TYR B 45 1.32 3.72 17.98
CA TYR B 45 1.93 2.69 18.81
C TYR B 45 3.46 2.82 18.80
N GLY B 46 4.04 2.99 17.62
CA GLY B 46 5.50 3.10 17.52
C GLY B 46 6.03 4.30 18.32
N ILE B 47 5.45 5.48 18.10
CA ILE B 47 5.90 6.67 18.83
C ILE B 47 5.46 6.65 20.30
N TYR B 48 4.21 6.26 20.55
CA TYR B 48 3.68 6.21 21.90
C TYR B 48 4.39 5.16 22.75
N HIS B 49 4.70 4.03 22.13
CA HIS B 49 5.37 2.95 22.85
C HIS B 49 6.88 3.20 22.93
N LYS B 50 7.29 4.42 22.59
CA LYS B 50 8.72 4.77 22.65
C LYS B 50 9.53 3.71 21.92
N ASN B 51 9.16 3.45 20.68
CA ASN B 51 9.82 2.44 19.86
C ASN B 51 10.74 3.09 18.86
N PRO B 52 11.61 2.34 18.27
CA PRO B 52 12.57 2.90 17.30
C PRO B 52 11.88 3.91 16.39
N THR B 53 12.58 4.98 16.11
CA THR B 53 12.07 6.06 15.30
C THR B 53 11.34 5.54 14.06
N ILE B 54 11.53 4.25 13.76
CA ILE B 54 10.95 3.65 12.56
C ILE B 54 9.51 4.08 12.37
N TRP B 55 8.85 4.40 13.46
CA TRP B 55 7.46 4.82 13.37
C TRP B 55 7.33 5.99 12.40
N VAL B 56 8.37 6.83 12.33
CA VAL B 56 8.35 8.00 11.47
C VAL B 56 7.96 7.58 10.05
N GLY B 57 8.41 6.40 9.64
CA GLY B 57 8.10 5.92 8.31
C GLY B 57 6.59 5.71 8.17
N ASN B 58 5.96 5.24 9.23
CA ASN B 58 4.52 5.01 9.21
C ASN B 58 3.78 6.33 9.02
N CYS B 59 4.28 7.38 9.66
CA CYS B 59 3.65 8.69 9.55
C CYS B 59 3.61 9.13 8.08
N LEU B 60 4.75 9.06 7.41
CA LEU B 60 4.82 9.44 6.00
C LEU B 60 3.97 8.48 5.16
N GLY B 61 4.03 7.20 5.48
CA GLY B 61 3.26 6.20 4.75
C GLY B 61 1.78 6.50 4.83
N PHE B 62 1.33 6.91 6.03
CA PHE B 62 -0.07 7.23 6.22
C PHE B 62 -0.49 8.37 5.31
N LEU B 63 0.29 9.45 5.30
CA LEU B 63 -0.02 10.61 4.48
C LEU B 63 0.05 10.24 3.00
N MET B 64 1.05 9.47 2.63
CA MET B 64 1.21 9.07 1.23
C MET B 64 0.01 8.26 0.76
N TYR B 65 -0.38 7.27 1.55
CA TYR B 65 -1.51 6.43 1.20
C TYR B 65 -2.79 7.25 1.11
N VAL B 66 -2.99 8.13 2.09
CA VAL B 66 -4.16 8.99 2.13
C VAL B 66 -4.14 9.96 0.96
N ALA B 67 -2.97 10.50 0.64
CA ALA B 67 -2.86 11.46 -0.45
C ALA B 67 -3.40 10.86 -1.74
N MET B 68 -3.08 9.61 -2.00
CA MET B 68 -3.56 8.95 -3.20
C MET B 68 -5.08 8.77 -3.13
N VAL B 69 -5.57 8.40 -1.96
CA VAL B 69 -7.00 8.19 -1.74
C VAL B 69 -7.75 9.52 -1.91
N VAL B 70 -7.17 10.59 -1.37
CA VAL B 70 -7.78 11.91 -1.44
C VAL B 70 -7.94 12.34 -2.90
N GLY B 71 -6.92 12.08 -3.72
CA GLY B 71 -6.98 12.47 -5.12
C GLY B 71 -8.07 11.73 -5.89
N ILE B 72 -8.10 10.40 -5.78
CA ILE B 72 -9.10 9.60 -6.49
C ILE B 72 -10.52 9.80 -5.93
N ILE B 73 -10.64 9.81 -4.61
CA ILE B 73 -11.94 9.98 -3.98
C ILE B 73 -12.50 11.37 -4.27
N ALA B 74 -11.64 12.38 -4.19
CA ALA B 74 -12.05 13.75 -4.44
C ALA B 74 -12.46 13.95 -5.90
N HIS B 75 -11.79 13.24 -6.80
CA HIS B 75 -12.07 13.36 -8.23
C HIS B 75 -13.48 12.86 -8.56
N THR B 76 -13.85 11.71 -8.00
CA THR B 76 -15.17 11.13 -8.27
C THR B 76 -16.14 11.43 -7.12
N GLY B 77 -15.57 11.73 -5.96
CA GLY B 77 -16.36 12.05 -4.77
C GLY B 77 -16.97 10.79 -4.17
N GLY B 78 -16.72 9.66 -4.82
CA GLY B 78 -17.24 8.38 -4.34
C GLY B 78 -16.35 7.22 -4.77
N THR B 79 -16.38 6.12 -4.02
CA THR B 79 -15.57 4.95 -4.36
C THR B 79 -16.20 3.68 -3.79
N TYR B 80 -16.90 2.93 -4.65
CA TYR B 80 -17.56 1.70 -4.21
C TYR B 80 -17.40 0.62 -5.28
N MET A 1 -2.77 -8.20 14.09
CA MET A 1 -3.26 -6.89 13.55
C MET A 1 -3.27 -6.95 12.03
N GLY A 2 -2.19 -7.48 11.47
CA GLY A 2 -2.08 -7.59 10.02
C GLY A 2 -3.14 -8.53 9.46
N LEU A 3 -3.65 -9.40 10.32
CA LEU A 3 -4.69 -10.37 9.93
C LEU A 3 -5.86 -9.66 9.29
N ILE A 4 -6.02 -8.38 9.60
CA ILE A 4 -7.10 -7.58 9.05
C ILE A 4 -6.80 -7.10 7.60
N SER A 5 -5.51 -7.07 7.22
CA SER A 5 -5.13 -6.57 5.89
C SER A 5 -5.44 -7.58 4.74
N PRO A 6 -5.36 -8.88 4.94
CA PRO A 6 -5.74 -9.87 3.89
C PRO A 6 -7.23 -9.83 3.57
N LEU A 7 -8.03 -9.33 4.49
CA LEU A 7 -9.47 -9.21 4.27
C LEU A 7 -9.76 -8.20 3.17
N ALA A 8 -8.97 -7.13 3.14
CA ALA A 8 -9.16 -6.08 2.13
C ALA A 8 -8.80 -6.61 0.74
N THR A 9 -8.41 -7.88 0.67
CA THR A 9 -8.05 -8.48 -0.61
C THR A 9 -9.30 -8.68 -1.51
N MET A 10 -10.48 -8.72 -0.90
CA MET A 10 -11.71 -8.88 -1.65
C MET A 10 -11.94 -7.67 -2.55
N PRO A 11 -12.04 -6.45 -2.04
CA PRO A 11 -12.25 -5.36 -3.01
C PRO A 11 -10.97 -4.94 -3.73
N GLN A 12 -9.82 -5.21 -3.14
CA GLN A 12 -8.57 -4.83 -3.79
C GLN A 12 -8.45 -5.56 -5.12
N LEU A 13 -8.79 -6.85 -5.12
CA LEU A 13 -8.71 -7.63 -6.35
C LEU A 13 -9.88 -7.31 -7.29
N TYR A 14 -11.08 -7.26 -6.72
CA TYR A 14 -12.28 -6.98 -7.51
C TYR A 14 -12.28 -5.56 -8.05
N LYS A 15 -12.04 -4.59 -7.17
CA LYS A 15 -12.04 -3.19 -7.59
C LYS A 15 -10.93 -2.94 -8.59
N LEU A 16 -9.73 -3.45 -8.30
CA LEU A 16 -8.60 -3.25 -9.20
C LEU A 16 -8.88 -3.81 -10.58
N TYR A 17 -9.33 -5.06 -10.64
CA TYR A 17 -9.62 -5.68 -11.92
C TYR A 17 -10.77 -4.95 -12.61
N VAL A 18 -11.81 -4.64 -11.85
CA VAL A 18 -12.98 -3.94 -12.38
C VAL A 18 -12.65 -2.50 -12.74
N SER A 19 -11.76 -1.87 -11.98
CA SER A 19 -11.42 -0.48 -12.23
C SER A 19 -10.87 -0.29 -13.63
N HIS A 20 -9.99 -1.20 -14.05
CA HIS A 20 -9.41 -1.12 -15.40
C HIS A 20 -8.27 -2.11 -15.54
N SER A 21 -7.61 -2.08 -16.70
CA SER A 21 -6.49 -2.97 -16.96
C SER A 21 -5.17 -2.21 -16.91
N GLU A 22 -5.12 -1.06 -17.60
CA GLU A 22 -3.90 -0.25 -17.61
C GLU A 22 -3.81 0.62 -16.36
N HIS A 23 -4.96 0.93 -15.78
CA HIS A 23 -5.03 1.77 -14.58
C HIS A 23 -5.55 0.96 -13.39
N ALA A 24 -5.39 -0.35 -13.48
CA ALA A 24 -5.88 -1.22 -12.42
C ALA A 24 -5.23 -0.84 -11.07
N LEU A 25 -3.94 -0.53 -11.10
CA LEU A 25 -3.22 -0.14 -9.88
C LEU A 25 -3.02 1.38 -9.85
N GLY A 26 -2.96 1.98 -11.02
CA GLY A 26 -2.77 3.42 -11.13
C GLY A 26 -1.44 3.83 -10.48
N LEU A 27 -0.68 2.84 -10.02
CA LEU A 27 0.62 3.09 -9.37
C LEU A 27 1.73 2.39 -10.15
N SER A 28 2.92 2.97 -10.07
CA SER A 28 4.09 2.41 -10.75
C SER A 28 4.43 1.04 -10.16
N LEU A 29 4.97 0.18 -11.01
CA LEU A 29 5.36 -1.16 -10.59
C LEU A 29 6.40 -1.09 -9.48
N THR A 30 7.31 -0.13 -9.60
CA THR A 30 8.36 0.02 -8.60
C THR A 30 7.76 0.33 -7.25
N THR A 31 6.69 1.11 -7.23
CA THR A 31 6.04 1.47 -5.99
C THR A 31 5.50 0.23 -5.29
N TRP A 32 4.73 -0.56 -6.03
CA TRP A 32 4.15 -1.78 -5.45
C TRP A 32 5.26 -2.78 -5.12
N LEU A 33 6.21 -2.92 -6.05
CA LEU A 33 7.33 -3.83 -5.85
C LEU A 33 8.15 -3.41 -4.63
N LEU A 34 8.35 -2.11 -4.47
CA LEU A 34 9.14 -1.62 -3.35
C LEU A 34 8.52 -2.05 -2.04
N TYR A 35 7.19 -1.97 -1.97
CA TYR A 35 6.50 -2.38 -0.75
C TYR A 35 6.78 -3.85 -0.45
N SER A 36 6.84 -4.66 -1.49
CA SER A 36 7.11 -6.09 -1.30
C SER A 36 8.46 -6.30 -0.60
N PHE A 37 9.46 -5.55 -1.04
CA PHE A 37 10.80 -5.64 -0.43
C PHE A 37 10.77 -5.16 1.02
N ILE A 38 10.00 -4.11 1.28
CA ILE A 38 9.91 -3.56 2.63
C ILE A 38 9.39 -4.62 3.60
N ALA A 39 8.35 -5.33 3.20
CA ALA A 39 7.78 -6.36 4.05
C ALA A 39 8.81 -7.46 4.31
N LEU A 40 9.49 -7.90 3.25
CA LEU A 40 10.49 -8.95 3.38
C LEU A 40 11.64 -8.48 4.26
N LEU A 41 12.09 -7.25 4.05
CA LEU A 41 13.19 -6.71 4.84
C LEU A 41 12.82 -6.65 6.32
N TRP A 42 11.60 -6.18 6.59
CA TRP A 42 11.14 -6.06 7.96
C TRP A 42 11.07 -7.43 8.64
N THR A 43 10.86 -8.46 7.83
CA THR A 43 10.79 -9.82 8.35
C THR A 43 12.07 -10.17 9.10
N ILE A 44 13.21 -9.72 8.59
CA ILE A 44 14.49 -10.00 9.22
C ILE A 44 14.53 -9.40 10.63
N TYR A 45 14.06 -8.18 10.76
CA TYR A 45 14.05 -7.52 12.06
C TYR A 45 13.27 -8.35 13.08
N GLY A 46 12.10 -8.84 12.66
CA GLY A 46 11.26 -9.65 13.56
C GLY A 46 11.94 -10.97 13.90
N ILE A 47 12.61 -11.57 12.90
CA ILE A 47 13.29 -12.84 13.10
C ILE A 47 14.39 -12.70 14.16
N TYR A 48 14.94 -11.52 14.28
CA TYR A 48 16.00 -11.28 15.24
C TYR A 48 15.58 -11.78 16.63
N HIS A 49 14.32 -11.57 16.98
CA HIS A 49 13.81 -12.01 18.29
C HIS A 49 13.38 -13.48 18.24
N LYS A 50 13.75 -14.14 17.16
CA LYS A 50 13.41 -15.53 16.95
C LYS A 50 11.91 -15.76 17.11
N ASN A 51 11.15 -14.72 16.80
CA ASN A 51 9.70 -14.82 16.84
C ASN A 51 9.09 -13.61 16.13
N PRO A 52 9.08 -13.61 14.82
CA PRO A 52 8.50 -12.47 14.06
C PRO A 52 6.97 -12.48 14.01
N THR A 53 6.36 -11.40 14.46
CA THR A 53 4.90 -11.27 14.40
C THR A 53 4.45 -10.96 12.98
N ILE A 54 5.16 -10.04 12.33
CA ILE A 54 4.84 -9.60 10.97
C ILE A 54 4.94 -10.75 9.98
N TRP A 55 5.72 -11.75 10.32
CA TRP A 55 5.92 -12.88 9.42
C TRP A 55 4.56 -13.45 9.00
N VAL A 56 3.60 -13.43 9.91
CA VAL A 56 2.29 -13.97 9.60
C VAL A 56 1.68 -13.20 8.42
N GLY A 57 1.70 -11.87 8.52
CA GLY A 57 1.17 -11.02 7.45
C GLY A 57 2.12 -10.98 6.26
N ASN A 58 3.39 -11.27 6.51
CA ASN A 58 4.40 -11.23 5.45
C ASN A 58 4.10 -12.23 4.36
N CYS A 59 3.71 -13.44 4.76
CA CYS A 59 3.41 -14.47 3.76
C CYS A 59 2.26 -14.02 2.86
N LEU A 60 1.15 -13.62 3.47
CA LEU A 60 0.00 -13.15 2.72
C LEU A 60 0.30 -11.84 2.01
N GLY A 61 0.98 -10.93 2.72
CA GLY A 61 1.33 -9.65 2.15
C GLY A 61 2.22 -9.80 0.92
N PHE A 62 3.28 -10.59 1.06
CA PHE A 62 4.21 -10.79 -0.04
C PHE A 62 3.48 -11.32 -1.27
N LEU A 63 2.63 -12.33 -1.06
CA LEU A 63 1.88 -12.90 -2.16
C LEU A 63 0.91 -11.87 -2.75
N MET A 64 0.29 -11.09 -1.88
CA MET A 64 -0.65 -10.08 -2.33
C MET A 64 0.05 -9.06 -3.24
N TYR A 65 1.21 -8.58 -2.80
CA TYR A 65 1.94 -7.59 -3.60
C TYR A 65 2.31 -8.16 -4.96
N VAL A 66 2.80 -9.40 -4.97
CA VAL A 66 3.19 -10.04 -6.21
C VAL A 66 1.99 -10.22 -7.13
N ALA A 67 0.87 -10.65 -6.56
CA ALA A 67 -0.34 -10.86 -7.35
C ALA A 67 -0.81 -9.55 -7.98
N MET A 68 -0.64 -8.46 -7.25
CA MET A 68 -1.06 -7.15 -7.74
C MET A 68 -0.23 -6.76 -8.96
N VAL A 69 1.07 -7.04 -8.91
CA VAL A 69 1.96 -6.73 -10.02
C VAL A 69 1.58 -7.54 -11.24
N VAL A 70 1.25 -8.81 -11.04
CA VAL A 70 0.88 -9.69 -12.14
C VAL A 70 -0.39 -9.21 -12.82
N GLY A 71 -1.38 -8.80 -12.02
CA GLY A 71 -2.64 -8.35 -12.57
C GLY A 71 -2.47 -7.08 -13.41
N ILE A 72 -1.83 -6.06 -12.84
CA ILE A 72 -1.65 -4.80 -13.57
C ILE A 72 -0.75 -4.97 -14.79
N ILE A 73 0.40 -5.62 -14.60
CA ILE A 73 1.33 -5.80 -15.70
C ILE A 73 0.72 -6.67 -16.78
N ALA A 74 0.14 -7.78 -16.39
CA ALA A 74 -0.47 -8.70 -17.34
C ALA A 74 -1.72 -8.10 -17.98
N HIS A 75 -2.35 -7.17 -17.28
CA HIS A 75 -3.56 -6.55 -17.79
C HIS A 75 -3.28 -5.75 -19.05
N THR A 76 -2.19 -4.96 -19.04
CA THR A 76 -1.84 -4.14 -20.21
C THR A 76 -0.43 -4.46 -20.72
N GLY A 77 0.24 -5.38 -20.03
CA GLY A 77 1.60 -5.76 -20.42
C GLY A 77 2.56 -4.62 -20.17
N GLY A 78 2.03 -3.49 -19.75
CA GLY A 78 2.84 -2.31 -19.49
C GLY A 78 2.16 -1.37 -18.50
N THR A 79 2.94 -0.52 -17.85
CA THR A 79 2.41 0.46 -16.90
C THR A 79 3.27 1.72 -16.88
N TYR A 80 2.70 2.82 -17.38
CA TYR A 80 3.43 4.08 -17.41
C TYR A 80 2.51 5.22 -17.86
N MET B 1 14.40 2.74 7.79
CA MET B 1 14.00 1.85 6.65
C MET B 1 12.82 2.47 5.93
N GLY B 2 11.85 2.94 6.70
CA GLY B 2 10.66 3.57 6.13
C GLY B 2 11.03 4.83 5.36
N LEU B 3 12.18 5.41 5.71
CA LEU B 3 12.67 6.63 5.06
C LEU B 3 12.71 6.46 3.55
N ILE B 4 12.79 5.22 3.11
CA ILE B 4 12.82 4.91 1.68
C ILE B 4 11.41 4.96 1.04
N SER B 5 10.35 4.81 1.86
CA SER B 5 8.99 4.81 1.31
C SER B 5 8.46 6.20 0.89
N PRO B 6 8.84 7.29 1.53
CA PRO B 6 8.42 8.65 1.09
C PRO B 6 9.02 9.02 -0.26
N LEU B 7 10.13 8.37 -0.63
CA LEU B 7 10.77 8.65 -1.91
C LEU B 7 9.87 8.20 -3.06
N ALA B 8 9.17 7.08 -2.85
CA ALA B 8 8.27 6.55 -3.87
C ALA B 8 7.07 7.47 -4.08
N THR B 9 7.05 8.58 -3.34
CA THR B 9 5.95 9.53 -3.46
C THR B 9 5.99 10.29 -4.79
N MET B 10 7.18 10.33 -5.42
CA MET B 10 7.34 11.01 -6.69
C MET B 10 6.52 10.30 -7.77
N PRO B 11 6.73 9.01 -8.05
CA PRO B 11 5.87 8.42 -9.10
C PRO B 11 4.48 8.06 -8.60
N GLN B 12 4.33 7.85 -7.30
CA GLN B 12 3.02 7.51 -6.78
C GLN B 12 2.04 8.64 -7.05
N LEU B 13 2.49 9.88 -6.85
CA LEU B 13 1.63 11.04 -7.09
C LEU B 13 1.51 11.32 -8.59
N TYR B 14 2.65 11.31 -9.28
CA TYR B 14 2.67 11.58 -10.72
C TYR B 14 1.96 10.49 -11.52
N LYS B 15 2.32 9.24 -11.26
CA LYS B 15 1.73 8.14 -11.98
C LYS B 15 0.23 8.05 -11.68
N LEU B 16 -0.13 8.17 -10.41
CA LEU B 16 -1.54 8.11 -10.03
C LEU B 16 -2.36 9.19 -10.72
N TYR B 17 -1.90 10.42 -10.63
CA TYR B 17 -2.61 11.52 -11.25
C TYR B 17 -2.64 11.36 -12.77
N VAL B 18 -1.49 10.98 -13.34
CA VAL B 18 -1.36 10.79 -14.78
C VAL B 18 -2.13 9.55 -15.24
N SER B 19 -2.17 8.52 -14.40
CA SER B 19 -2.84 7.29 -14.77
C SER B 19 -4.31 7.54 -15.09
N HIS B 20 -4.97 8.34 -14.27
CA HIS B 20 -6.38 8.66 -14.49
C HIS B 20 -6.97 9.38 -13.29
N SER B 21 -8.27 9.66 -13.35
CA SER B 21 -8.95 10.35 -12.27
C SER B 21 -9.83 9.37 -11.48
N GLU B 22 -10.63 8.58 -12.19
CA GLU B 22 -11.51 7.61 -11.54
C GLU B 22 -10.75 6.33 -11.20
N HIS B 23 -9.68 6.06 -11.94
CA HIS B 23 -8.86 4.86 -11.71
C HIS B 23 -7.47 5.27 -11.25
N ALA B 24 -7.36 6.46 -10.67
CA ALA B 24 -6.07 6.94 -10.21
C ALA B 24 -5.46 5.97 -9.19
N LEU B 25 -6.30 5.44 -8.30
CA LEU B 25 -5.82 4.49 -7.29
C LEU B 25 -6.23 3.06 -7.68
N GLY B 26 -7.32 2.94 -8.42
CA GLY B 26 -7.79 1.63 -8.86
C GLY B 26 -8.13 0.76 -7.66
N LEU B 27 -8.01 1.34 -6.46
CA LEU B 27 -8.32 0.61 -5.21
C LEU B 27 -9.44 1.32 -4.45
N SER B 28 -10.18 0.53 -3.68
CA SER B 28 -11.28 1.07 -2.89
C SER B 28 -10.75 2.01 -1.82
N LEU B 29 -11.56 3.00 -1.49
CA LEU B 29 -11.18 3.98 -0.48
C LEU B 29 -10.93 3.30 0.86
N THR B 30 -11.75 2.31 1.17
CA THR B 30 -11.61 1.58 2.42
C THR B 30 -10.25 0.91 2.50
N THR B 31 -9.77 0.41 1.37
CA THR B 31 -8.48 -0.26 1.33
C THR B 31 -7.36 0.71 1.70
N TRP B 32 -7.34 1.87 1.03
CA TRP B 32 -6.32 2.86 1.30
C TRP B 32 -6.50 3.43 2.71
N LEU B 33 -7.75 3.71 3.07
CA LEU B 33 -8.06 4.24 4.39
C LEU B 33 -7.67 3.25 5.48
N LEU B 34 -7.92 1.98 5.23
CA LEU B 34 -7.59 0.95 6.21
C LEU B 34 -6.11 0.98 6.52
N TYR B 35 -5.29 1.13 5.49
CA TYR B 35 -3.85 1.19 5.68
C TYR B 35 -3.49 2.35 6.60
N SER B 36 -4.18 3.47 6.45
CA SER B 36 -3.92 4.64 7.28
C SER B 36 -4.09 4.29 8.75
N PHE B 37 -5.17 3.58 9.07
CA PHE B 37 -5.46 3.18 10.44
C PHE B 37 -4.39 2.21 10.95
N ILE B 38 -3.94 1.31 10.08
CA ILE B 38 -2.94 0.33 10.47
C ILE B 38 -1.66 1.02 10.92
N ALA B 39 -1.23 2.02 10.18
CA ALA B 39 -0.02 2.75 10.53
C ALA B 39 -0.20 3.44 11.88
N LEU B 40 -1.35 4.11 12.06
CA LEU B 40 -1.62 4.81 13.30
C LEU B 40 -1.68 3.84 14.46
N LEU B 41 -2.35 2.71 14.25
CA LEU B 41 -2.48 1.71 15.31
C LEU B 41 -1.11 1.17 15.71
N TRP B 42 -0.28 0.88 14.71
CA TRP B 42 1.05 0.35 14.97
C TRP B 42 1.89 1.35 15.76
N THR B 43 1.58 2.64 15.59
CA THR B 43 2.30 3.68 16.30
C THR B 43 2.21 3.47 17.80
N ILE B 44 1.05 3.02 18.28
CA ILE B 44 0.86 2.79 19.71
C ILE B 44 1.83 1.71 20.21
N TYR B 45 1.98 0.65 19.43
CA TYR B 45 2.88 -0.43 19.82
C TYR B 45 4.29 0.10 20.01
N GLY B 46 4.75 0.92 19.07
CA GLY B 46 6.09 1.48 19.14
C GLY B 46 6.23 2.43 20.34
N ILE B 47 5.19 3.21 20.60
CA ILE B 47 5.18 4.16 21.71
C ILE B 47 5.35 3.42 23.04
N TYR B 48 4.90 2.18 23.09
CA TYR B 48 4.99 1.40 24.31
C TYR B 48 6.43 1.42 24.84
N HIS B 49 7.41 1.35 23.94
CA HIS B 49 8.81 1.36 24.34
C HIS B 49 9.31 2.79 24.53
N LYS B 50 8.38 3.72 24.54
CA LYS B 50 8.69 5.14 24.69
C LYS B 50 9.74 5.57 23.67
N ASN B 51 9.73 4.90 22.52
CA ASN B 51 10.63 5.25 21.44
C ASN B 51 10.17 4.55 20.16
N PRO B 52 9.14 5.03 19.52
CA PRO B 52 8.66 4.40 18.26
C PRO B 52 9.51 4.73 17.04
N THR B 53 10.02 3.70 16.36
CA THR B 53 10.78 3.90 15.14
C THR B 53 9.88 4.24 13.96
N ILE B 54 8.77 3.50 13.87
CA ILE B 54 7.78 3.68 12.80
C ILE B 54 7.17 5.06 12.82
N TRP B 55 7.19 5.70 13.98
CA TRP B 55 6.59 7.02 14.11
C TRP B 55 7.17 7.95 13.05
N VAL B 56 8.44 7.79 12.73
CA VAL B 56 9.07 8.65 11.73
C VAL B 56 8.34 8.52 10.40
N GLY B 57 8.13 7.28 9.96
CA GLY B 57 7.44 7.00 8.71
C GLY B 57 5.93 7.23 8.87
N ASN B 58 5.45 7.14 10.10
CA ASN B 58 4.02 7.30 10.36
C ASN B 58 3.53 8.68 9.96
N CYS B 59 4.31 9.70 10.30
CA CYS B 59 3.91 11.07 9.96
C CYS B 59 3.77 11.22 8.44
N LEU B 60 4.82 10.85 7.72
CA LEU B 60 4.81 10.93 6.27
C LEU B 60 3.81 9.94 5.67
N GLY B 61 3.79 8.73 6.22
CA GLY B 61 2.89 7.70 5.72
C GLY B 61 1.44 8.13 5.89
N PHE B 62 1.07 8.58 7.09
CA PHE B 62 -0.29 9.00 7.36
C PHE B 62 -0.73 10.09 6.38
N LEU B 63 0.13 11.08 6.19
CA LEU B 63 -0.18 12.17 5.27
C LEU B 63 -0.29 11.65 3.85
N MET B 64 0.60 10.72 3.49
CA MET B 64 0.60 10.17 2.14
C MET B 64 -0.72 9.45 1.88
N TYR B 65 -1.15 8.62 2.81
CA TYR B 65 -2.40 7.88 2.64
C TYR B 65 -3.58 8.84 2.48
N VAL B 66 -3.63 9.86 3.32
CA VAL B 66 -4.71 10.83 3.26
C VAL B 66 -4.70 11.57 1.93
N ALA B 67 -3.51 11.97 1.49
CA ALA B 67 -3.38 12.69 0.23
C ALA B 67 -3.86 11.83 -0.93
N MET B 68 -3.61 10.54 -0.86
CA MET B 68 -4.01 9.61 -1.91
C MET B 68 -5.54 9.56 -2.01
N VAL B 69 -6.19 9.54 -0.85
CA VAL B 69 -7.65 9.49 -0.80
C VAL B 69 -8.24 10.76 -1.39
N VAL B 70 -7.63 11.90 -1.07
CA VAL B 70 -8.11 13.18 -1.59
C VAL B 70 -8.00 13.24 -3.10
N GLY B 71 -6.87 12.78 -3.64
CA GLY B 71 -6.67 12.82 -5.08
C GLY B 71 -7.67 11.95 -5.82
N ILE B 72 -7.80 10.69 -5.42
CA ILE B 72 -8.73 9.78 -6.10
C ILE B 72 -10.18 10.22 -5.93
N ILE B 73 -10.57 10.50 -4.69
CA ILE B 73 -11.95 10.90 -4.43
C ILE B 73 -12.27 12.21 -5.11
N ALA B 74 -11.40 13.19 -4.96
CA ALA B 74 -11.62 14.49 -5.57
C ALA B 74 -11.51 14.43 -7.08
N HIS B 75 -10.79 13.45 -7.59
CA HIS B 75 -10.59 13.32 -9.01
C HIS B 75 -11.92 13.00 -9.71
N THR B 76 -12.69 12.09 -9.14
CA THR B 76 -13.99 11.71 -9.73
C THR B 76 -15.15 11.91 -8.76
N GLY B 77 -14.82 12.35 -7.56
CA GLY B 77 -15.83 12.58 -6.53
C GLY B 77 -16.42 11.27 -6.06
N GLY B 78 -16.01 10.19 -6.72
CA GLY B 78 -16.50 8.86 -6.38
C GLY B 78 -15.52 7.77 -6.79
N THR B 79 -15.63 6.60 -6.16
CA THR B 79 -14.76 5.47 -6.49
C THR B 79 -15.50 4.15 -6.27
N TYR B 80 -15.78 3.44 -7.37
CA TYR B 80 -16.48 2.17 -7.30
C TYR B 80 -16.52 1.49 -8.66
#